data_2E6W
# 
_entry.id   2E6W 
# 
_audit_conform.dict_name       mmcif_pdbx.dic 
_audit_conform.dict_version    5.392 
_audit_conform.dict_location   http://mmcif.pdb.org/dictionaries/ascii/mmcif_pdbx.dic 
# 
loop_
_database_2.database_id 
_database_2.database_code 
_database_2.pdbx_database_accession 
_database_2.pdbx_DOI 
PDB   2E6W         pdb_00002e6w 10.2210/pdb2e6w/pdb 
RCSB  RCSB026300   ?            ?                   
WWPDB D_1000026300 ?            ?                   
# 
loop_
_pdbx_audit_revision_history.ordinal 
_pdbx_audit_revision_history.data_content_type 
_pdbx_audit_revision_history.major_revision 
_pdbx_audit_revision_history.minor_revision 
_pdbx_audit_revision_history.revision_date 
1 'Structure model' 1 0 2007-11-27 
2 'Structure model' 1 1 2011-07-13 
3 'Structure model' 1 2 2022-03-09 
4 'Structure model' 1 3 2024-05-29 
# 
_pdbx_audit_revision_details.ordinal             1 
_pdbx_audit_revision_details.revision_ordinal    1 
_pdbx_audit_revision_details.data_content_type   'Structure model' 
_pdbx_audit_revision_details.provider            repository 
_pdbx_audit_revision_details.type                'Initial release' 
_pdbx_audit_revision_details.description         ? 
_pdbx_audit_revision_details.details             ? 
# 
loop_
_pdbx_audit_revision_group.ordinal 
_pdbx_audit_revision_group.revision_ordinal 
_pdbx_audit_revision_group.data_content_type 
_pdbx_audit_revision_group.group 
1 2 'Structure model' 'Version format compliance' 
2 3 'Structure model' 'Database references'       
3 3 'Structure model' 'Derived calculations'      
4 4 'Structure model' 'Data collection'           
# 
loop_
_pdbx_audit_revision_category.ordinal 
_pdbx_audit_revision_category.revision_ordinal 
_pdbx_audit_revision_category.data_content_type 
_pdbx_audit_revision_category.category 
1 3 'Structure model' database_2            
2 3 'Structure model' pdbx_struct_assembly  
3 3 'Structure model' pdbx_struct_oper_list 
4 3 'Structure model' struct_ref_seq_dif    
5 3 'Structure model' struct_site           
6 4 'Structure model' chem_comp_atom        
7 4 'Structure model' chem_comp_bond        
# 
loop_
_pdbx_audit_revision_item.ordinal 
_pdbx_audit_revision_item.revision_ordinal 
_pdbx_audit_revision_item.data_content_type 
_pdbx_audit_revision_item.item 
1 3 'Structure model' '_database_2.pdbx_DOI'                
2 3 'Structure model' '_database_2.pdbx_database_accession' 
3 3 'Structure model' '_struct_ref_seq_dif.details'         
4 3 'Structure model' '_struct_site.pdbx_auth_asym_id'      
5 3 'Structure model' '_struct_site.pdbx_auth_comp_id'      
6 3 'Structure model' '_struct_site.pdbx_auth_seq_id'       
# 
_pdbx_database_status.status_code                     REL 
_pdbx_database_status.entry_id                        2E6W 
_pdbx_database_status.recvd_initial_deposition_date   2007-01-05 
_pdbx_database_status.deposit_site                    PDBJ 
_pdbx_database_status.process_site                    PDBJ 
_pdbx_database_status.status_code_sf                  ? 
_pdbx_database_status.status_code_mr                  ? 
_pdbx_database_status.SG_entry                        ? 
_pdbx_database_status.pdb_format_compatible           Y 
_pdbx_database_status.status_code_cs                  ? 
_pdbx_database_status.status_code_nmr_data            ? 
_pdbx_database_status.methods_development_category    ? 
# 
loop_
_audit_author.name 
_audit_author.pdbx_ordinal 
'Yu, L.'           1 
'Sun, C.'          2 
'Mendoza, R.'      3 
'Hebert, E.'       4 
'Pereda-Lopez, A.' 5 
'Hajduk, P.J.'     6 
'Olejniczak, E.T.' 7 
# 
_citation.id                        primary 
_citation.title                     'Solution structure and calcium-binding properties of EF-hands 3 and 4 of calsenilin.' 
_citation.journal_abbrev            'Protein Sci.' 
_citation.journal_volume            16 
_citation.page_first                2502 
_citation.page_last                 2509 
_citation.year                      2007 
_citation.journal_id_ASTM           PRCIEI 
_citation.country                   US 
_citation.journal_id_ISSN           0961-8368 
_citation.journal_id_CSD            0795 
_citation.book_publisher            ? 
_citation.pdbx_database_id_PubMed   17962406 
_citation.pdbx_database_id_DOI      10.1110/ps.072928007 
# 
loop_
_citation_author.citation_id 
_citation_author.name 
_citation_author.ordinal 
_citation_author.identifier_ORCID 
primary 'Yu, L.'           1 ? 
primary 'Sun, C.'          2 ? 
primary 'Mendoza, R.'      3 ? 
primary 'Wang, J.'         4 ? 
primary 'Matayoshi, E.D.'  5 ? 
primary 'Hebert, E.'       6 ? 
primary 'Pereda-Lopez, A.' 7 ? 
primary 'Hajduk, P.J.'     8 ? 
primary 'Olejniczak, E.T.' 9 ? 
# 
loop_
_entity.id 
_entity.type 
_entity.src_method 
_entity.pdbx_description 
_entity.formula_weight 
_entity.pdbx_number_of_molecules 
_entity.pdbx_ec 
_entity.pdbx_mutation 
_entity.pdbx_fragment 
_entity.details 
1 polymer     man Calsenilin    11808.465 1 ? ? 'EF-hands 3 and 4' ? 
2 non-polymer syn 'CALCIUM ION' 40.078    2 ? ? ?                  ? 
# 
_entity_name_com.entity_id   1 
_entity_name_com.name        
'DRE-antagonist modulator, DREAM, Kv channel-interacting protein 3, KChIP3, A-type potassium channel modulatory protein 3' 
# 
_entity_poly.entity_id                      1 
_entity_poly.type                           'polypeptide(L)' 
_entity_poly.nstd_linkage                   no 
_entity_poly.nstd_monomer                   no 
_entity_poly.pdbx_seq_one_letter_code       
;GSHMGTVHEKLKWAFNLYDINKDGYITKEEMLAIMKSIYDMMGRHTYPILREDAPAEHVERFFEKMDRNQDGVVTIEEFL
EACQKDENIMSSMQLFENVI
;
_entity_poly.pdbx_seq_one_letter_code_can   
;GSHMGTVHEKLKWAFNLYDINKDGYITKEEMLAIMKSIYDMMGRHTYPILREDAPAEHVERFFEKMDRNQDGVVTIEEFL
EACQKDENIMSSMQLFENVI
;
_entity_poly.pdbx_strand_id                 A 
_entity_poly.pdbx_target_identifier         ? 
# 
_pdbx_entity_nonpoly.entity_id   2 
_pdbx_entity_nonpoly.name        'CALCIUM ION' 
_pdbx_entity_nonpoly.comp_id     CA 
# 
loop_
_entity_poly_seq.entity_id 
_entity_poly_seq.num 
_entity_poly_seq.mon_id 
_entity_poly_seq.hetero 
1 1   GLY n 
1 2   SER n 
1 3   HIS n 
1 4   MET n 
1 5   GLY n 
1 6   THR n 
1 7   VAL n 
1 8   HIS n 
1 9   GLU n 
1 10  LYS n 
1 11  LEU n 
1 12  LYS n 
1 13  TRP n 
1 14  ALA n 
1 15  PHE n 
1 16  ASN n 
1 17  LEU n 
1 18  TYR n 
1 19  ASP n 
1 20  ILE n 
1 21  ASN n 
1 22  LYS n 
1 23  ASP n 
1 24  GLY n 
1 25  TYR n 
1 26  ILE n 
1 27  THR n 
1 28  LYS n 
1 29  GLU n 
1 30  GLU n 
1 31  MET n 
1 32  LEU n 
1 33  ALA n 
1 34  ILE n 
1 35  MET n 
1 36  LYS n 
1 37  SER n 
1 38  ILE n 
1 39  TYR n 
1 40  ASP n 
1 41  MET n 
1 42  MET n 
1 43  GLY n 
1 44  ARG n 
1 45  HIS n 
1 46  THR n 
1 47  TYR n 
1 48  PRO n 
1 49  ILE n 
1 50  LEU n 
1 51  ARG n 
1 52  GLU n 
1 53  ASP n 
1 54  ALA n 
1 55  PRO n 
1 56  ALA n 
1 57  GLU n 
1 58  HIS n 
1 59  VAL n 
1 60  GLU n 
1 61  ARG n 
1 62  PHE n 
1 63  PHE n 
1 64  GLU n 
1 65  LYS n 
1 66  MET n 
1 67  ASP n 
1 68  ARG n 
1 69  ASN n 
1 70  GLN n 
1 71  ASP n 
1 72  GLY n 
1 73  VAL n 
1 74  VAL n 
1 75  THR n 
1 76  ILE n 
1 77  GLU n 
1 78  GLU n 
1 79  PHE n 
1 80  LEU n 
1 81  GLU n 
1 82  ALA n 
1 83  CYS n 
1 84  GLN n 
1 85  LYS n 
1 86  ASP n 
1 87  GLU n 
1 88  ASN n 
1 89  ILE n 
1 90  MET n 
1 91  SER n 
1 92  SER n 
1 93  MET n 
1 94  GLN n 
1 95  LEU n 
1 96  PHE n 
1 97  GLU n 
1 98  ASN n 
1 99  VAL n 
1 100 ILE n 
# 
_entity_src_gen.entity_id                          1 
_entity_src_gen.pdbx_src_id                        1 
_entity_src_gen.pdbx_alt_source_flag               sample 
_entity_src_gen.pdbx_seq_type                      ? 
_entity_src_gen.pdbx_beg_seq_num                   ? 
_entity_src_gen.pdbx_end_seq_num                   ? 
_entity_src_gen.gene_src_common_name               human 
_entity_src_gen.gene_src_genus                     Homo 
_entity_src_gen.pdbx_gene_src_gene                 'DREAM, KCHIP3' 
_entity_src_gen.gene_src_species                   ? 
_entity_src_gen.gene_src_strain                    ? 
_entity_src_gen.gene_src_tissue                    ? 
_entity_src_gen.gene_src_tissue_fraction           ? 
_entity_src_gen.gene_src_details                   ? 
_entity_src_gen.pdbx_gene_src_fragment             ? 
_entity_src_gen.pdbx_gene_src_scientific_name      'Homo sapiens' 
_entity_src_gen.pdbx_gene_src_ncbi_taxonomy_id     9606 
_entity_src_gen.pdbx_gene_src_variant              ? 
_entity_src_gen.pdbx_gene_src_cell_line            ? 
_entity_src_gen.pdbx_gene_src_atcc                 ? 
_entity_src_gen.pdbx_gene_src_organ                ? 
_entity_src_gen.pdbx_gene_src_organelle            ? 
_entity_src_gen.pdbx_gene_src_cell                 ? 
_entity_src_gen.pdbx_gene_src_cellular_location    ? 
_entity_src_gen.host_org_common_name               ? 
_entity_src_gen.pdbx_host_org_scientific_name      'Escherichia coli BL21(DE3)' 
_entity_src_gen.pdbx_host_org_ncbi_taxonomy_id     469008 
_entity_src_gen.host_org_genus                     Escherichia 
_entity_src_gen.pdbx_host_org_gene                 ? 
_entity_src_gen.pdbx_host_org_organ                ? 
_entity_src_gen.host_org_species                   'Escherichia coli' 
_entity_src_gen.pdbx_host_org_tissue               ? 
_entity_src_gen.pdbx_host_org_tissue_fraction      ? 
_entity_src_gen.pdbx_host_org_strain               'BL21(DE3)' 
_entity_src_gen.pdbx_host_org_variant              ? 
_entity_src_gen.pdbx_host_org_cell_line            ? 
_entity_src_gen.pdbx_host_org_atcc                 ? 
_entity_src_gen.pdbx_host_org_culture_collection   ? 
_entity_src_gen.pdbx_host_org_cell                 ? 
_entity_src_gen.pdbx_host_org_organelle            ? 
_entity_src_gen.pdbx_host_org_cellular_location    ? 
_entity_src_gen.pdbx_host_org_vector_type          plasmid 
_entity_src_gen.pdbx_host_org_vector               ? 
_entity_src_gen.host_org_details                   ? 
_entity_src_gen.expression_system_id               ? 
_entity_src_gen.plasmid_name                       pET28a 
_entity_src_gen.plasmid_details                    ? 
_entity_src_gen.pdbx_description                   ? 
# 
loop_
_chem_comp.id 
_chem_comp.type 
_chem_comp.mon_nstd_flag 
_chem_comp.name 
_chem_comp.pdbx_synonyms 
_chem_comp.formula 
_chem_comp.formula_weight 
ALA 'L-peptide linking' y ALANINE         ? 'C3 H7 N O2'     89.093  
ARG 'L-peptide linking' y ARGININE        ? 'C6 H15 N4 O2 1' 175.209 
ASN 'L-peptide linking' y ASPARAGINE      ? 'C4 H8 N2 O3'    132.118 
ASP 'L-peptide linking' y 'ASPARTIC ACID' ? 'C4 H7 N O4'     133.103 
CA  non-polymer         . 'CALCIUM ION'   ? 'Ca 2'           40.078  
CYS 'L-peptide linking' y CYSTEINE        ? 'C3 H7 N O2 S'   121.158 
GLN 'L-peptide linking' y GLUTAMINE       ? 'C5 H10 N2 O3'   146.144 
GLU 'L-peptide linking' y 'GLUTAMIC ACID' ? 'C5 H9 N O4'     147.129 
GLY 'peptide linking'   y GLYCINE         ? 'C2 H5 N O2'     75.067  
HIS 'L-peptide linking' y HISTIDINE       ? 'C6 H10 N3 O2 1' 156.162 
ILE 'L-peptide linking' y ISOLEUCINE      ? 'C6 H13 N O2'    131.173 
LEU 'L-peptide linking' y LEUCINE         ? 'C6 H13 N O2'    131.173 
LYS 'L-peptide linking' y LYSINE          ? 'C6 H15 N2 O2 1' 147.195 
MET 'L-peptide linking' y METHIONINE      ? 'C5 H11 N O2 S'  149.211 
PHE 'L-peptide linking' y PHENYLALANINE   ? 'C9 H11 N O2'    165.189 
PRO 'L-peptide linking' y PROLINE         ? 'C5 H9 N O2'     115.130 
SER 'L-peptide linking' y SERINE          ? 'C3 H7 N O3'     105.093 
THR 'L-peptide linking' y THREONINE       ? 'C4 H9 N O3'     119.119 
TRP 'L-peptide linking' y TRYPTOPHAN      ? 'C11 H12 N2 O2'  204.225 
TYR 'L-peptide linking' y TYROSINE        ? 'C9 H11 N O3'    181.189 
VAL 'L-peptide linking' y VALINE          ? 'C5 H11 N O2'    117.146 
# 
loop_
_pdbx_poly_seq_scheme.asym_id 
_pdbx_poly_seq_scheme.entity_id 
_pdbx_poly_seq_scheme.seq_id 
_pdbx_poly_seq_scheme.mon_id 
_pdbx_poly_seq_scheme.ndb_seq_num 
_pdbx_poly_seq_scheme.pdb_seq_num 
_pdbx_poly_seq_scheme.auth_seq_num 
_pdbx_poly_seq_scheme.pdb_mon_id 
_pdbx_poly_seq_scheme.auth_mon_id 
_pdbx_poly_seq_scheme.pdb_strand_id 
_pdbx_poly_seq_scheme.pdb_ins_code 
_pdbx_poly_seq_scheme.hetero 
A 1 1   GLY 1   157 ?   ?   ?   A . n 
A 1 2   SER 2   158 ?   ?   ?   A . n 
A 1 3   HIS 3   159 ?   ?   ?   A . n 
A 1 4   MET 4   160 ?   ?   ?   A . n 
A 1 5   GLY 5   161 161 GLY GLY A . n 
A 1 6   THR 6   162 162 THR THR A . n 
A 1 7   VAL 7   163 163 VAL VAL A . n 
A 1 8   HIS 8   164 164 HIS HIS A . n 
A 1 9   GLU 9   165 165 GLU GLU A . n 
A 1 10  LYS 10  166 166 LYS LYS A . n 
A 1 11  LEU 11  167 167 LEU LEU A . n 
A 1 12  LYS 12  168 168 LYS LYS A . n 
A 1 13  TRP 13  169 169 TRP TRP A . n 
A 1 14  ALA 14  170 170 ALA ALA A . n 
A 1 15  PHE 15  171 171 PHE PHE A . n 
A 1 16  ASN 16  172 172 ASN ASN A . n 
A 1 17  LEU 17  173 173 LEU LEU A . n 
A 1 18  TYR 18  174 174 TYR TYR A . n 
A 1 19  ASP 19  175 175 ASP ASP A . n 
A 1 20  ILE 20  176 176 ILE ILE A . n 
A 1 21  ASN 21  177 177 ASN ASN A . n 
A 1 22  LYS 22  178 178 LYS LYS A . n 
A 1 23  ASP 23  179 179 ASP ASP A . n 
A 1 24  GLY 24  180 180 GLY GLY A . n 
A 1 25  TYR 25  181 181 TYR TYR A . n 
A 1 26  ILE 26  182 182 ILE ILE A . n 
A 1 27  THR 27  183 183 THR THR A . n 
A 1 28  LYS 28  184 184 LYS LYS A . n 
A 1 29  GLU 29  185 185 GLU GLU A . n 
A 1 30  GLU 30  186 186 GLU GLU A . n 
A 1 31  MET 31  187 187 MET MET A . n 
A 1 32  LEU 32  188 188 LEU LEU A . n 
A 1 33  ALA 33  189 189 ALA ALA A . n 
A 1 34  ILE 34  190 190 ILE ILE A . n 
A 1 35  MET 35  191 191 MET MET A . n 
A 1 36  LYS 36  192 192 LYS LYS A . n 
A 1 37  SER 37  193 193 SER SER A . n 
A 1 38  ILE 38  194 194 ILE ILE A . n 
A 1 39  TYR 39  195 195 TYR TYR A . n 
A 1 40  ASP 40  196 196 ASP ASP A . n 
A 1 41  MET 41  197 197 MET MET A . n 
A 1 42  MET 42  198 198 MET MET A . n 
A 1 43  GLY 43  199 199 GLY GLY A . n 
A 1 44  ARG 44  200 200 ARG ARG A . n 
A 1 45  HIS 45  201 201 HIS HIS A . n 
A 1 46  THR 46  202 202 THR THR A . n 
A 1 47  TYR 47  203 203 TYR TYR A . n 
A 1 48  PRO 48  204 204 PRO PRO A . n 
A 1 49  ILE 49  205 205 ILE ILE A . n 
A 1 50  LEU 50  206 206 LEU LEU A . n 
A 1 51  ARG 51  207 207 ARG ARG A . n 
A 1 52  GLU 52  208 208 GLU GLU A . n 
A 1 53  ASP 53  209 209 ASP ASP A . n 
A 1 54  ALA 54  210 210 ALA ALA A . n 
A 1 55  PRO 55  211 211 PRO PRO A . n 
A 1 56  ALA 56  212 212 ALA ALA A . n 
A 1 57  GLU 57  213 213 GLU GLU A . n 
A 1 58  HIS 58  214 214 HIS HIS A . n 
A 1 59  VAL 59  215 215 VAL VAL A . n 
A 1 60  GLU 60  216 216 GLU GLU A . n 
A 1 61  ARG 61  217 217 ARG ARG A . n 
A 1 62  PHE 62  218 218 PHE PHE A . n 
A 1 63  PHE 63  219 219 PHE PHE A . n 
A 1 64  GLU 64  220 220 GLU GLU A . n 
A 1 65  LYS 65  221 221 LYS LYS A . n 
A 1 66  MET 66  222 222 MET MET A . n 
A 1 67  ASP 67  223 223 ASP ASP A . n 
A 1 68  ARG 68  224 224 ARG ARG A . n 
A 1 69  ASN 69  225 225 ASN ASN A . n 
A 1 70  GLN 70  226 226 GLN GLN A . n 
A 1 71  ASP 71  227 227 ASP ASP A . n 
A 1 72  GLY 72  228 228 GLY GLY A . n 
A 1 73  VAL 73  229 229 VAL VAL A . n 
A 1 74  VAL 74  230 230 VAL VAL A . n 
A 1 75  THR 75  231 231 THR THR A . n 
A 1 76  ILE 76  232 232 ILE ILE A . n 
A 1 77  GLU 77  233 233 GLU GLU A . n 
A 1 78  GLU 78  234 234 GLU GLU A . n 
A 1 79  PHE 79  235 235 PHE PHE A . n 
A 1 80  LEU 80  236 236 LEU LEU A . n 
A 1 81  GLU 81  237 237 GLU GLU A . n 
A 1 82  ALA 82  238 238 ALA ALA A . n 
A 1 83  CYS 83  239 239 CYS CYS A . n 
A 1 84  GLN 84  240 240 GLN GLN A . n 
A 1 85  LYS 85  241 241 LYS LYS A . n 
A 1 86  ASP 86  242 242 ASP ASP A . n 
A 1 87  GLU 87  243 243 GLU GLU A . n 
A 1 88  ASN 88  244 244 ASN ASN A . n 
A 1 89  ILE 89  245 245 ILE ILE A . n 
A 1 90  MET 90  246 246 MET MET A . n 
A 1 91  SER 91  247 247 SER SER A . n 
A 1 92  SER 92  248 248 SER SER A . n 
A 1 93  MET 93  249 249 MET MET A . n 
A 1 94  GLN 94  250 250 GLN GLN A . n 
A 1 95  LEU 95  251 251 LEU LEU A . n 
A 1 96  PHE 96  252 252 PHE PHE A . n 
A 1 97  GLU 97  253 253 GLU GLU A . n 
A 1 98  ASN 98  254 254 ASN ASN A . n 
A 1 99  VAL 99  255 255 VAL VAL A . n 
A 1 100 ILE 100 256 256 ILE ILE A . n 
# 
loop_
_pdbx_nonpoly_scheme.asym_id 
_pdbx_nonpoly_scheme.entity_id 
_pdbx_nonpoly_scheme.mon_id 
_pdbx_nonpoly_scheme.ndb_seq_num 
_pdbx_nonpoly_scheme.pdb_seq_num 
_pdbx_nonpoly_scheme.auth_seq_num 
_pdbx_nonpoly_scheme.pdb_mon_id 
_pdbx_nonpoly_scheme.auth_mon_id 
_pdbx_nonpoly_scheme.pdb_strand_id 
_pdbx_nonpoly_scheme.pdb_ins_code 
B 2 CA 1 300 300 CA CA A . 
C 2 CA 1 301 301 CA CA A . 
# 
_exptl.entry_id          2E6W 
_exptl.method            'SOLUTION NMR' 
_exptl.crystals_number   ? 
# 
_struct.entry_id                  2E6W 
_struct.title                     'Solution structure and calcium binding properties of EF-hands 3 and 4 of calsenilin' 
_struct.pdbx_model_details        ? 
_struct.pdbx_CASP_flag            ? 
_struct.pdbx_model_type_details   'minimized average' 
# 
_struct_keywords.entry_id        2E6W 
_struct_keywords.pdbx_keywords   'METAL BINDING PROTEIN' 
_struct_keywords.text            'Calcium-bound form, METAL BINDING PROTEIN' 
# 
loop_
_struct_asym.id 
_struct_asym.pdbx_blank_PDB_chainid_flag 
_struct_asym.pdbx_modified 
_struct_asym.entity_id 
_struct_asym.details 
A N N 1 ? 
B N N 2 ? 
C N N 2 ? 
# 
_struct_ref.id                         1 
_struct_ref.db_name                    UNP 
_struct_ref.db_code                    CSEN_HUMAN 
_struct_ref.pdbx_db_accession          Q9Y2W7 
_struct_ref.entity_id                  1 
_struct_ref.pdbx_seq_one_letter_code   
;GTVHEKLKWAFNLYDINKDGYITKEEMLAIMKSIYDMMGRHTYPILREDAPAEHVERFFEKMDRNQDGVVTIEEFLEACQ
KDENIMSSMQLFENVI
;
_struct_ref.pdbx_align_begin           161 
_struct_ref.pdbx_db_isoform            ? 
# 
_struct_ref_seq.align_id                      1 
_struct_ref_seq.ref_id                        1 
_struct_ref_seq.pdbx_PDB_id_code              2E6W 
_struct_ref_seq.pdbx_strand_id                A 
_struct_ref_seq.seq_align_beg                 5 
_struct_ref_seq.pdbx_seq_align_beg_ins_code   ? 
_struct_ref_seq.seq_align_end                 100 
_struct_ref_seq.pdbx_seq_align_end_ins_code   ? 
_struct_ref_seq.pdbx_db_accession             Q9Y2W7 
_struct_ref_seq.db_align_beg                  161 
_struct_ref_seq.pdbx_db_align_beg_ins_code    ? 
_struct_ref_seq.db_align_end                  256 
_struct_ref_seq.pdbx_db_align_end_ins_code    ? 
_struct_ref_seq.pdbx_auth_seq_align_beg       161 
_struct_ref_seq.pdbx_auth_seq_align_end       256 
# 
loop_
_struct_ref_seq_dif.align_id 
_struct_ref_seq_dif.pdbx_pdb_id_code 
_struct_ref_seq_dif.mon_id 
_struct_ref_seq_dif.pdbx_pdb_strand_id 
_struct_ref_seq_dif.seq_num 
_struct_ref_seq_dif.pdbx_pdb_ins_code 
_struct_ref_seq_dif.pdbx_seq_db_name 
_struct_ref_seq_dif.pdbx_seq_db_accession_code 
_struct_ref_seq_dif.db_mon_id 
_struct_ref_seq_dif.pdbx_seq_db_seq_num 
_struct_ref_seq_dif.details 
_struct_ref_seq_dif.pdbx_auth_seq_num 
_struct_ref_seq_dif.pdbx_ordinal 
1 2E6W GLY A 1 ? UNP Q9Y2W7 ? ? 'expression tag' 157 1 
1 2E6W SER A 2 ? UNP Q9Y2W7 ? ? 'expression tag' 158 2 
1 2E6W HIS A 3 ? UNP Q9Y2W7 ? ? 'expression tag' 159 3 
1 2E6W MET A 4 ? UNP Q9Y2W7 ? ? 'expression tag' 160 4 
# 
_pdbx_struct_assembly.id                   1 
_pdbx_struct_assembly.details              author_defined_assembly 
_pdbx_struct_assembly.method_details       ? 
_pdbx_struct_assembly.oligomeric_details   monomeric 
_pdbx_struct_assembly.oligomeric_count     1 
# 
_pdbx_struct_assembly_gen.assembly_id       1 
_pdbx_struct_assembly_gen.oper_expression   1 
_pdbx_struct_assembly_gen.asym_id_list      A,B,C 
# 
_pdbx_struct_oper_list.id                   1 
_pdbx_struct_oper_list.type                 'identity operation' 
_pdbx_struct_oper_list.name                 1_555 
_pdbx_struct_oper_list.symmetry_operation   x,y,z 
_pdbx_struct_oper_list.matrix[1][1]         1.0000000000 
_pdbx_struct_oper_list.matrix[1][2]         0.0000000000 
_pdbx_struct_oper_list.matrix[1][3]         0.0000000000 
_pdbx_struct_oper_list.vector[1]            0.0000000000 
_pdbx_struct_oper_list.matrix[2][1]         0.0000000000 
_pdbx_struct_oper_list.matrix[2][2]         1.0000000000 
_pdbx_struct_oper_list.matrix[2][3]         0.0000000000 
_pdbx_struct_oper_list.vector[2]            0.0000000000 
_pdbx_struct_oper_list.matrix[3][1]         0.0000000000 
_pdbx_struct_oper_list.matrix[3][2]         0.0000000000 
_pdbx_struct_oper_list.matrix[3][3]         1.0000000000 
_pdbx_struct_oper_list.vector[3]            0.0000000000 
# 
_struct_biol.id        1 
_struct_biol.details   ? 
# 
loop_
_struct_conf.conf_type_id 
_struct_conf.id 
_struct_conf.pdbx_PDB_helix_id 
_struct_conf.beg_label_comp_id 
_struct_conf.beg_label_asym_id 
_struct_conf.beg_label_seq_id 
_struct_conf.pdbx_beg_PDB_ins_code 
_struct_conf.end_label_comp_id 
_struct_conf.end_label_asym_id 
_struct_conf.end_label_seq_id 
_struct_conf.pdbx_end_PDB_ins_code 
_struct_conf.beg_auth_comp_id 
_struct_conf.beg_auth_asym_id 
_struct_conf.beg_auth_seq_id 
_struct_conf.end_auth_comp_id 
_struct_conf.end_auth_asym_id 
_struct_conf.end_auth_seq_id 
_struct_conf.pdbx_PDB_helix_class 
_struct_conf.details 
_struct_conf.pdbx_PDB_helix_length 
HELX_P HELX_P1 1 VAL A 7  ? ASP A 19 ? VAL A 163 ASP A 175 1 ? 13 
HELX_P HELX_P2 2 LYS A 28 ? ILE A 38 ? LYS A 184 ILE A 194 1 ? 11 
HELX_P HELX_P3 3 GLU A 57 ? ASP A 67 ? GLU A 213 ASP A 223 1 ? 11 
HELX_P HELX_P4 4 ILE A 76 ? GLN A 84 ? ILE A 232 GLN A 240 1 ? 9  
HELX_P HELX_P5 5 GLU A 87 ? ASN A 98 ? GLU A 243 ASN A 254 1 ? 12 
# 
_struct_conf_type.id          HELX_P 
_struct_conf_type.criteria    ? 
_struct_conf_type.reference   ? 
# 
loop_
_struct_conn.id 
_struct_conn.conn_type_id 
_struct_conn.pdbx_leaving_atom_flag 
_struct_conn.pdbx_PDB_id 
_struct_conn.ptnr1_label_asym_id 
_struct_conn.ptnr1_label_comp_id 
_struct_conn.ptnr1_label_seq_id 
_struct_conn.ptnr1_label_atom_id 
_struct_conn.pdbx_ptnr1_label_alt_id 
_struct_conn.pdbx_ptnr1_PDB_ins_code 
_struct_conn.pdbx_ptnr1_standard_comp_id 
_struct_conn.ptnr1_symmetry 
_struct_conn.ptnr2_label_asym_id 
_struct_conn.ptnr2_label_comp_id 
_struct_conn.ptnr2_label_seq_id 
_struct_conn.ptnr2_label_atom_id 
_struct_conn.pdbx_ptnr2_label_alt_id 
_struct_conn.pdbx_ptnr2_PDB_ins_code 
_struct_conn.ptnr1_auth_asym_id 
_struct_conn.ptnr1_auth_comp_id 
_struct_conn.ptnr1_auth_seq_id 
_struct_conn.ptnr2_auth_asym_id 
_struct_conn.ptnr2_auth_comp_id 
_struct_conn.ptnr2_auth_seq_id 
_struct_conn.ptnr2_symmetry 
_struct_conn.pdbx_ptnr3_label_atom_id 
_struct_conn.pdbx_ptnr3_label_seq_id 
_struct_conn.pdbx_ptnr3_label_comp_id 
_struct_conn.pdbx_ptnr3_label_asym_id 
_struct_conn.pdbx_ptnr3_label_alt_id 
_struct_conn.pdbx_ptnr3_PDB_ins_code 
_struct_conn.details 
_struct_conn.pdbx_dist_value 
_struct_conn.pdbx_value_order 
_struct_conn.pdbx_role 
metalc1  metalc ? ? A ASP 19 OD1 ? ? ? 1_555 B CA . CA ? ? A ASP 175 A CA 300 1_555 ? ? ? ? ? ? ? 2.380 ? ? 
metalc2  metalc ? ? A ASN 21 OD1 ? ? ? 1_555 B CA . CA ? ? A ASN 177 A CA 300 1_555 ? ? ? ? ? ? ? 2.237 ? ? 
metalc3  metalc ? ? A ASN 21 ND2 ? ? ? 1_555 B CA . CA ? ? A ASN 177 A CA 300 1_555 ? ? ? ? ? ? ? 2.366 ? ? 
metalc4  metalc ? ? A ASP 23 OD1 ? ? ? 1_555 B CA . CA ? ? A ASP 179 A CA 300 1_555 ? ? ? ? ? ? ? 2.408 ? ? 
metalc5  metalc ? ? A TYR 25 O   ? ? ? 1_555 B CA . CA ? ? A TYR 181 A CA 300 1_555 ? ? ? ? ? ? ? 2.228 ? ? 
metalc6  metalc ? ? A GLU 30 OE1 ? ? ? 1_555 B CA . CA ? ? A GLU 186 A CA 300 1_555 ? ? ? ? ? ? ? 2.302 ? ? 
metalc7  metalc ? ? A GLU 30 OE2 ? ? ? 1_555 B CA . CA ? ? A GLU 186 A CA 300 1_555 ? ? ? ? ? ? ? 2.458 ? ? 
metalc8  metalc ? ? A ASP 67 OD1 ? ? ? 1_555 C CA . CA ? ? A ASP 223 A CA 301 1_555 ? ? ? ? ? ? ? 2.247 ? ? 
metalc9  metalc ? ? A ASN 69 OD1 ? ? ? 1_555 C CA . CA ? ? A ASN 225 A CA 301 1_555 ? ? ? ? ? ? ? 2.368 ? ? 
metalc10 metalc ? ? A ASP 71 OD1 ? ? ? 1_555 C CA . CA ? ? A ASP 227 A CA 301 1_555 ? ? ? ? ? ? ? 2.380 ? ? 
metalc11 metalc ? ? A VAL 73 O   ? ? ? 1_555 C CA . CA ? ? A VAL 229 A CA 301 1_555 ? ? ? ? ? ? ? 2.386 ? ? 
metalc12 metalc ? ? A GLU 78 OE1 ? ? ? 1_555 C CA . CA ? ? A GLU 234 A CA 301 1_555 ? ? ? ? ? ? ? 2.365 ? ? 
metalc13 metalc ? ? A GLU 78 OE2 ? ? ? 1_555 C CA . CA ? ? A GLU 234 A CA 301 1_555 ? ? ? ? ? ? ? 2.394 ? ? 
# 
_struct_conn_type.id          metalc 
_struct_conn_type.criteria    ? 
_struct_conn_type.reference   ? 
# 
loop_
_pdbx_struct_conn_angle.id 
_pdbx_struct_conn_angle.ptnr1_label_atom_id 
_pdbx_struct_conn_angle.ptnr1_label_alt_id 
_pdbx_struct_conn_angle.ptnr1_label_asym_id 
_pdbx_struct_conn_angle.ptnr1_label_comp_id 
_pdbx_struct_conn_angle.ptnr1_label_seq_id 
_pdbx_struct_conn_angle.ptnr1_auth_atom_id 
_pdbx_struct_conn_angle.ptnr1_auth_asym_id 
_pdbx_struct_conn_angle.ptnr1_auth_comp_id 
_pdbx_struct_conn_angle.ptnr1_auth_seq_id 
_pdbx_struct_conn_angle.ptnr1_PDB_ins_code 
_pdbx_struct_conn_angle.ptnr1_symmetry 
_pdbx_struct_conn_angle.ptnr2_label_atom_id 
_pdbx_struct_conn_angle.ptnr2_label_alt_id 
_pdbx_struct_conn_angle.ptnr2_label_asym_id 
_pdbx_struct_conn_angle.ptnr2_label_comp_id 
_pdbx_struct_conn_angle.ptnr2_label_seq_id 
_pdbx_struct_conn_angle.ptnr2_auth_atom_id 
_pdbx_struct_conn_angle.ptnr2_auth_asym_id 
_pdbx_struct_conn_angle.ptnr2_auth_comp_id 
_pdbx_struct_conn_angle.ptnr2_auth_seq_id 
_pdbx_struct_conn_angle.ptnr2_PDB_ins_code 
_pdbx_struct_conn_angle.ptnr2_symmetry 
_pdbx_struct_conn_angle.ptnr3_label_atom_id 
_pdbx_struct_conn_angle.ptnr3_label_alt_id 
_pdbx_struct_conn_angle.ptnr3_label_asym_id 
_pdbx_struct_conn_angle.ptnr3_label_comp_id 
_pdbx_struct_conn_angle.ptnr3_label_seq_id 
_pdbx_struct_conn_angle.ptnr3_auth_atom_id 
_pdbx_struct_conn_angle.ptnr3_auth_asym_id 
_pdbx_struct_conn_angle.ptnr3_auth_comp_id 
_pdbx_struct_conn_angle.ptnr3_auth_seq_id 
_pdbx_struct_conn_angle.ptnr3_PDB_ins_code 
_pdbx_struct_conn_angle.ptnr3_symmetry 
_pdbx_struct_conn_angle.value 
_pdbx_struct_conn_angle.value_esd 
1  OD1 ? A ASP 19 ? A ASP 175 ? 1_555 CA ? B CA . ? A CA 300 ? 1_555 OD1 ? A ASN 21 ? A ASN 177 ? 1_555 70.1  ? 
2  OD1 ? A ASP 19 ? A ASP 175 ? 1_555 CA ? B CA . ? A CA 300 ? 1_555 ND2 ? A ASN 21 ? A ASN 177 ? 1_555 127.5 ? 
3  OD1 ? A ASN 21 ? A ASN 177 ? 1_555 CA ? B CA . ? A CA 300 ? 1_555 ND2 ? A ASN 21 ? A ASN 177 ? 1_555 58.3  ? 
4  OD1 ? A ASP 19 ? A ASP 175 ? 1_555 CA ? B CA . ? A CA 300 ? 1_555 OD1 ? A ASP 23 ? A ASP 179 ? 1_555 88.0  ? 
5  OD1 ? A ASN 21 ? A ASN 177 ? 1_555 CA ? B CA . ? A CA 300 ? 1_555 OD1 ? A ASP 23 ? A ASP 179 ? 1_555 69.5  ? 
6  ND2 ? A ASN 21 ? A ASN 177 ? 1_555 CA ? B CA . ? A CA 300 ? 1_555 OD1 ? A ASP 23 ? A ASP 179 ? 1_555 83.1  ? 
7  OD1 ? A ASP 19 ? A ASP 175 ? 1_555 CA ? B CA . ? A CA 300 ? 1_555 O   ? A TYR 25 ? A TYR 181 ? 1_555 73.0  ? 
8  OD1 ? A ASN 21 ? A ASN 177 ? 1_555 CA ? B CA . ? A CA 300 ? 1_555 O   ? A TYR 25 ? A TYR 181 ? 1_555 127.3 ? 
9  ND2 ? A ASN 21 ? A ASN 177 ? 1_555 CA ? B CA . ? A CA 300 ? 1_555 O   ? A TYR 25 ? A TYR 181 ? 1_555 148.2 ? 
10 OD1 ? A ASP 23 ? A ASP 179 ? 1_555 CA ? B CA . ? A CA 300 ? 1_555 O   ? A TYR 25 ? A TYR 181 ? 1_555 72.9  ? 
11 OD1 ? A ASP 19 ? A ASP 175 ? 1_555 CA ? B CA . ? A CA 300 ? 1_555 OE1 ? A GLU 30 ? A GLU 186 ? 1_555 71.1  ? 
12 OD1 ? A ASN 21 ? A ASN 177 ? 1_555 CA ? B CA . ? A CA 300 ? 1_555 OE1 ? A GLU 30 ? A GLU 186 ? 1_555 120.4 ? 
13 ND2 ? A ASN 21 ? A ASN 177 ? 1_555 CA ? B CA . ? A CA 300 ? 1_555 OE1 ? A GLU 30 ? A GLU 186 ? 1_555 127.3 ? 
14 OD1 ? A ASP 23 ? A ASP 179 ? 1_555 CA ? B CA . ? A CA 300 ? 1_555 OE1 ? A GLU 30 ? A GLU 186 ? 1_555 149.4 ? 
15 O   ? A TYR 25 ? A TYR 181 ? 1_555 CA ? B CA . ? A CA 300 ? 1_555 OE1 ? A GLU 30 ? A GLU 186 ? 1_555 79.6  ? 
16 OD1 ? A ASP 19 ? A ASP 175 ? 1_555 CA ? B CA . ? A CA 300 ? 1_555 OE2 ? A GLU 30 ? A GLU 186 ? 1_555 66.5  ? 
17 OD1 ? A ASN 21 ? A ASN 177 ? 1_555 CA ? B CA . ? A CA 300 ? 1_555 OE2 ? A GLU 30 ? A GLU 186 ? 1_555 68.8  ? 
18 ND2 ? A ASN 21 ? A ASN 177 ? 1_555 CA ? B CA . ? A CA 300 ? 1_555 OE2 ? A GLU 30 ? A GLU 186 ? 1_555 85.6  ? 
19 OD1 ? A ASP 23 ? A ASP 179 ? 1_555 CA ? B CA . ? A CA 300 ? 1_555 OE2 ? A GLU 30 ? A GLU 186 ? 1_555 136.4 ? 
20 O   ? A TYR 25 ? A TYR 181 ? 1_555 CA ? B CA . ? A CA 300 ? 1_555 OE2 ? A GLU 30 ? A GLU 186 ? 1_555 126.1 ? 
21 OE1 ? A GLU 30 ? A GLU 186 ? 1_555 CA ? B CA . ? A CA 300 ? 1_555 OE2 ? A GLU 30 ? A GLU 186 ? 1_555 54.9  ? 
22 OD1 ? A ASP 67 ? A ASP 223 ? 1_555 CA ? C CA . ? A CA 301 ? 1_555 OD1 ? A ASN 69 ? A ASN 225 ? 1_555 70.1  ? 
23 OD1 ? A ASP 67 ? A ASP 223 ? 1_555 CA ? C CA . ? A CA 301 ? 1_555 OD1 ? A ASP 71 ? A ASP 227 ? 1_555 78.2  ? 
24 OD1 ? A ASN 69 ? A ASN 225 ? 1_555 CA ? C CA . ? A CA 301 ? 1_555 OD1 ? A ASP 71 ? A ASP 227 ? 1_555 72.9  ? 
25 OD1 ? A ASP 67 ? A ASP 223 ? 1_555 CA ? C CA . ? A CA 301 ? 1_555 O   ? A VAL 73 ? A VAL 229 ? 1_555 93.7  ? 
26 OD1 ? A ASN 69 ? A ASN 225 ? 1_555 CA ? C CA . ? A CA 301 ? 1_555 O   ? A VAL 73 ? A VAL 229 ? 1_555 139.8 ? 
27 OD1 ? A ASP 71 ? A ASP 227 ? 1_555 CA ? C CA . ? A CA 301 ? 1_555 O   ? A VAL 73 ? A VAL 229 ? 1_555 67.7  ? 
28 OD1 ? A ASP 67 ? A ASP 223 ? 1_555 CA ? C CA . ? A CA 301 ? 1_555 OE1 ? A GLU 78 ? A GLU 234 ? 1_555 106.9 ? 
29 OD1 ? A ASN 69 ? A ASN 225 ? 1_555 CA ? C CA . ? A CA 301 ? 1_555 OE1 ? A GLU 78 ? A GLU 234 ? 1_555 126.3 ? 
30 OD1 ? A ASP 71 ? A ASP 227 ? 1_555 CA ? C CA . ? A CA 301 ? 1_555 OE1 ? A GLU 78 ? A GLU 234 ? 1_555 160.8 ? 
31 O   ? A VAL 73 ? A VAL 229 ? 1_555 CA ? C CA . ? A CA 301 ? 1_555 OE1 ? A GLU 78 ? A GLU 234 ? 1_555 93.3  ? 
32 OD1 ? A ASP 67 ? A ASP 223 ? 1_555 CA ? C CA . ? A CA 301 ? 1_555 OE2 ? A GLU 78 ? A GLU 234 ? 1_555 94.8  ? 
33 OD1 ? A ASN 69 ? A ASN 225 ? 1_555 CA ? C CA . ? A CA 301 ? 1_555 OE2 ? A GLU 78 ? A GLU 234 ? 1_555 71.6  ? 
34 OD1 ? A ASP 71 ? A ASP 227 ? 1_555 CA ? C CA . ? A CA 301 ? 1_555 OE2 ? A GLU 78 ? A GLU 234 ? 1_555 144.0 ? 
35 O   ? A VAL 73 ? A VAL 229 ? 1_555 CA ? C CA . ? A CA 301 ? 1_555 OE2 ? A GLU 78 ? A GLU 234 ? 1_555 148.2 ? 
36 OE1 ? A GLU 78 ? A GLU 234 ? 1_555 CA ? C CA . ? A CA 301 ? 1_555 OE2 ? A GLU 78 ? A GLU 234 ? 1_555 55.0  ? 
# 
_struct_sheet.id               A 
_struct_sheet.type             ? 
_struct_sheet.number_strands   2 
_struct_sheet.details          ? 
# 
_struct_sheet_order.sheet_id     A 
_struct_sheet_order.range_id_1   1 
_struct_sheet_order.range_id_2   2 
_struct_sheet_order.offset       ? 
_struct_sheet_order.sense        anti-parallel 
# 
loop_
_struct_sheet_range.sheet_id 
_struct_sheet_range.id 
_struct_sheet_range.beg_label_comp_id 
_struct_sheet_range.beg_label_asym_id 
_struct_sheet_range.beg_label_seq_id 
_struct_sheet_range.pdbx_beg_PDB_ins_code 
_struct_sheet_range.end_label_comp_id 
_struct_sheet_range.end_label_asym_id 
_struct_sheet_range.end_label_seq_id 
_struct_sheet_range.pdbx_end_PDB_ins_code 
_struct_sheet_range.beg_auth_comp_id 
_struct_sheet_range.beg_auth_asym_id 
_struct_sheet_range.beg_auth_seq_id 
_struct_sheet_range.end_auth_comp_id 
_struct_sheet_range.end_auth_asym_id 
_struct_sheet_range.end_auth_seq_id 
A 1 TYR A 25 ? THR A 27 ? TYR A 181 THR A 183 
A 2 VAL A 73 ? THR A 75 ? VAL A 229 THR A 231 
# 
_pdbx_struct_sheet_hbond.sheet_id                A 
_pdbx_struct_sheet_hbond.range_id_1              1 
_pdbx_struct_sheet_hbond.range_id_2              2 
_pdbx_struct_sheet_hbond.range_1_label_atom_id   N 
_pdbx_struct_sheet_hbond.range_1_label_comp_id   ILE 
_pdbx_struct_sheet_hbond.range_1_label_asym_id   A 
_pdbx_struct_sheet_hbond.range_1_label_seq_id    26 
_pdbx_struct_sheet_hbond.range_1_PDB_ins_code    ? 
_pdbx_struct_sheet_hbond.range_1_auth_atom_id    N 
_pdbx_struct_sheet_hbond.range_1_auth_comp_id    ILE 
_pdbx_struct_sheet_hbond.range_1_auth_asym_id    A 
_pdbx_struct_sheet_hbond.range_1_auth_seq_id     182 
_pdbx_struct_sheet_hbond.range_2_label_atom_id   O 
_pdbx_struct_sheet_hbond.range_2_label_comp_id   VAL 
_pdbx_struct_sheet_hbond.range_2_label_asym_id   A 
_pdbx_struct_sheet_hbond.range_2_label_seq_id    74 
_pdbx_struct_sheet_hbond.range_2_PDB_ins_code    ? 
_pdbx_struct_sheet_hbond.range_2_auth_atom_id    O 
_pdbx_struct_sheet_hbond.range_2_auth_comp_id    VAL 
_pdbx_struct_sheet_hbond.range_2_auth_asym_id    A 
_pdbx_struct_sheet_hbond.range_2_auth_seq_id     230 
# 
loop_
_struct_site.id 
_struct_site.pdbx_evidence_code 
_struct_site.pdbx_auth_asym_id 
_struct_site.pdbx_auth_comp_id 
_struct_site.pdbx_auth_seq_id 
_struct_site.pdbx_auth_ins_code 
_struct_site.pdbx_num_residues 
_struct_site.details 
AC1 Software A CA 300 ? 5 'BINDING SITE FOR RESIDUE CA A 300' 
AC2 Software A CA 301 ? 6 'BINDING SITE FOR RESIDUE CA A 301' 
# 
loop_
_struct_site_gen.id 
_struct_site_gen.site_id 
_struct_site_gen.pdbx_num_res 
_struct_site_gen.label_comp_id 
_struct_site_gen.label_asym_id 
_struct_site_gen.label_seq_id 
_struct_site_gen.pdbx_auth_ins_code 
_struct_site_gen.auth_comp_id 
_struct_site_gen.auth_asym_id 
_struct_site_gen.auth_seq_id 
_struct_site_gen.label_atom_id 
_struct_site_gen.label_alt_id 
_struct_site_gen.symmetry 
_struct_site_gen.details 
1  AC1 5 ASP A 19 ? ASP A 175 . ? 1_555 ? 
2  AC1 5 ASN A 21 ? ASN A 177 . ? 1_555 ? 
3  AC1 5 ASP A 23 ? ASP A 179 . ? 1_555 ? 
4  AC1 5 TYR A 25 ? TYR A 181 . ? 1_555 ? 
5  AC1 5 GLU A 30 ? GLU A 186 . ? 1_555 ? 
6  AC2 6 ASP A 67 ? ASP A 223 . ? 1_555 ? 
7  AC2 6 ASN A 69 ? ASN A 225 . ? 1_555 ? 
8  AC2 6 ASP A 71 ? ASP A 227 . ? 1_555 ? 
9  AC2 6 VAL A 73 ? VAL A 229 . ? 1_555 ? 
10 AC2 6 THR A 75 ? THR A 231 . ? 1_555 ? 
11 AC2 6 GLU A 78 ? GLU A 234 . ? 1_555 ? 
# 
loop_
_pdbx_validate_torsion.id 
_pdbx_validate_torsion.PDB_model_num 
_pdbx_validate_torsion.auth_comp_id 
_pdbx_validate_torsion.auth_asym_id 
_pdbx_validate_torsion.auth_seq_id 
_pdbx_validate_torsion.PDB_ins_code 
_pdbx_validate_torsion.label_alt_id 
_pdbx_validate_torsion.phi 
_pdbx_validate_torsion.psi 
1 1 THR A 162 ? ? 63.30   167.47  
2 1 ASP A 175 ? ? -64.80  97.27   
3 1 TYR A 195 ? ? -167.90 15.90   
4 1 ASP A 196 ? ? -65.01  -98.63  
5 1 MET A 198 ? ? -109.06 61.82   
6 1 HIS A 201 ? ? -123.72 -100.92 
7 1 LEU A 206 ? ? -156.80 68.49   
8 1 ARG A 207 ? ? -69.45  89.39   
9 1 GLU A 213 ? ? -162.04 -51.75  
# 
_pdbx_nmr_ensemble.entry_id                                      2E6W 
_pdbx_nmr_ensemble.conformers_calculated_total_number            ? 
_pdbx_nmr_ensemble.conformers_submitted_total_number             1 
_pdbx_nmr_ensemble.conformer_selection_criteria                  ? 
_pdbx_nmr_ensemble.average_constraints_per_residue               ? 
_pdbx_nmr_ensemble.average_constraint_violations_per_residue     ? 
_pdbx_nmr_ensemble.maximum_distance_constraint_violation         ? 
_pdbx_nmr_ensemble.average_distance_constraint_violation         ? 
_pdbx_nmr_ensemble.maximum_upper_distance_constraint_violation   ? 
_pdbx_nmr_ensemble.maximum_lower_distance_constraint_violation   ? 
_pdbx_nmr_ensemble.distance_constraint_violation_method          ? 
_pdbx_nmr_ensemble.maximum_torsion_angle_constraint_violation    ? 
_pdbx_nmr_ensemble.average_torsion_angle_constraint_violation    ? 
_pdbx_nmr_ensemble.torsion_angle_constraint_violation_method     ? 
# 
_pdbx_nmr_representative.entry_id             2E6W 
_pdbx_nmr_representative.conformer_id         ? 
_pdbx_nmr_representative.selection_criteria   'minimized average structure' 
# 
loop_
_pdbx_nmr_sample_details.solution_id 
_pdbx_nmr_sample_details.contents 
_pdbx_nmr_sample_details.solvent_system 
1 '1.0mM Calsenilin, 25mM Tris-HCl, 5mM DTT, 15mM CaCl2; 90% H2O, 10% D2O' '90% H2O/10% D2O' 
2 '1.0mM Calsenilin, 25mM Tris-HCl, 5mM DTT, 15mM CaCl2; 100% D2O'         '100% D2O'        
# 
_pdbx_nmr_exptl_sample_conditions.conditions_id       1 
_pdbx_nmr_exptl_sample_conditions.temperature         303 
_pdbx_nmr_exptl_sample_conditions.pressure            ambient 
_pdbx_nmr_exptl_sample_conditions.pH                  8.0 
_pdbx_nmr_exptl_sample_conditions.ionic_strength      ? 
_pdbx_nmr_exptl_sample_conditions.pressure_units      . 
_pdbx_nmr_exptl_sample_conditions.temperature_units   K 
# 
loop_
_pdbx_nmr_exptl.experiment_id 
_pdbx_nmr_exptl.conditions_id 
_pdbx_nmr_exptl.type 
_pdbx_nmr_exptl.solution_id 
1 1 3D_13C-separated_NOESY 1 
2 1 3D_15N-separated_NOESY 2 
# 
_pdbx_nmr_refine.entry_id           2E6W 
_pdbx_nmr_refine.method             'simulated annealing' 
_pdbx_nmr_refine.details            ? 
_pdbx_nmr_refine.software_ordinal   1 
# 
loop_
_pdbx_nmr_software.classification 
_pdbx_nmr_software.name 
_pdbx_nmr_software.version 
_pdbx_nmr_software.authors 
_pdbx_nmr_software.ordinal 
'structure solution' CNX 2000 'A.T.Brunger at al.' 1 
refinement           CNX 2000 'A.T.Brunger at al.' 2 
# 
loop_
_pdbx_unobs_or_zero_occ_residues.id 
_pdbx_unobs_or_zero_occ_residues.PDB_model_num 
_pdbx_unobs_or_zero_occ_residues.polymer_flag 
_pdbx_unobs_or_zero_occ_residues.occupancy_flag 
_pdbx_unobs_or_zero_occ_residues.auth_asym_id 
_pdbx_unobs_or_zero_occ_residues.auth_comp_id 
_pdbx_unobs_or_zero_occ_residues.auth_seq_id 
_pdbx_unobs_or_zero_occ_residues.PDB_ins_code 
_pdbx_unobs_or_zero_occ_residues.label_asym_id 
_pdbx_unobs_or_zero_occ_residues.label_comp_id 
_pdbx_unobs_or_zero_occ_residues.label_seq_id 
1 1 Y 1 A GLY 157 ? A GLY 1 
2 1 Y 1 A SER 158 ? A SER 2 
3 1 Y 1 A HIS 159 ? A HIS 3 
4 1 Y 1 A MET 160 ? A MET 4 
# 
loop_
_chem_comp_atom.comp_id 
_chem_comp_atom.atom_id 
_chem_comp_atom.type_symbol 
_chem_comp_atom.pdbx_aromatic_flag 
_chem_comp_atom.pdbx_stereo_config 
_chem_comp_atom.pdbx_ordinal 
ALA N    N  N N 1   
ALA CA   C  N S 2   
ALA C    C  N N 3   
ALA O    O  N N 4   
ALA CB   C  N N 5   
ALA OXT  O  N N 6   
ALA H    H  N N 7   
ALA H2   H  N N 8   
ALA HA   H  N N 9   
ALA HB1  H  N N 10  
ALA HB2  H  N N 11  
ALA HB3  H  N N 12  
ALA HXT  H  N N 13  
ARG N    N  N N 14  
ARG CA   C  N S 15  
ARG C    C  N N 16  
ARG O    O  N N 17  
ARG CB   C  N N 18  
ARG CG   C  N N 19  
ARG CD   C  N N 20  
ARG NE   N  N N 21  
ARG CZ   C  N N 22  
ARG NH1  N  N N 23  
ARG NH2  N  N N 24  
ARG OXT  O  N N 25  
ARG H    H  N N 26  
ARG H2   H  N N 27  
ARG HA   H  N N 28  
ARG HB2  H  N N 29  
ARG HB3  H  N N 30  
ARG HG2  H  N N 31  
ARG HG3  H  N N 32  
ARG HD2  H  N N 33  
ARG HD3  H  N N 34  
ARG HE   H  N N 35  
ARG HH11 H  N N 36  
ARG HH12 H  N N 37  
ARG HH21 H  N N 38  
ARG HH22 H  N N 39  
ARG HXT  H  N N 40  
ASN N    N  N N 41  
ASN CA   C  N S 42  
ASN C    C  N N 43  
ASN O    O  N N 44  
ASN CB   C  N N 45  
ASN CG   C  N N 46  
ASN OD1  O  N N 47  
ASN ND2  N  N N 48  
ASN OXT  O  N N 49  
ASN H    H  N N 50  
ASN H2   H  N N 51  
ASN HA   H  N N 52  
ASN HB2  H  N N 53  
ASN HB3  H  N N 54  
ASN HD21 H  N N 55  
ASN HD22 H  N N 56  
ASN HXT  H  N N 57  
ASP N    N  N N 58  
ASP CA   C  N S 59  
ASP C    C  N N 60  
ASP O    O  N N 61  
ASP CB   C  N N 62  
ASP CG   C  N N 63  
ASP OD1  O  N N 64  
ASP OD2  O  N N 65  
ASP OXT  O  N N 66  
ASP H    H  N N 67  
ASP H2   H  N N 68  
ASP HA   H  N N 69  
ASP HB2  H  N N 70  
ASP HB3  H  N N 71  
ASP HD2  H  N N 72  
ASP HXT  H  N N 73  
CA  CA   CA N N 74  
CYS N    N  N N 75  
CYS CA   C  N R 76  
CYS C    C  N N 77  
CYS O    O  N N 78  
CYS CB   C  N N 79  
CYS SG   S  N N 80  
CYS OXT  O  N N 81  
CYS H    H  N N 82  
CYS H2   H  N N 83  
CYS HA   H  N N 84  
CYS HB2  H  N N 85  
CYS HB3  H  N N 86  
CYS HG   H  N N 87  
CYS HXT  H  N N 88  
GLN N    N  N N 89  
GLN CA   C  N S 90  
GLN C    C  N N 91  
GLN O    O  N N 92  
GLN CB   C  N N 93  
GLN CG   C  N N 94  
GLN CD   C  N N 95  
GLN OE1  O  N N 96  
GLN NE2  N  N N 97  
GLN OXT  O  N N 98  
GLN H    H  N N 99  
GLN H2   H  N N 100 
GLN HA   H  N N 101 
GLN HB2  H  N N 102 
GLN HB3  H  N N 103 
GLN HG2  H  N N 104 
GLN HG3  H  N N 105 
GLN HE21 H  N N 106 
GLN HE22 H  N N 107 
GLN HXT  H  N N 108 
GLU N    N  N N 109 
GLU CA   C  N S 110 
GLU C    C  N N 111 
GLU O    O  N N 112 
GLU CB   C  N N 113 
GLU CG   C  N N 114 
GLU CD   C  N N 115 
GLU OE1  O  N N 116 
GLU OE2  O  N N 117 
GLU OXT  O  N N 118 
GLU H    H  N N 119 
GLU H2   H  N N 120 
GLU HA   H  N N 121 
GLU HB2  H  N N 122 
GLU HB3  H  N N 123 
GLU HG2  H  N N 124 
GLU HG3  H  N N 125 
GLU HE2  H  N N 126 
GLU HXT  H  N N 127 
GLY N    N  N N 128 
GLY CA   C  N N 129 
GLY C    C  N N 130 
GLY O    O  N N 131 
GLY OXT  O  N N 132 
GLY H    H  N N 133 
GLY H2   H  N N 134 
GLY HA2  H  N N 135 
GLY HA3  H  N N 136 
GLY HXT  H  N N 137 
HIS N    N  N N 138 
HIS CA   C  N S 139 
HIS C    C  N N 140 
HIS O    O  N N 141 
HIS CB   C  N N 142 
HIS CG   C  Y N 143 
HIS ND1  N  Y N 144 
HIS CD2  C  Y N 145 
HIS CE1  C  Y N 146 
HIS NE2  N  Y N 147 
HIS OXT  O  N N 148 
HIS H    H  N N 149 
HIS H2   H  N N 150 
HIS HA   H  N N 151 
HIS HB2  H  N N 152 
HIS HB3  H  N N 153 
HIS HD1  H  N N 154 
HIS HD2  H  N N 155 
HIS HE1  H  N N 156 
HIS HE2  H  N N 157 
HIS HXT  H  N N 158 
ILE N    N  N N 159 
ILE CA   C  N S 160 
ILE C    C  N N 161 
ILE O    O  N N 162 
ILE CB   C  N S 163 
ILE CG1  C  N N 164 
ILE CG2  C  N N 165 
ILE CD1  C  N N 166 
ILE OXT  O  N N 167 
ILE H    H  N N 168 
ILE H2   H  N N 169 
ILE HA   H  N N 170 
ILE HB   H  N N 171 
ILE HG12 H  N N 172 
ILE HG13 H  N N 173 
ILE HG21 H  N N 174 
ILE HG22 H  N N 175 
ILE HG23 H  N N 176 
ILE HD11 H  N N 177 
ILE HD12 H  N N 178 
ILE HD13 H  N N 179 
ILE HXT  H  N N 180 
LEU N    N  N N 181 
LEU CA   C  N S 182 
LEU C    C  N N 183 
LEU O    O  N N 184 
LEU CB   C  N N 185 
LEU CG   C  N N 186 
LEU CD1  C  N N 187 
LEU CD2  C  N N 188 
LEU OXT  O  N N 189 
LEU H    H  N N 190 
LEU H2   H  N N 191 
LEU HA   H  N N 192 
LEU HB2  H  N N 193 
LEU HB3  H  N N 194 
LEU HG   H  N N 195 
LEU HD11 H  N N 196 
LEU HD12 H  N N 197 
LEU HD13 H  N N 198 
LEU HD21 H  N N 199 
LEU HD22 H  N N 200 
LEU HD23 H  N N 201 
LEU HXT  H  N N 202 
LYS N    N  N N 203 
LYS CA   C  N S 204 
LYS C    C  N N 205 
LYS O    O  N N 206 
LYS CB   C  N N 207 
LYS CG   C  N N 208 
LYS CD   C  N N 209 
LYS CE   C  N N 210 
LYS NZ   N  N N 211 
LYS OXT  O  N N 212 
LYS H    H  N N 213 
LYS H2   H  N N 214 
LYS HA   H  N N 215 
LYS HB2  H  N N 216 
LYS HB3  H  N N 217 
LYS HG2  H  N N 218 
LYS HG3  H  N N 219 
LYS HD2  H  N N 220 
LYS HD3  H  N N 221 
LYS HE2  H  N N 222 
LYS HE3  H  N N 223 
LYS HZ1  H  N N 224 
LYS HZ2  H  N N 225 
LYS HZ3  H  N N 226 
LYS HXT  H  N N 227 
MET N    N  N N 228 
MET CA   C  N S 229 
MET C    C  N N 230 
MET O    O  N N 231 
MET CB   C  N N 232 
MET CG   C  N N 233 
MET SD   S  N N 234 
MET CE   C  N N 235 
MET OXT  O  N N 236 
MET H    H  N N 237 
MET H2   H  N N 238 
MET HA   H  N N 239 
MET HB2  H  N N 240 
MET HB3  H  N N 241 
MET HG2  H  N N 242 
MET HG3  H  N N 243 
MET HE1  H  N N 244 
MET HE2  H  N N 245 
MET HE3  H  N N 246 
MET HXT  H  N N 247 
PHE N    N  N N 248 
PHE CA   C  N S 249 
PHE C    C  N N 250 
PHE O    O  N N 251 
PHE CB   C  N N 252 
PHE CG   C  Y N 253 
PHE CD1  C  Y N 254 
PHE CD2  C  Y N 255 
PHE CE1  C  Y N 256 
PHE CE2  C  Y N 257 
PHE CZ   C  Y N 258 
PHE OXT  O  N N 259 
PHE H    H  N N 260 
PHE H2   H  N N 261 
PHE HA   H  N N 262 
PHE HB2  H  N N 263 
PHE HB3  H  N N 264 
PHE HD1  H  N N 265 
PHE HD2  H  N N 266 
PHE HE1  H  N N 267 
PHE HE2  H  N N 268 
PHE HZ   H  N N 269 
PHE HXT  H  N N 270 
PRO N    N  N N 271 
PRO CA   C  N S 272 
PRO C    C  N N 273 
PRO O    O  N N 274 
PRO CB   C  N N 275 
PRO CG   C  N N 276 
PRO CD   C  N N 277 
PRO OXT  O  N N 278 
PRO H    H  N N 279 
PRO HA   H  N N 280 
PRO HB2  H  N N 281 
PRO HB3  H  N N 282 
PRO HG2  H  N N 283 
PRO HG3  H  N N 284 
PRO HD2  H  N N 285 
PRO HD3  H  N N 286 
PRO HXT  H  N N 287 
SER N    N  N N 288 
SER CA   C  N S 289 
SER C    C  N N 290 
SER O    O  N N 291 
SER CB   C  N N 292 
SER OG   O  N N 293 
SER OXT  O  N N 294 
SER H    H  N N 295 
SER H2   H  N N 296 
SER HA   H  N N 297 
SER HB2  H  N N 298 
SER HB3  H  N N 299 
SER HG   H  N N 300 
SER HXT  H  N N 301 
THR N    N  N N 302 
THR CA   C  N S 303 
THR C    C  N N 304 
THR O    O  N N 305 
THR CB   C  N R 306 
THR OG1  O  N N 307 
THR CG2  C  N N 308 
THR OXT  O  N N 309 
THR H    H  N N 310 
THR H2   H  N N 311 
THR HA   H  N N 312 
THR HB   H  N N 313 
THR HG1  H  N N 314 
THR HG21 H  N N 315 
THR HG22 H  N N 316 
THR HG23 H  N N 317 
THR HXT  H  N N 318 
TRP N    N  N N 319 
TRP CA   C  N S 320 
TRP C    C  N N 321 
TRP O    O  N N 322 
TRP CB   C  N N 323 
TRP CG   C  Y N 324 
TRP CD1  C  Y N 325 
TRP CD2  C  Y N 326 
TRP NE1  N  Y N 327 
TRP CE2  C  Y N 328 
TRP CE3  C  Y N 329 
TRP CZ2  C  Y N 330 
TRP CZ3  C  Y N 331 
TRP CH2  C  Y N 332 
TRP OXT  O  N N 333 
TRP H    H  N N 334 
TRP H2   H  N N 335 
TRP HA   H  N N 336 
TRP HB2  H  N N 337 
TRP HB3  H  N N 338 
TRP HD1  H  N N 339 
TRP HE1  H  N N 340 
TRP HE3  H  N N 341 
TRP HZ2  H  N N 342 
TRP HZ3  H  N N 343 
TRP HH2  H  N N 344 
TRP HXT  H  N N 345 
TYR N    N  N N 346 
TYR CA   C  N S 347 
TYR C    C  N N 348 
TYR O    O  N N 349 
TYR CB   C  N N 350 
TYR CG   C  Y N 351 
TYR CD1  C  Y N 352 
TYR CD2  C  Y N 353 
TYR CE1  C  Y N 354 
TYR CE2  C  Y N 355 
TYR CZ   C  Y N 356 
TYR OH   O  N N 357 
TYR OXT  O  N N 358 
TYR H    H  N N 359 
TYR H2   H  N N 360 
TYR HA   H  N N 361 
TYR HB2  H  N N 362 
TYR HB3  H  N N 363 
TYR HD1  H  N N 364 
TYR HD2  H  N N 365 
TYR HE1  H  N N 366 
TYR HE2  H  N N 367 
TYR HH   H  N N 368 
TYR HXT  H  N N 369 
VAL N    N  N N 370 
VAL CA   C  N S 371 
VAL C    C  N N 372 
VAL O    O  N N 373 
VAL CB   C  N N 374 
VAL CG1  C  N N 375 
VAL CG2  C  N N 376 
VAL OXT  O  N N 377 
VAL H    H  N N 378 
VAL H2   H  N N 379 
VAL HA   H  N N 380 
VAL HB   H  N N 381 
VAL HG11 H  N N 382 
VAL HG12 H  N N 383 
VAL HG13 H  N N 384 
VAL HG21 H  N N 385 
VAL HG22 H  N N 386 
VAL HG23 H  N N 387 
VAL HXT  H  N N 388 
# 
loop_
_chem_comp_bond.comp_id 
_chem_comp_bond.atom_id_1 
_chem_comp_bond.atom_id_2 
_chem_comp_bond.value_order 
_chem_comp_bond.pdbx_aromatic_flag 
_chem_comp_bond.pdbx_stereo_config 
_chem_comp_bond.pdbx_ordinal 
ALA N   CA   sing N N 1   
ALA N   H    sing N N 2   
ALA N   H2   sing N N 3   
ALA CA  C    sing N N 4   
ALA CA  CB   sing N N 5   
ALA CA  HA   sing N N 6   
ALA C   O    doub N N 7   
ALA C   OXT  sing N N 8   
ALA CB  HB1  sing N N 9   
ALA CB  HB2  sing N N 10  
ALA CB  HB3  sing N N 11  
ALA OXT HXT  sing N N 12  
ARG N   CA   sing N N 13  
ARG N   H    sing N N 14  
ARG N   H2   sing N N 15  
ARG CA  C    sing N N 16  
ARG CA  CB   sing N N 17  
ARG CA  HA   sing N N 18  
ARG C   O    doub N N 19  
ARG C   OXT  sing N N 20  
ARG CB  CG   sing N N 21  
ARG CB  HB2  sing N N 22  
ARG CB  HB3  sing N N 23  
ARG CG  CD   sing N N 24  
ARG CG  HG2  sing N N 25  
ARG CG  HG3  sing N N 26  
ARG CD  NE   sing N N 27  
ARG CD  HD2  sing N N 28  
ARG CD  HD3  sing N N 29  
ARG NE  CZ   sing N N 30  
ARG NE  HE   sing N N 31  
ARG CZ  NH1  sing N N 32  
ARG CZ  NH2  doub N N 33  
ARG NH1 HH11 sing N N 34  
ARG NH1 HH12 sing N N 35  
ARG NH2 HH21 sing N N 36  
ARG NH2 HH22 sing N N 37  
ARG OXT HXT  sing N N 38  
ASN N   CA   sing N N 39  
ASN N   H    sing N N 40  
ASN N   H2   sing N N 41  
ASN CA  C    sing N N 42  
ASN CA  CB   sing N N 43  
ASN CA  HA   sing N N 44  
ASN C   O    doub N N 45  
ASN C   OXT  sing N N 46  
ASN CB  CG   sing N N 47  
ASN CB  HB2  sing N N 48  
ASN CB  HB3  sing N N 49  
ASN CG  OD1  doub N N 50  
ASN CG  ND2  sing N N 51  
ASN ND2 HD21 sing N N 52  
ASN ND2 HD22 sing N N 53  
ASN OXT HXT  sing N N 54  
ASP N   CA   sing N N 55  
ASP N   H    sing N N 56  
ASP N   H2   sing N N 57  
ASP CA  C    sing N N 58  
ASP CA  CB   sing N N 59  
ASP CA  HA   sing N N 60  
ASP C   O    doub N N 61  
ASP C   OXT  sing N N 62  
ASP CB  CG   sing N N 63  
ASP CB  HB2  sing N N 64  
ASP CB  HB3  sing N N 65  
ASP CG  OD1  doub N N 66  
ASP CG  OD2  sing N N 67  
ASP OD2 HD2  sing N N 68  
ASP OXT HXT  sing N N 69  
CYS N   CA   sing N N 70  
CYS N   H    sing N N 71  
CYS N   H2   sing N N 72  
CYS CA  C    sing N N 73  
CYS CA  CB   sing N N 74  
CYS CA  HA   sing N N 75  
CYS C   O    doub N N 76  
CYS C   OXT  sing N N 77  
CYS CB  SG   sing N N 78  
CYS CB  HB2  sing N N 79  
CYS CB  HB3  sing N N 80  
CYS SG  HG   sing N N 81  
CYS OXT HXT  sing N N 82  
GLN N   CA   sing N N 83  
GLN N   H    sing N N 84  
GLN N   H2   sing N N 85  
GLN CA  C    sing N N 86  
GLN CA  CB   sing N N 87  
GLN CA  HA   sing N N 88  
GLN C   O    doub N N 89  
GLN C   OXT  sing N N 90  
GLN CB  CG   sing N N 91  
GLN CB  HB2  sing N N 92  
GLN CB  HB3  sing N N 93  
GLN CG  CD   sing N N 94  
GLN CG  HG2  sing N N 95  
GLN CG  HG3  sing N N 96  
GLN CD  OE1  doub N N 97  
GLN CD  NE2  sing N N 98  
GLN NE2 HE21 sing N N 99  
GLN NE2 HE22 sing N N 100 
GLN OXT HXT  sing N N 101 
GLU N   CA   sing N N 102 
GLU N   H    sing N N 103 
GLU N   H2   sing N N 104 
GLU CA  C    sing N N 105 
GLU CA  CB   sing N N 106 
GLU CA  HA   sing N N 107 
GLU C   O    doub N N 108 
GLU C   OXT  sing N N 109 
GLU CB  CG   sing N N 110 
GLU CB  HB2  sing N N 111 
GLU CB  HB3  sing N N 112 
GLU CG  CD   sing N N 113 
GLU CG  HG2  sing N N 114 
GLU CG  HG3  sing N N 115 
GLU CD  OE1  doub N N 116 
GLU CD  OE2  sing N N 117 
GLU OE2 HE2  sing N N 118 
GLU OXT HXT  sing N N 119 
GLY N   CA   sing N N 120 
GLY N   H    sing N N 121 
GLY N   H2   sing N N 122 
GLY CA  C    sing N N 123 
GLY CA  HA2  sing N N 124 
GLY CA  HA3  sing N N 125 
GLY C   O    doub N N 126 
GLY C   OXT  sing N N 127 
GLY OXT HXT  sing N N 128 
HIS N   CA   sing N N 129 
HIS N   H    sing N N 130 
HIS N   H2   sing N N 131 
HIS CA  C    sing N N 132 
HIS CA  CB   sing N N 133 
HIS CA  HA   sing N N 134 
HIS C   O    doub N N 135 
HIS C   OXT  sing N N 136 
HIS CB  CG   sing N N 137 
HIS CB  HB2  sing N N 138 
HIS CB  HB3  sing N N 139 
HIS CG  ND1  sing Y N 140 
HIS CG  CD2  doub Y N 141 
HIS ND1 CE1  doub Y N 142 
HIS ND1 HD1  sing N N 143 
HIS CD2 NE2  sing Y N 144 
HIS CD2 HD2  sing N N 145 
HIS CE1 NE2  sing Y N 146 
HIS CE1 HE1  sing N N 147 
HIS NE2 HE2  sing N N 148 
HIS OXT HXT  sing N N 149 
ILE N   CA   sing N N 150 
ILE N   H    sing N N 151 
ILE N   H2   sing N N 152 
ILE CA  C    sing N N 153 
ILE CA  CB   sing N N 154 
ILE CA  HA   sing N N 155 
ILE C   O    doub N N 156 
ILE C   OXT  sing N N 157 
ILE CB  CG1  sing N N 158 
ILE CB  CG2  sing N N 159 
ILE CB  HB   sing N N 160 
ILE CG1 CD1  sing N N 161 
ILE CG1 HG12 sing N N 162 
ILE CG1 HG13 sing N N 163 
ILE CG2 HG21 sing N N 164 
ILE CG2 HG22 sing N N 165 
ILE CG2 HG23 sing N N 166 
ILE CD1 HD11 sing N N 167 
ILE CD1 HD12 sing N N 168 
ILE CD1 HD13 sing N N 169 
ILE OXT HXT  sing N N 170 
LEU N   CA   sing N N 171 
LEU N   H    sing N N 172 
LEU N   H2   sing N N 173 
LEU CA  C    sing N N 174 
LEU CA  CB   sing N N 175 
LEU CA  HA   sing N N 176 
LEU C   O    doub N N 177 
LEU C   OXT  sing N N 178 
LEU CB  CG   sing N N 179 
LEU CB  HB2  sing N N 180 
LEU CB  HB3  sing N N 181 
LEU CG  CD1  sing N N 182 
LEU CG  CD2  sing N N 183 
LEU CG  HG   sing N N 184 
LEU CD1 HD11 sing N N 185 
LEU CD1 HD12 sing N N 186 
LEU CD1 HD13 sing N N 187 
LEU CD2 HD21 sing N N 188 
LEU CD2 HD22 sing N N 189 
LEU CD2 HD23 sing N N 190 
LEU OXT HXT  sing N N 191 
LYS N   CA   sing N N 192 
LYS N   H    sing N N 193 
LYS N   H2   sing N N 194 
LYS CA  C    sing N N 195 
LYS CA  CB   sing N N 196 
LYS CA  HA   sing N N 197 
LYS C   O    doub N N 198 
LYS C   OXT  sing N N 199 
LYS CB  CG   sing N N 200 
LYS CB  HB2  sing N N 201 
LYS CB  HB3  sing N N 202 
LYS CG  CD   sing N N 203 
LYS CG  HG2  sing N N 204 
LYS CG  HG3  sing N N 205 
LYS CD  CE   sing N N 206 
LYS CD  HD2  sing N N 207 
LYS CD  HD3  sing N N 208 
LYS CE  NZ   sing N N 209 
LYS CE  HE2  sing N N 210 
LYS CE  HE3  sing N N 211 
LYS NZ  HZ1  sing N N 212 
LYS NZ  HZ2  sing N N 213 
LYS NZ  HZ3  sing N N 214 
LYS OXT HXT  sing N N 215 
MET N   CA   sing N N 216 
MET N   H    sing N N 217 
MET N   H2   sing N N 218 
MET CA  C    sing N N 219 
MET CA  CB   sing N N 220 
MET CA  HA   sing N N 221 
MET C   O    doub N N 222 
MET C   OXT  sing N N 223 
MET CB  CG   sing N N 224 
MET CB  HB2  sing N N 225 
MET CB  HB3  sing N N 226 
MET CG  SD   sing N N 227 
MET CG  HG2  sing N N 228 
MET CG  HG3  sing N N 229 
MET SD  CE   sing N N 230 
MET CE  HE1  sing N N 231 
MET CE  HE2  sing N N 232 
MET CE  HE3  sing N N 233 
MET OXT HXT  sing N N 234 
PHE N   CA   sing N N 235 
PHE N   H    sing N N 236 
PHE N   H2   sing N N 237 
PHE CA  C    sing N N 238 
PHE CA  CB   sing N N 239 
PHE CA  HA   sing N N 240 
PHE C   O    doub N N 241 
PHE C   OXT  sing N N 242 
PHE CB  CG   sing N N 243 
PHE CB  HB2  sing N N 244 
PHE CB  HB3  sing N N 245 
PHE CG  CD1  doub Y N 246 
PHE CG  CD2  sing Y N 247 
PHE CD1 CE1  sing Y N 248 
PHE CD1 HD1  sing N N 249 
PHE CD2 CE2  doub Y N 250 
PHE CD2 HD2  sing N N 251 
PHE CE1 CZ   doub Y N 252 
PHE CE1 HE1  sing N N 253 
PHE CE2 CZ   sing Y N 254 
PHE CE2 HE2  sing N N 255 
PHE CZ  HZ   sing N N 256 
PHE OXT HXT  sing N N 257 
PRO N   CA   sing N N 258 
PRO N   CD   sing N N 259 
PRO N   H    sing N N 260 
PRO CA  C    sing N N 261 
PRO CA  CB   sing N N 262 
PRO CA  HA   sing N N 263 
PRO C   O    doub N N 264 
PRO C   OXT  sing N N 265 
PRO CB  CG   sing N N 266 
PRO CB  HB2  sing N N 267 
PRO CB  HB3  sing N N 268 
PRO CG  CD   sing N N 269 
PRO CG  HG2  sing N N 270 
PRO CG  HG3  sing N N 271 
PRO CD  HD2  sing N N 272 
PRO CD  HD3  sing N N 273 
PRO OXT HXT  sing N N 274 
SER N   CA   sing N N 275 
SER N   H    sing N N 276 
SER N   H2   sing N N 277 
SER CA  C    sing N N 278 
SER CA  CB   sing N N 279 
SER CA  HA   sing N N 280 
SER C   O    doub N N 281 
SER C   OXT  sing N N 282 
SER CB  OG   sing N N 283 
SER CB  HB2  sing N N 284 
SER CB  HB3  sing N N 285 
SER OG  HG   sing N N 286 
SER OXT HXT  sing N N 287 
THR N   CA   sing N N 288 
THR N   H    sing N N 289 
THR N   H2   sing N N 290 
THR CA  C    sing N N 291 
THR CA  CB   sing N N 292 
THR CA  HA   sing N N 293 
THR C   O    doub N N 294 
THR C   OXT  sing N N 295 
THR CB  OG1  sing N N 296 
THR CB  CG2  sing N N 297 
THR CB  HB   sing N N 298 
THR OG1 HG1  sing N N 299 
THR CG2 HG21 sing N N 300 
THR CG2 HG22 sing N N 301 
THR CG2 HG23 sing N N 302 
THR OXT HXT  sing N N 303 
TRP N   CA   sing N N 304 
TRP N   H    sing N N 305 
TRP N   H2   sing N N 306 
TRP CA  C    sing N N 307 
TRP CA  CB   sing N N 308 
TRP CA  HA   sing N N 309 
TRP C   O    doub N N 310 
TRP C   OXT  sing N N 311 
TRP CB  CG   sing N N 312 
TRP CB  HB2  sing N N 313 
TRP CB  HB3  sing N N 314 
TRP CG  CD1  doub Y N 315 
TRP CG  CD2  sing Y N 316 
TRP CD1 NE1  sing Y N 317 
TRP CD1 HD1  sing N N 318 
TRP CD2 CE2  doub Y N 319 
TRP CD2 CE3  sing Y N 320 
TRP NE1 CE2  sing Y N 321 
TRP NE1 HE1  sing N N 322 
TRP CE2 CZ2  sing Y N 323 
TRP CE3 CZ3  doub Y N 324 
TRP CE3 HE3  sing N N 325 
TRP CZ2 CH2  doub Y N 326 
TRP CZ2 HZ2  sing N N 327 
TRP CZ3 CH2  sing Y N 328 
TRP CZ3 HZ3  sing N N 329 
TRP CH2 HH2  sing N N 330 
TRP OXT HXT  sing N N 331 
TYR N   CA   sing N N 332 
TYR N   H    sing N N 333 
TYR N   H2   sing N N 334 
TYR CA  C    sing N N 335 
TYR CA  CB   sing N N 336 
TYR CA  HA   sing N N 337 
TYR C   O    doub N N 338 
TYR C   OXT  sing N N 339 
TYR CB  CG   sing N N 340 
TYR CB  HB2  sing N N 341 
TYR CB  HB3  sing N N 342 
TYR CG  CD1  doub Y N 343 
TYR CG  CD2  sing Y N 344 
TYR CD1 CE1  sing Y N 345 
TYR CD1 HD1  sing N N 346 
TYR CD2 CE2  doub Y N 347 
TYR CD2 HD2  sing N N 348 
TYR CE1 CZ   doub Y N 349 
TYR CE1 HE1  sing N N 350 
TYR CE2 CZ   sing Y N 351 
TYR CE2 HE2  sing N N 352 
TYR CZ  OH   sing N N 353 
TYR OH  HH   sing N N 354 
TYR OXT HXT  sing N N 355 
VAL N   CA   sing N N 356 
VAL N   H    sing N N 357 
VAL N   H2   sing N N 358 
VAL CA  C    sing N N 359 
VAL CA  CB   sing N N 360 
VAL CA  HA   sing N N 361 
VAL C   O    doub N N 362 
VAL C   OXT  sing N N 363 
VAL CB  CG1  sing N N 364 
VAL CB  CG2  sing N N 365 
VAL CB  HB   sing N N 366 
VAL CG1 HG11 sing N N 367 
VAL CG1 HG12 sing N N 368 
VAL CG1 HG13 sing N N 369 
VAL CG2 HG21 sing N N 370 
VAL CG2 HG22 sing N N 371 
VAL CG2 HG23 sing N N 372 
VAL OXT HXT  sing N N 373 
# 
loop_
_pdbx_nmr_spectrometer.spectrometer_id 
_pdbx_nmr_spectrometer.model 
_pdbx_nmr_spectrometer.manufacturer 
_pdbx_nmr_spectrometer.field_strength 
_pdbx_nmr_spectrometer.type 
1 DRX Bruker 500 ? 
2 DRX Bruker 800 ? 
# 
_atom_sites.entry_id                    2E6W 
_atom_sites.fract_transf_matrix[1][1]   1.000000 
_atom_sites.fract_transf_matrix[1][2]   0.000000 
_atom_sites.fract_transf_matrix[1][3]   0.000000 
_atom_sites.fract_transf_matrix[2][1]   0.000000 
_atom_sites.fract_transf_matrix[2][2]   1.000000 
_atom_sites.fract_transf_matrix[2][3]   0.000000 
_atom_sites.fract_transf_matrix[3][1]   0.000000 
_atom_sites.fract_transf_matrix[3][2]   0.000000 
_atom_sites.fract_transf_matrix[3][3]   1.000000 
_atom_sites.fract_transf_vector[1]      0.00000 
_atom_sites.fract_transf_vector[2]      0.00000 
_atom_sites.fract_transf_vector[3]      0.00000 
# 
loop_
_atom_type.symbol 
C  
CA 
H  
N  
O  
S  
# 
loop_
_atom_site.group_PDB 
_atom_site.id 
_atom_site.type_symbol 
_atom_site.label_atom_id 
_atom_site.label_alt_id 
_atom_site.label_comp_id 
_atom_site.label_asym_id 
_atom_site.label_entity_id 
_atom_site.label_seq_id 
_atom_site.pdbx_PDB_ins_code 
_atom_site.Cartn_x 
_atom_site.Cartn_y 
_atom_site.Cartn_z 
_atom_site.occupancy 
_atom_site.B_iso_or_equiv 
_atom_site.pdbx_formal_charge 
_atom_site.auth_seq_id 
_atom_site.auth_comp_id 
_atom_site.auth_asym_id 
_atom_site.auth_atom_id 
_atom_site.pdbx_PDB_model_num 
ATOM   1    N  N    . GLY A 1 5   ? -2.858  0.160   20.803  1.00 3.54 ? 161 GLY A N    1 
ATOM   2    C  CA   . GLY A 1 5   ? -3.355  -0.078  19.461  1.00 2.84 ? 161 GLY A CA   1 
ATOM   3    C  C    . GLY A 1 5   ? -2.671  -1.248  18.784  1.00 2.01 ? 161 GLY A C    1 
ATOM   4    O  O    . GLY A 1 5   ? -3.224  -1.849  17.863  1.00 2.42 ? 161 GLY A O    1 
ATOM   5    H  H    . GLY A 1 5   ? -2.187  0.857   20.959  1.00 3.82 ? 161 GLY A H    1 
ATOM   6    H  HA2  . GLY A 1 5   ? -4.416  -0.277  19.513  1.00 2.94 ? 161 GLY A HA2  1 
ATOM   7    H  HA3  . GLY A 1 5   ? -3.196  0.810   18.867  1.00 3.23 ? 161 GLY A HA3  1 
ATOM   8    N  N    . THR A 1 6   ? -1.459  -1.564  19.235  1.00 1.34 ? 162 THR A N    1 
ATOM   9    C  CA   . THR A 1 6   ? -0.671  -2.666  18.690  1.00 1.02 ? 162 THR A CA   1 
ATOM   10   C  C    . THR A 1 6   ? -0.306  -2.451  17.224  1.00 0.83 ? 162 THR A C    1 
ATOM   11   O  O    . THR A 1 6   ? -0.822  -1.557  16.552  1.00 0.73 ? 162 THR A O    1 
ATOM   12   C  CB   . THR A 1 6   ? -1.383  -4.024  18.854  1.00 1.63 ? 162 THR A CB   1 
ATOM   13   O  OG1  . THR A 1 6   ? -2.296  -3.985  19.958  1.00 2.15 ? 162 THR A OG1  1 
ATOM   14   C  CG2  . THR A 1 6   ? -0.386  -5.149  19.089  1.00 2.39 ? 162 THR A CG2  1 
ATOM   15   H  H    . THR A 1 6   ? -1.079  -1.033  19.965  1.00 1.66 ? 162 THR A H    1 
ATOM   16   H  HA   . THR A 1 6   ? 0.246   -2.706  19.259  1.00 1.47 ? 162 THR A HA   1 
ATOM   17   H  HB   . THR A 1 6   ? -1.933  -4.236  17.950  1.00 1.83 ? 162 THR A HB   1 
ATOM   18   H  HG1  . THR A 1 6   ? -2.997  -4.625  19.815  1.00 2.49 ? 162 THR A HG1  1 
ATOM   19   H  HG21 . THR A 1 6   ? -0.922  -6.073  19.251  1.00 2.87 ? 162 THR A HG21 1 
ATOM   20   H  HG22 . THR A 1 6   ? 0.213   -4.926  19.960  1.00 2.75 ? 162 THR A HG22 1 
ATOM   21   H  HG23 . THR A 1 6   ? 0.254   -5.251  18.227  1.00 2.71 ? 162 THR A HG23 1 
ATOM   22   N  N    . VAL A 1 7   ? 0.617   -3.265  16.723  1.00 0.89 ? 163 VAL A N    1 
ATOM   23   C  CA   . VAL A 1 7   ? 1.057   -3.164  15.337  1.00 0.81 ? 163 VAL A CA   1 
ATOM   24   C  C    . VAL A 1 7   ? 0.188   -4.014  14.414  1.00 0.65 ? 163 VAL A C    1 
ATOM   25   O  O    . VAL A 1 7   ? -0.127  -3.608  13.296  1.00 0.57 ? 163 VAL A O    1 
ATOM   26   C  CB   . VAL A 1 7   ? 2.527   -3.598  15.188  1.00 1.04 ? 163 VAL A CB   1 
ATOM   27   C  CG1  . VAL A 1 7   ? 2.911   -3.714  13.720  1.00 1.31 ? 163 VAL A CG1  1 
ATOM   28   C  CG2  . VAL A 1 7   ? 3.445   -2.623  15.910  1.00 1.52 ? 163 VAL A CG2  1 
ATOM   29   H  H    . VAL A 1 7   ? 1.017   -3.948  17.301  1.00 1.07 ? 163 VAL A H    1 
ATOM   30   H  HA   . VAL A 1 7   ? 0.978   -2.130  15.036  1.00 0.79 ? 163 VAL A HA   1 
ATOM   31   H  HB   . VAL A 1 7   ? 2.642   -4.570  15.644  1.00 1.37 ? 163 VAL A HB   1 
ATOM   32   H  HG11 . VAL A 1 7   ? 3.788   -4.338  13.626  1.00 1.63 ? 163 VAL A HG11 1 
ATOM   33   H  HG12 . VAL A 1 7   ? 3.123   -2.732  13.325  1.00 1.72 ? 163 VAL A HG12 1 
ATOM   34   H  HG13 . VAL A 1 7   ? 2.094   -4.155  13.169  1.00 1.90 ? 163 VAL A HG13 1 
ATOM   35   H  HG21 . VAL A 1 7   ? 4.279   -3.161  16.335  1.00 1.94 ? 163 VAL A HG21 1 
ATOM   36   H  HG22 . VAL A 1 7   ? 2.896   -2.129  16.698  1.00 1.85 ? 163 VAL A HG22 1 
ATOM   37   H  HG23 . VAL A 1 7   ? 3.811   -1.887  15.209  1.00 2.07 ? 163 VAL A HG23 1 
ATOM   38   N  N    . HIS A 1 8   ? -0.201  -5.191  14.895  1.00 0.70 ? 164 HIS A N    1 
ATOM   39   C  CA   . HIS A 1 8   ? -1.027  -6.105  14.114  1.00 0.70 ? 164 HIS A CA   1 
ATOM   40   C  C    . HIS A 1 8   ? -2.393  -5.501  13.810  1.00 0.56 ? 164 HIS A C    1 
ATOM   41   O  O    . HIS A 1 8   ? -2.907  -5.634  12.698  1.00 0.63 ? 164 HIS A O    1 
ATOM   42   C  CB   . HIS A 1 8   ? -1.201  -7.430  14.860  1.00 0.90 ? 164 HIS A CB   1 
ATOM   43   C  CG   . HIS A 1 8   ? 0.073   -8.204  15.008  1.00 1.18 ? 164 HIS A CG   1 
ATOM   44   N  ND1  . HIS A 1 8   ? 0.686   -8.419  16.223  1.00 1.84 ? 164 HIS A ND1  1 
ATOM   45   C  CD2  . HIS A 1 8   ? 0.849   -8.817  14.082  1.00 1.43 ? 164 HIS A CD2  1 
ATOM   46   C  CE1  . HIS A 1 8   ? 1.784   -9.129  16.041  1.00 2.03 ? 164 HIS A CE1  1 
ATOM   47   N  NE2  . HIS A 1 8   ? 1.906   -9.384  14.751  1.00 1.75 ? 164 HIS A NE2  1 
ATOM   48   H  H    . HIS A 1 8   ? 0.075   -5.451  15.798  1.00 0.81 ? 164 HIS A H    1 
ATOM   49   H  HA   . HIS A 1 8   ? -0.518  -6.296  13.182  1.00 0.74 ? 164 HIS A HA   1 
ATOM   50   H  HB2  . HIS A 1 8   ? -1.584  -7.231  15.851  1.00 0.99 ? 164 HIS A HB2  1 
ATOM   51   H  HB3  . HIS A 1 8   ? -1.907  -8.047  14.324  1.00 1.02 ? 164 HIS A HB3  1 
ATOM   52   H  HD1  . HIS A 1 8   ? 0.363   -8.099  17.091  1.00 2.33 ? 164 HIS A HD1  1 
ATOM   53   H  HD2  . HIS A 1 8   ? 0.669   -8.852  13.017  1.00 1.81 ? 164 HIS A HD2  1 
ATOM   54   H  HE1  . HIS A 1 8   ? 2.466   -9.449  16.815  1.00 2.60 ? 164 HIS A HE1  1 
ATOM   55   H  HE2  . HIS A 1 8   ? 2.580   -9.975  14.353  1.00 2.03 ? 164 HIS A HE2  1 
ATOM   56   N  N    . GLU A 1 9   ? -2.982  -4.838  14.801  1.00 0.46 ? 165 GLU A N    1 
ATOM   57   C  CA   . GLU A 1 9   ? -4.290  -4.217  14.630  1.00 0.45 ? 165 GLU A CA   1 
ATOM   58   C  C    . GLU A 1 9   ? -4.229  -3.087  13.608  1.00 0.40 ? 165 GLU A C    1 
ATOM   59   O  O    . GLU A 1 9   ? -5.212  -2.800  12.926  1.00 0.53 ? 165 GLU A O    1 
ATOM   60   C  CB   . GLU A 1 9   ? -4.805  -3.683  15.969  1.00 0.50 ? 165 GLU A CB   1 
ATOM   61   C  CG   . GLU A 1 9   ? -6.074  -4.368  16.449  1.00 1.13 ? 165 GLU A CG   1 
ATOM   62   C  CD   . GLU A 1 9   ? -7.276  -4.038  15.586  1.00 1.77 ? 165 GLU A CD   1 
ATOM   63   O  OE1  . GLU A 1 9   ? -7.658  -2.850  15.531  1.00 2.48 ? 165 GLU A OE1  1 
ATOM   64   O  OE2  . GLU A 1 9   ? -7.834  -4.967  14.966  1.00 2.41 ? 165 GLU A OE2  1 
ATOM   65   H  H    . GLU A 1 9   ? -2.525  -4.763  15.664  1.00 0.49 ? 165 GLU A H    1 
ATOM   66   H  HA   . GLU A 1 9   ? -4.970  -4.974  14.270  1.00 0.57 ? 165 GLU A HA   1 
ATOM   67   H  HB2  . GLU A 1 9   ? -4.039  -3.826  16.718  1.00 0.84 ? 165 GLU A HB2  1 
ATOM   68   H  HB3  . GLU A 1 9   ? -5.007  -2.628  15.869  1.00 0.78 ? 165 GLU A HB3  1 
ATOM   69   H  HG2  . GLU A 1 9   ? -5.920  -5.437  16.431  1.00 1.93 ? 165 GLU A HG2  1 
ATOM   70   H  HG3  . GLU A 1 9   ? -6.278  -4.052  17.461  1.00 1.50 ? 165 GLU A HG3  1 
ATOM   71   N  N    . LYS A 1 10  ? -3.069  -2.446  13.508  1.00 0.31 ? 166 LYS A N    1 
ATOM   72   C  CA   . LYS A 1 10  ? -2.881  -1.348  12.567  1.00 0.33 ? 166 LYS A CA   1 
ATOM   73   C  C    . LYS A 1 10  ? -2.644  -1.876  11.156  1.00 0.29 ? 166 LYS A C    1 
ATOM   74   O  O    . LYS A 1 10  ? -3.014  -1.234  10.173  1.00 0.31 ? 166 LYS A O    1 
ATOM   75   C  CB   . LYS A 1 10  ? -1.703  -0.472  13.001  1.00 0.40 ? 166 LYS A CB   1 
ATOM   76   C  CG   . LYS A 1 10  ? -2.105  0.686   13.899  1.00 0.98 ? 166 LYS A CG   1 
ATOM   77   C  CD   . LYS A 1 10  ? -0.983  1.068   14.851  1.00 1.39 ? 166 LYS A CD   1 
ATOM   78   C  CE   . LYS A 1 10  ? -1.379  2.238   15.737  1.00 1.95 ? 166 LYS A CE   1 
ATOM   79   N  NZ   . LYS A 1 10  ? -0.569  3.453   15.448  1.00 2.77 ? 166 LYS A NZ   1 
ATOM   80   H  H    . LYS A 1 10  ? -2.321  -2.720  14.079  1.00 0.34 ? 166 LYS A H    1 
ATOM   81   H  HA   . LYS A 1 10  ? -3.782  -0.752  12.569  1.00 0.37 ? 166 LYS A HA   1 
ATOM   82   H  HB2  . LYS A 1 10  ? -0.993  -1.085  13.536  1.00 0.66 ? 166 LYS A HB2  1 
ATOM   83   H  HB3  . LYS A 1 10  ? -1.226  -0.069  12.120  1.00 0.82 ? 166 LYS A HB3  1 
ATOM   84   H  HG2  . LYS A 1 10  ? -2.347  1.539   13.283  1.00 1.55 ? 166 LYS A HG2  1 
ATOM   85   H  HG3  . LYS A 1 10  ? -2.972  0.398   14.475  1.00 1.78 ? 166 LYS A HG3  1 
ATOM   86   H  HD2  . LYS A 1 10  ? -0.750  0.219   15.476  1.00 2.10 ? 166 LYS A HD2  1 
ATOM   87   H  HD3  . LYS A 1 10  ? -0.113  1.343   14.273  1.00 1.78 ? 166 LYS A HD3  1 
ATOM   88   H  HE2  . LYS A 1 10  ? -2.421  2.464   15.568  1.00 2.37 ? 166 LYS A HE2  1 
ATOM   89   H  HE3  . LYS A 1 10  ? -1.235  1.956   16.769  1.00 2.24 ? 166 LYS A HE3  1 
ATOM   90   H  HZ1  . LYS A 1 10  ? 0.358   3.383   15.915  1.00 3.21 ? 166 LYS A HZ1  1 
ATOM   91   H  HZ2  . LYS A 1 10  ? -1.059  4.301   15.797  1.00 3.13 ? 166 LYS A HZ2  1 
ATOM   92   H  HZ3  . LYS A 1 10  ? -0.420  3.549   14.423  1.00 3.20 ? 166 LYS A HZ3  1 
ATOM   93   N  N    . LEU A 1 11  ? -2.025  -3.048  11.064  1.00 0.27 ? 167 LEU A N    1 
ATOM   94   C  CA   . LEU A 1 11  ? -1.741  -3.664  9.773   1.00 0.26 ? 167 LEU A CA   1 
ATOM   95   C  C    . LEU A 1 11  ? -3.035  -4.029  9.054   1.00 0.23 ? 167 LEU A C    1 
ATOM   96   O  O    . LEU A 1 11  ? -3.203  -3.737  7.870   1.00 0.25 ? 167 LEU A O    1 
ATOM   97   C  CB   . LEU A 1 11  ? -0.876  -4.911  9.958   1.00 0.30 ? 167 LEU A CB   1 
ATOM   98   C  CG   . LEU A 1 11  ? 0.554   -4.644  10.433  1.00 0.58 ? 167 LEU A CG   1 
ATOM   99   C  CD1  . LEU A 1 11  ? 1.343   -5.943  10.511  1.00 1.34 ? 167 LEU A CD1  1 
ATOM   100  C  CD2  . LEU A 1 11  ? 1.246   -3.653  9.508   1.00 1.23 ? 167 LEU A CD2  1 
ATOM   101  H  H    . LEU A 1 11  ? -1.752  -3.510  11.884  1.00 0.28 ? 167 LEU A H    1 
ATOM   102  H  HA   . LEU A 1 11  ? -1.200  -2.945  9.175   1.00 0.31 ? 167 LEU A HA   1 
ATOM   103  H  HB2  . LEU A 1 11  ? -1.358  -5.555  10.679  1.00 0.52 ? 167 LEU A HB2  1 
ATOM   104  H  HB3  . LEU A 1 11  ? -0.824  -5.432  9.013   1.00 0.46 ? 167 LEU A HB3  1 
ATOM   105  H  HG   . LEU A 1 11  ? 0.522   -4.213  11.423  1.00 1.46 ? 167 LEU A HG   1 
ATOM   106  H  HD11 . LEU A 1 11  ? 1.673   -6.223  9.522   1.00 1.78 ? 167 LEU A HD11 1 
ATOM   107  H  HD12 . LEU A 1 11  ? 0.713   -6.722  10.914  1.00 2.00 ? 167 LEU A HD12 1 
ATOM   108  H  HD13 . LEU A 1 11  ? 2.200   -5.805  11.152  1.00 1.92 ? 167 LEU A HD13 1 
ATOM   109  H  HD21 . LEU A 1 11  ? 0.884   -3.789  8.499   1.00 1.84 ? 167 LEU A HD21 1 
ATOM   110  H  HD22 . LEU A 1 11  ? 2.312   -3.822  9.533   1.00 1.73 ? 167 LEU A HD22 1 
ATOM   111  H  HD23 . LEU A 1 11  ? 1.033   -2.646  9.834   1.00 1.84 ? 167 LEU A HD23 1 
ATOM   112  N  N    . LYS A 1 12  ? -3.948  -4.667  9.779   1.00 0.22 ? 168 LYS A N    1 
ATOM   113  C  CA   . LYS A 1 12  ? -5.231  -5.066  9.212   1.00 0.25 ? 168 LYS A CA   1 
ATOM   114  C  C    . LYS A 1 12  ? -6.068  -3.840  8.862   1.00 0.28 ? 168 LYS A C    1 
ATOM   115  O  O    . LYS A 1 12  ? -6.888  -3.876  7.945   1.00 0.31 ? 168 LYS A O    1 
ATOM   116  C  CB   . LYS A 1 12  ? -5.993  -5.956  10.196  1.00 0.30 ? 168 LYS A CB   1 
ATOM   117  C  CG   . LYS A 1 12  ? -6.775  -7.074  9.526   1.00 0.81 ? 168 LYS A CG   1 
ATOM   118  C  CD   . LYS A 1 12  ? -7.887  -7.592  10.424  1.00 1.04 ? 168 LYS A CD   1 
ATOM   119  C  CE   . LYS A 1 12  ? -8.658  -8.721  9.759   1.00 1.63 ? 168 LYS A CE   1 
ATOM   120  N  NZ   . LYS A 1 12  ? -9.288  -9.626  10.759  1.00 2.32 ? 168 LYS A NZ   1 
ATOM   121  H  H    . LYS A 1 12  ? -3.755  -4.874  10.717  1.00 0.24 ? 168 LYS A H    1 
ATOM   122  H  HA   . LYS A 1 12  ? -5.036  -5.626  8.310   1.00 0.25 ? 168 LYS A HA   1 
ATOM   123  H  HB2  . LYS A 1 12  ? -5.288  -6.401  10.882  1.00 0.67 ? 168 LYS A HB2  1 
ATOM   124  H  HB3  . LYS A 1 12  ? -6.687  -5.345  10.754  1.00 0.70 ? 168 LYS A HB3  1 
ATOM   125  H  HG2  . LYS A 1 12  ? -7.211  -6.697  8.612   1.00 1.17 ? 168 LYS A HG2  1 
ATOM   126  H  HG3  . LYS A 1 12  ? -6.101  -7.886  9.298   1.00 1.14 ? 168 LYS A HG3  1 
ATOM   127  H  HD2  . LYS A 1 12  ? -7.453  -7.957  11.343  1.00 1.43 ? 168 LYS A HD2  1 
ATOM   128  H  HD3  . LYS A 1 12  ? -8.567  -6.782  10.641  1.00 1.32 ? 168 LYS A HD3  1 
ATOM   129  H  HE2  . LYS A 1 12  ? -9.431  -8.295  9.137   1.00 1.99 ? 168 LYS A HE2  1 
ATOM   130  H  HE3  . LYS A 1 12  ? -7.978  -9.293  9.147   1.00 2.19 ? 168 LYS A HE3  1 
ATOM   131  H  HZ1  . LYS A 1 12  ? -8.653  -9.759  11.572  1.00 2.76 ? 168 LYS A HZ1  1 
ATOM   132  H  HZ2  . LYS A 1 12  ? -9.483  -10.553 10.330  1.00 2.79 ? 168 LYS A HZ2  1 
ATOM   133  H  HZ3  . LYS A 1 12  ? -10.184 -9.219  11.096  1.00 2.64 ? 168 LYS A HZ3  1 
ATOM   134  N  N    . TRP A 1 13  ? -5.852  -2.757  9.600   1.00 0.30 ? 169 TRP A N    1 
ATOM   135  C  CA   . TRP A 1 13  ? -6.581  -1.515  9.370   1.00 0.36 ? 169 TRP A CA   1 
ATOM   136  C  C    . TRP A 1 13  ? -6.237  -0.935  8.002   1.00 0.36 ? 169 TRP A C    1 
ATOM   137  O  O    . TRP A 1 13  ? -7.115  -0.475  7.272   1.00 0.40 ? 169 TRP A O    1 
ATOM   138  C  CB   . TRP A 1 13  ? -6.254  -0.499  10.466  1.00 0.39 ? 169 TRP A CB   1 
ATOM   139  C  CG   . TRP A 1 13  ? -7.248  0.618   10.558  1.00 0.50 ? 169 TRP A CG   1 
ATOM   140  C  CD1  . TRP A 1 13  ? -8.389  0.642   11.308  1.00 0.57 ? 169 TRP A CD1  1 
ATOM   141  C  CD2  . TRP A 1 13  ? -7.191  1.875   9.873   1.00 0.58 ? 169 TRP A CD2  1 
ATOM   142  N  NE1  . TRP A 1 13  ? -9.044  1.835   11.132  1.00 0.67 ? 169 TRP A NE1  1 
ATOM   143  C  CE2  . TRP A 1 13  ? -8.331  2.610   10.257  1.00 0.67 ? 169 TRP A CE2  1 
ATOM   144  C  CE3  . TRP A 1 13  ? -6.288  2.452   8.974   1.00 0.60 ? 169 TRP A CE3  1 
ATOM   145  C  CZ2  . TRP A 1 13  ? -8.588  3.890   9.772   1.00 0.77 ? 169 TRP A CZ2  1 
ATOM   146  C  CZ3  . TRP A 1 13  ? -6.547  3.721   8.495   1.00 0.71 ? 169 TRP A CZ3  1 
ATOM   147  C  CH2  . TRP A 1 13  ? -7.687  4.429   8.894   1.00 0.79 ? 169 TRP A CH2  1 
ATOM   148  H  H    . TRP A 1 13  ? -5.186  -2.793  10.319  1.00 0.29 ? 169 TRP A H    1 
ATOM   149  H  HA   . TRP A 1 13  ? -7.637  -1.738  9.399   1.00 0.39 ? 169 TRP A HA   1 
ATOM   150  H  HB2  . TRP A 1 13  ? -6.232  -1.004  11.420  1.00 0.38 ? 169 TRP A HB2  1 
ATOM   151  H  HB3  . TRP A 1 13  ? -5.284  -0.068  10.270  1.00 0.39 ? 169 TRP A HB3  1 
ATOM   152  H  HD1  . TRP A 1 13  ? -8.715  -0.169  11.943  1.00 0.57 ? 169 TRP A HD1  1 
ATOM   153  H  HE1  . TRP A 1 13  ? -9.886  2.090   11.564  1.00 0.73 ? 169 TRP A HE1  1 
ATOM   154  H  HE3  . TRP A 1 13  ? -5.403  1.922   8.656   1.00 0.55 ? 169 TRP A HE3  1 
ATOM   155  H  HZ2  . TRP A 1 13  ? -9.462  4.449   10.070  1.00 0.85 ? 169 TRP A HZ2  1 
ATOM   156  H  HZ3  . TRP A 1 13  ? -5.860  4.182   7.799   1.00 0.75 ? 169 TRP A HZ3  1 
ATOM   157  H  HH2  . TRP A 1 13  ? -7.849  5.418   8.492   1.00 0.88 ? 169 TRP A HH2  1 
ATOM   158  N  N    . ALA A 1 14  ? -4.952  -0.962  7.661   1.00 0.35 ? 170 ALA A N    1 
ATOM   159  C  CA   . ALA A 1 14  ? -4.491  -0.443  6.380   1.00 0.38 ? 170 ALA A CA   1 
ATOM   160  C  C    . ALA A 1 14  ? -5.051  -1.267  5.225   1.00 0.36 ? 170 ALA A C    1 
ATOM   161  O  O    . ALA A 1 14  ? -5.435  -0.722  4.190   1.00 0.39 ? 170 ALA A O    1 
ATOM   162  C  CB   . ALA A 1 14  ? -2.970  -0.430  6.332   1.00 0.40 ? 170 ALA A CB   1 
ATOM   163  H  H    . ALA A 1 14  ? -4.300  -1.340  8.287   1.00 0.33 ? 170 ALA A H    1 
ATOM   164  H  HA   . ALA A 1 14  ? -4.840  0.574   6.286   1.00 0.43 ? 170 ALA A HA   1 
ATOM   165  H  HB1  . ALA A 1 14  ? -2.617  -1.341  5.871   1.00 1.10 ? 170 ALA A HB1  1 
ATOM   166  H  HB2  . ALA A 1 14  ? -2.579  -0.360  7.336   1.00 1.01 ? 170 ALA A HB2  1 
ATOM   167  H  HB3  . ALA A 1 14  ? -2.635  0.419   5.754   1.00 1.11 ? 170 ALA A HB3  1 
ATOM   168  N  N    . PHE A 1 15  ? -5.094  -2.582  5.410   1.00 0.30 ? 171 PHE A N    1 
ATOM   169  C  CA   . PHE A 1 15  ? -5.613  -3.479  4.384   1.00 0.28 ? 171 PHE A CA   1 
ATOM   170  C  C    . PHE A 1 15  ? -7.099  -3.229  4.154   1.00 0.31 ? 171 PHE A C    1 
ATOM   171  O  O    . PHE A 1 15  ? -7.585  -3.314  3.027   1.00 0.33 ? 171 PHE A O    1 
ATOM   172  C  CB   . PHE A 1 15  ? -5.384  -4.938  4.786   1.00 0.23 ? 171 PHE A CB   1 
ATOM   173  C  CG   . PHE A 1 15  ? -5.335  -5.884  3.619   1.00 0.21 ? 171 PHE A CG   1 
ATOM   174  C  CD1  . PHE A 1 15  ? -6.504  -6.336  3.029   1.00 1.21 ? 171 PHE A CD1  1 
ATOM   175  C  CD2  . PHE A 1 15  ? -4.122  -6.326  3.118   1.00 1.19 ? 171 PHE A CD2  1 
ATOM   176  C  CE1  . PHE A 1 15  ? -6.465  -7.208  1.957   1.00 1.21 ? 171 PHE A CE1  1 
ATOM   177  C  CE2  . PHE A 1 15  ? -4.075  -7.199  2.048   1.00 1.20 ? 171 PHE A CE2  1 
ATOM   178  C  CZ   . PHE A 1 15  ? -5.248  -7.640  1.466   1.00 0.18 ? 171 PHE A CZ   1 
ATOM   179  H  H    . PHE A 1 15  ? -4.768  -2.958  6.255   1.00 0.29 ? 171 PHE A H    1 
ATOM   180  H  HA   . PHE A 1 15  ? -5.079  -3.279  3.468   1.00 0.30 ? 171 PHE A HA   1 
ATOM   181  H  HB2  . PHE A 1 15  ? -4.446  -5.016  5.314   1.00 0.24 ? 171 PHE A HB2  1 
ATOM   182  H  HB3  . PHE A 1 15  ? -6.185  -5.254  5.437   1.00 0.24 ? 171 PHE A HB3  1 
ATOM   183  H  HD1  . PHE A 1 15  ? -7.456  -5.997  3.412   1.00 2.14 ? 171 PHE A HD1  1 
ATOM   184  H  HD2  . PHE A 1 15  ? -3.204  -5.981  3.571   1.00 2.12 ? 171 PHE A HD2  1 
ATOM   185  H  HE1  . PHE A 1 15  ? -7.383  -7.551  1.505   1.00 2.13 ? 171 PHE A HE1  1 
ATOM   186  H  HE2  . PHE A 1 15  ? -3.124  -7.542  1.669   1.00 2.12 ? 171 PHE A HE2  1 
ATOM   187  H  HZ   . PHE A 1 15  ? -5.214  -8.321  0.629   1.00 0.18 ? 171 PHE A HZ   1 
ATOM   188  N  N    . ASN A 1 16  ? -7.816  -2.923  5.230   1.00 0.33 ? 172 ASN A N    1 
ATOM   189  C  CA   . ASN A 1 16  ? -9.247  -2.657  5.143   1.00 0.38 ? 172 ASN A CA   1 
ATOM   190  C  C    . ASN A 1 16  ? -9.512  -1.397  4.326   1.00 0.43 ? 172 ASN A C    1 
ATOM   191  O  O    . ASN A 1 16  ? -10.528 -1.290  3.639   1.00 0.48 ? 172 ASN A O    1 
ATOM   192  C  CB   . ASN A 1 16  ? -9.847  -2.508  6.542   1.00 0.40 ? 172 ASN A CB   1 
ATOM   193  C  CG   . ASN A 1 16  ? -11.000 -3.464  6.782   1.00 0.85 ? 172 ASN A CG   1 
ATOM   194  O  OD1  . ASN A 1 16  ? -11.116 -4.493  6.117   1.00 1.62 ? 172 ASN A OD1  1 
ATOM   195  N  ND2  . ASN A 1 16  ? -11.860 -3.127  7.737   1.00 1.50 ? 172 ASN A ND2  1 
ATOM   196  H  H    . ASN A 1 16  ? -7.373  -2.875  6.103   1.00 0.32 ? 172 ASN A H    1 
ATOM   197  H  HA   . ASN A 1 16  ? -9.712  -3.497  4.648   1.00 0.38 ? 172 ASN A HA   1 
ATOM   198  H  HB2  . ASN A 1 16  ? -9.082  -2.705  7.279   1.00 0.66 ? 172 ASN A HB2  1 
ATOM   199  H  HB3  . ASN A 1 16  ? -10.210 -1.498  6.667   1.00 0.72 ? 172 ASN A HB3  1 
ATOM   200  H  HD21 . ASN A 1 16  ? -11.704 -2.292  8.225   1.00 1.99 ? 172 ASN A HD21 1 
ATOM   201  H  HD22 . ASN A 1 16  ? -12.614 -3.726  7.913   1.00 1.86 ? 172 ASN A HD22 1 
ATOM   202  N  N    . LEU A 1 17  ? -8.587  -0.445  4.404   1.00 0.44 ? 173 LEU A N    1 
ATOM   203  C  CA   . LEU A 1 17  ? -8.713  0.809   3.671   1.00 0.50 ? 173 LEU A CA   1 
ATOM   204  C  C    . LEU A 1 17  ? -8.285  0.630   2.218   1.00 0.45 ? 173 LEU A C    1 
ATOM   205  O  O    . LEU A 1 17  ? -8.740  1.352   1.332   1.00 0.48 ? 173 LEU A O    1 
ATOM   206  C  CB   . LEU A 1 17  ? -7.869  1.897   4.337   1.00 0.58 ? 173 LEU A CB   1 
ATOM   207  C  CG   . LEU A 1 17  ? -7.689  3.175   3.515   1.00 0.77 ? 173 LEU A CG   1 
ATOM   208  C  CD1  . LEU A 1 17  ? -9.035  3.825   3.236   1.00 0.96 ? 173 LEU A CD1  1 
ATOM   209  C  CD2  . LEU A 1 17  ? -6.766  4.145   4.238   1.00 1.04 ? 173 LEU A CD2  1 
ATOM   210  H  H    . LEU A 1 17  ? -7.801  -0.590  4.971   1.00 0.42 ? 173 LEU A H    1 
ATOM   211  H  HA   . LEU A 1 17  ? -9.752  1.104   3.695   1.00 0.54 ? 173 LEU A HA   1 
ATOM   212  H  HB2  . LEU A 1 17  ? -8.335  2.159   5.276   1.00 0.68 ? 173 LEU A HB2  1 
ATOM   213  H  HB3  . LEU A 1 17  ? -6.890  1.488   4.543   1.00 0.52 ? 173 LEU A HB3  1 
ATOM   214  H  HG   . LEU A 1 17  ? -7.235  2.924   2.567   1.00 0.71 ? 173 LEU A HG   1 
ATOM   215  H  HD11 . LEU A 1 17  ? -8.921  4.899   3.225   1.00 1.52 ? 173 LEU A HD11 1 
ATOM   216  H  HD12 . LEU A 1 17  ? -9.738  3.546   4.006   1.00 1.41 ? 173 LEU A HD12 1 
ATOM   217  H  HD13 . LEU A 1 17  ? -9.402  3.494   2.276   1.00 1.27 ? 173 LEU A HD13 1 
ATOM   218  H  HD21 . LEU A 1 17  ? -5.765  3.740   4.262   1.00 1.43 ? 173 LEU A HD21 1 
ATOM   219  H  HD22 . LEU A 1 17  ? -7.119  4.292   5.248   1.00 1.44 ? 173 LEU A HD22 1 
ATOM   220  H  HD23 . LEU A 1 17  ? -6.760  5.091   3.717   1.00 1.57 ? 173 LEU A HD23 1 
ATOM   221  N  N    . TYR A 1 18  ? -7.408  -0.341  1.983   1.00 0.39 ? 174 TYR A N    1 
ATOM   222  C  CA   . TYR A 1 18  ? -6.917  -0.619  0.638   1.00 0.35 ? 174 TYR A CA   1 
ATOM   223  C  C    . TYR A 1 18  ? -7.902  -1.494  -0.129  1.00 0.29 ? 174 TYR A C    1 
ATOM   224  O  O    . TYR A 1 18  ? -8.458  -1.075  -1.144  1.00 0.28 ? 174 TYR A O    1 
ATOM   225  C  CB   . TYR A 1 18  ? -5.549  -1.302  0.706   1.00 0.36 ? 174 TYR A CB   1 
ATOM   226  C  CG   . TYR A 1 18  ? -4.394  -0.337  0.848   1.00 0.39 ? 174 TYR A CG   1 
ATOM   227  C  CD1  . TYR A 1 18  ? -4.556  0.881   1.496   1.00 1.22 ? 174 TYR A CD1  1 
ATOM   228  C  CD2  . TYR A 1 18  ? -3.140  -0.645  0.334   1.00 1.24 ? 174 TYR A CD2  1 
ATOM   229  C  CE1  . TYR A 1 18  ? -3.501  1.765   1.628   1.00 1.25 ? 174 TYR A CE1  1 
ATOM   230  C  CE2  . TYR A 1 18  ? -2.081  0.233   0.461   1.00 1.26 ? 174 TYR A CE2  1 
ATOM   231  C  CZ   . TYR A 1 18  ? -2.266  1.437   1.109   1.00 0.48 ? 174 TYR A CZ   1 
ATOM   232  O  OH   . TYR A 1 18  ? -1.214  2.314   1.238   1.00 0.53 ? 174 TYR A OH   1 
ATOM   233  H  H    . TYR A 1 18  ? -7.083  -0.883  2.731   1.00 0.38 ? 174 TYR A H    1 
ATOM   234  H  HA   . TYR A 1 18  ? -6.813  0.323   0.121   1.00 0.36 ? 174 TYR A HA   1 
ATOM   235  H  HB2  . TYR A 1 18  ? -5.530  -1.969  1.555   1.00 0.39 ? 174 TYR A HB2  1 
ATOM   236  H  HB3  . TYR A 1 18  ? -5.395  -1.874  -0.197  1.00 0.36 ? 174 TYR A HB3  1 
ATOM   237  H  HD1  . TYR A 1 18  ? -5.523  1.135   1.903   1.00 2.10 ? 174 TYR A HD1  1 
ATOM   238  H  HD2  . TYR A 1 18  ? -2.999  -1.589  -0.173  1.00 2.12 ? 174 TYR A HD2  1 
ATOM   239  H  HE1  . TYR A 1 18  ? -3.647  2.706   2.136   1.00 2.13 ? 174 TYR A HE1  1 
ATOM   240  H  HE2  . TYR A 1 18  ? -1.115  -0.025  0.054   1.00 2.14 ? 174 TYR A HE2  1 
ATOM   241  H  HH   . TYR A 1 18  ? -0.750  2.137   2.059   1.00 0.85 ? 174 TYR A HH   1 
ATOM   242  N  N    . ASP A 1 19  ? -8.111  -2.712  0.361   1.00 0.26 ? 175 ASP A N    1 
ATOM   243  C  CA   . ASP A 1 19  ? -9.035  -3.644  -0.274  1.00 0.22 ? 175 ASP A CA   1 
ATOM   244  C  C    . ASP A 1 19  ? -10.462 -3.110  -0.203  1.00 0.26 ? 175 ASP A C    1 
ATOM   245  O  O    . ASP A 1 19  ? -11.148 -3.267  0.807   1.00 0.32 ? 175 ASP A O    1 
ATOM   246  C  CB   . ASP A 1 19  ? -8.950  -5.014  0.401   1.00 0.22 ? 175 ASP A CB   1 
ATOM   247  C  CG   . ASP A 1 19  ? -9.013  -6.158  -0.594  1.00 0.22 ? 175 ASP A CG   1 
ATOM   248  O  OD1  . ASP A 1 19  ? -9.208  -5.889  -1.798  1.00 0.37 ? 175 ASP A OD1  1 
ATOM   249  O  OD2  . ASP A 1 19  ? -8.866  -7.322  -0.169  1.00 0.19 ? 175 ASP A OD2  1 
ATOM   250  H  H    . ASP A 1 19  ? -7.631  -2.991  1.169   1.00 0.28 ? 175 ASP A H    1 
ATOM   251  H  HA   . ASP A 1 19  ? -8.749  -3.742  -1.311  1.00 0.19 ? 175 ASP A HA   1 
ATOM   252  H  HB2  . ASP A 1 19  ? -8.017  -5.085  0.941   1.00 0.23 ? 175 ASP A HB2  1 
ATOM   253  H  HB3  . ASP A 1 19  ? -9.770  -5.119  1.095   1.00 0.27 ? 175 ASP A HB3  1 
ATOM   254  N  N    . ILE A 1 20  ? -10.899 -2.477  -1.287  1.00 0.27 ? 176 ILE A N    1 
ATOM   255  C  CA   . ILE A 1 20  ? -12.236 -1.899  -1.356  1.00 0.33 ? 176 ILE A CA   1 
ATOM   256  C  C    . ILE A 1 20  ? -13.326 -2.961  -1.250  1.00 0.33 ? 176 ILE A C    1 
ATOM   257  O  O    . ILE A 1 20  ? -14.279 -2.808  -0.486  1.00 0.39 ? 176 ILE A O    1 
ATOM   258  C  CB   . ILE A 1 20  ? -12.436 -1.111  -2.664  1.00 0.36 ? 176 ILE A CB   1 
ATOM   259  C  CG1  . ILE A 1 20  ? -11.553 0.139   -2.672  1.00 0.54 ? 176 ILE A CG1  1 
ATOM   260  C  CG2  . ILE A 1 20  ? -13.899 -0.735  -2.838  1.00 0.49 ? 176 ILE A CG2  1 
ATOM   261  C  CD1  . ILE A 1 20  ? -11.535 0.856   -4.004  1.00 0.98 ? 176 ILE A CD1  1 
ATOM   262  H  H    . ILE A 1 20  ? -10.306 -2.397  -2.062  1.00 0.26 ? 176 ILE A H    1 
ATOM   263  H  HA   . ILE A 1 20  ? -12.342 -1.210  -0.530  1.00 0.38 ? 176 ILE A HA   1 
ATOM   264  H  HB   . ILE A 1 20  ? -12.153 -1.749  -3.488  1.00 0.40 ? 176 ILE A HB   1 
ATOM   265  H  HG12 . ILE A 1 20  ? -11.915 0.832   -1.928  1.00 1.28 ? 176 ILE A HG12 1 
ATOM   266  H  HG13 . ILE A 1 20  ? -10.538 -0.143  -2.432  1.00 1.24 ? 176 ILE A HG13 1 
ATOM   267  H  HG21 . ILE A 1 20  ? -13.971 0.156   -3.444  1.00 1.03 ? 176 ILE A HG21 1 
ATOM   268  H  HG22 . ILE A 1 20  ? -14.340 -0.550  -1.871  1.00 1.16 ? 176 ILE A HG22 1 
ATOM   269  H  HG23 . ILE A 1 20  ? -14.423 -1.544  -3.325  1.00 1.09 ? 176 ILE A HG23 1 
ATOM   270  H  HD11 . ILE A 1 20  ? -11.111 0.208   -4.757  1.00 1.56 ? 176 ILE A HD11 1 
ATOM   271  H  HD12 . ILE A 1 20  ? -10.937 1.752   -3.923  1.00 1.67 ? 176 ILE A HD12 1 
ATOM   272  H  HD13 . ILE A 1 20  ? -12.544 1.121   -4.284  1.00 1.55 ? 176 ILE A HD13 1 
ATOM   273  N  N    . ASN A 1 21  ? -13.183 -4.037  -2.017  1.00 0.29 ? 177 ASN A N    1 
ATOM   274  C  CA   . ASN A 1 21  ? -14.168 -5.113  -2.013  1.00 0.32 ? 177 ASN A CA   1 
ATOM   275  C  C    . ASN A 1 21  ? -14.079 -5.951  -0.742  1.00 0.34 ? 177 ASN A C    1 
ATOM   276  O  O    . ASN A 1 21  ? -15.009 -6.693  -0.425  1.00 0.39 ? 177 ASN A O    1 
ATOM   277  C  CB   . ASN A 1 21  ? -13.980 -6.008  -3.240  1.00 0.32 ? 177 ASN A CB   1 
ATOM   278  C  CG   . ASN A 1 21  ? -12.529 -6.384  -3.467  1.00 0.34 ? 177 ASN A CG   1 
ATOM   279  O  OD1  . ASN A 1 21  ? -11.714 -6.344  -2.546  1.00 0.37 ? 177 ASN A OD1  1 
ATOM   280  N  ND2  . ASN A 1 21  ? -12.200 -6.753  -4.700  1.00 0.63 ? 177 ASN A ND2  1 
ATOM   281  H  H    . ASN A 1 21  ? -12.399 -4.109  -2.599  1.00 0.28 ? 177 ASN A H    1 
ATOM   282  H  HA   . ASN A 1 21  ? -15.147 -4.661  -2.061  1.00 0.36 ? 177 ASN A HA   1 
ATOM   283  H  HB2  . ASN A 1 21  ? -14.551 -6.915  -3.107  1.00 0.35 ? 177 ASN A HB2  1 
ATOM   284  H  HB3  . ASN A 1 21  ? -14.339 -5.486  -4.115  1.00 0.32 ? 177 ASN A HB3  1 
ATOM   285  H  HD21 . ASN A 1 21  ? -12.903 -6.762  -5.384  1.00 0.85 ? 177 ASN A HD21 1 
ATOM   286  H  HD22 . ASN A 1 21  ? -11.269 -7.001  -4.875  1.00 0.66 ? 177 ASN A HD22 1 
ATOM   287  N  N    . LYS A 1 22  ? -12.960 -5.824  -0.036  1.00 0.32 ? 178 LYS A N    1 
ATOM   288  C  CA   . LYS A 1 22  ? -12.719 -6.560  1.202   1.00 0.34 ? 178 LYS A CA   1 
ATOM   289  C  C    . LYS A 1 22  ? -12.769 -8.067  0.969   1.00 0.35 ? 178 LYS A C    1 
ATOM   290  O  O    . LYS A 1 22  ? -13.374 -8.806  1.745   1.00 0.43 ? 178 LYS A O    1 
ATOM   291  C  CB   . LYS A 1 22  ? -13.728 -6.159  2.280   1.00 0.41 ? 178 LYS A CB   1 
ATOM   292  C  CG   . LYS A 1 22  ? -13.312 -4.934  3.077   1.00 1.02 ? 178 LYS A CG   1 
ATOM   293  C  CD   . LYS A 1 22  ? -14.496 -4.316  3.805   1.00 1.52 ? 178 LYS A CD   1 
ATOM   294  C  CE   . LYS A 1 22  ? -14.098 -3.797  5.177   1.00 2.32 ? 178 LYS A CE   1 
ATOM   295  N  NZ   . LYS A 1 22  ? -15.237 -3.141  5.874   1.00 3.01 ? 178 LYS A NZ   1 
ATOM   296  H  H    . LYS A 1 22  ? -12.266 -5.212  -0.359  1.00 0.29 ? 178 LYS A H    1 
ATOM   297  H  HA   . LYS A 1 22  ? -11.728 -6.301  1.545   1.00 0.32 ? 178 LYS A HA   1 
ATOM   298  H  HB2  . LYS A 1 22  ? -14.678 -5.951  1.809   1.00 0.68 ? 178 LYS A HB2  1 
ATOM   299  H  HB3  . LYS A 1 22  ? -13.851 -6.984  2.966   1.00 0.83 ? 178 LYS A HB3  1 
ATOM   300  H  HG2  . LYS A 1 22  ? -12.569 -5.225  3.805   1.00 1.37 ? 178 LYS A HG2  1 
ATOM   301  H  HG3  . LYS A 1 22  ? -12.893 -4.203  2.403   1.00 1.29 ? 178 LYS A HG3  1 
ATOM   302  H  HD2  . LYS A 1 22  ? -14.877 -3.494  3.217   1.00 1.88 ? 178 LYS A HD2  1 
ATOM   303  H  HD3  . LYS A 1 22  ? -15.265 -5.065  3.921   1.00 1.88 ? 178 LYS A HD3  1 
ATOM   304  H  HE2  . LYS A 1 22  ? -13.752 -4.627  5.775   1.00 2.77 ? 178 LYS A HE2  1 
ATOM   305  H  HE3  . LYS A 1 22  ? -13.298 -3.081  5.058   1.00 2.76 ? 178 LYS A HE3  1 
ATOM   306  H  HZ1  . LYS A 1 22  ? -15.787 -3.846  6.405   1.00 3.44 ? 178 LYS A HZ1  1 
ATOM   307  H  HZ2  . LYS A 1 22  ? -15.861 -2.679  5.182   1.00 3.29 ? 178 LYS A HZ2  1 
ATOM   308  H  HZ3  . LYS A 1 22  ? -14.885 -2.423  6.539   1.00 3.40 ? 178 LYS A HZ3  1 
ATOM   309  N  N    . ASP A 1 23  ? -12.127 -8.514  -0.105  1.00 0.29 ? 179 ASP A N    1 
ATOM   310  C  CA   . ASP A 1 23  ? -12.099 -9.932  -0.442  1.00 0.30 ? 179 ASP A CA   1 
ATOM   311  C  C    . ASP A 1 23  ? -10.778 -10.567 -0.019  1.00 0.27 ? 179 ASP A C    1 
ATOM   312  O  O    . ASP A 1 23  ? -10.541 -11.751 -0.261  1.00 0.29 ? 179 ASP A O    1 
ATOM   313  C  CB   . ASP A 1 23  ? -12.323 -10.123 -1.943  1.00 0.31 ? 179 ASP A CB   1 
ATOM   314  C  CG   . ASP A 1 23  ? -11.066 -9.890  -2.759  1.00 0.26 ? 179 ASP A CG   1 
ATOM   315  O  OD1  . ASP A 1 23  ? -10.599 -8.734  -2.817  1.00 0.26 ? 179 ASP A OD1  1 
ATOM   316  O  OD2  . ASP A 1 23  ? -10.553 -10.867 -3.344  1.00 0.30 ? 179 ASP A OD2  1 
ATOM   317  H  H    . ASP A 1 23  ? -11.661 -7.875  -0.686  1.00 0.26 ? 179 ASP A H    1 
ATOM   318  H  HA   . ASP A 1 23  ? -12.902 -10.414 0.095   1.00 0.35 ? 179 ASP A HA   1 
ATOM   319  H  HB2  . ASP A 1 23  ? -12.662 -11.133 -2.124  1.00 0.35 ? 179 ASP A HB2  1 
ATOM   320  H  HB3  . ASP A 1 23  ? -13.080 -9.430  -2.278  1.00 0.33 ? 179 ASP A HB3  1 
ATOM   321  N  N    . GLY A 1 24  ? -9.922  -9.773  0.615   1.00 0.24 ? 180 GLY A N    1 
ATOM   322  C  CA   . GLY A 1 24  ? -8.635  -10.274 1.065   1.00 0.23 ? 180 GLY A CA   1 
ATOM   323  C  C    . GLY A 1 24  ? -7.587  -10.228 -0.030  1.00 0.19 ? 180 GLY A C    1 
ATOM   324  O  O    . GLY A 1 24  ? -6.439  -10.617 0.183   1.00 0.19 ? 180 GLY A O    1 
ATOM   325  H  H    . GLY A 1 24  ? -10.160 -8.836  0.772   1.00 0.24 ? 180 GLY A H    1 
ATOM   326  H  HA2  . GLY A 1 24  ? -8.299  -9.675  1.897   1.00 0.24 ? 180 GLY A HA2  1 
ATOM   327  H  HA3  . GLY A 1 24  ? -8.753  -11.295 1.394   1.00 0.25 ? 180 GLY A HA3  1 
ATOM   328  N  N    . TYR A 1 25  ? -7.988  -9.751  -1.203  1.00 0.17 ? 181 TYR A N    1 
ATOM   329  C  CA   . TYR A 1 25  ? -7.083  -9.658  -2.342  1.00 0.15 ? 181 TYR A CA   1 
ATOM   330  C  C    . TYR A 1 25  ? -7.076  -8.249  -2.927  1.00 0.14 ? 181 TYR A C    1 
ATOM   331  O  O    . TYR A 1 25  ? -8.089  -7.778  -3.445  1.00 0.17 ? 181 TYR A O    1 
ATOM   332  C  CB   . TYR A 1 25  ? -7.492  -10.646 -3.437  1.00 0.18 ? 181 TYR A CB   1 
ATOM   333  C  CG   . TYR A 1 25  ? -7.386  -12.105 -3.051  1.00 0.20 ? 181 TYR A CG   1 
ATOM   334  C  CD1  . TYR A 1 25  ? -8.315  -12.690 -2.200  1.00 1.24 ? 181 TYR A CD1  1 
ATOM   335  C  CD2  . TYR A 1 25  ? -6.363  -12.902 -3.552  1.00 1.17 ? 181 TYR A CD2  1 
ATOM   336  C  CE1  . TYR A 1 25  ? -8.228  -14.025 -1.856  1.00 1.27 ? 181 TYR A CE1  1 
ATOM   337  C  CE2  . TYR A 1 25  ? -6.272  -14.239 -3.216  1.00 1.16 ? 181 TYR A CE2  1 
ATOM   338  C  CZ   . TYR A 1 25  ? -7.204  -14.796 -2.367  1.00 0.27 ? 181 TYR A CZ   1 
ATOM   339  O  OH   . TYR A 1 25  ? -7.115  -16.126 -2.028  1.00 0.31 ? 181 TYR A OH   1 
ATOM   340  H  H    . TYR A 1 25  ? -8.917  -9.456  -1.305  1.00 0.18 ? 181 TYR A H    1 
ATOM   341  H  HA   . TYR A 1 25  ? -6.089  -9.902  -1.999  1.00 0.14 ? 181 TYR A HA   1 
ATOM   342  H  HB2  . TYR A 1 25  ? -8.520  -10.457 -3.711  1.00 0.21 ? 181 TYR A HB2  1 
ATOM   343  H  HB3  . TYR A 1 25  ? -6.865  -10.485 -4.300  1.00 0.19 ? 181 TYR A HB3  1 
ATOM   344  H  HD1  . TYR A 1 25  ? -9.115  -12.084 -1.802  1.00 2.15 ? 181 TYR A HD1  1 
ATOM   345  H  HD2  . TYR A 1 25  ? -5.632  -12.463 -4.215  1.00 2.10 ? 181 TYR A HD2  1 
ATOM   346  H  HE1  . TYR A 1 25  ? -8.959  -14.461 -1.190  1.00 2.20 ? 181 TYR A HE1  1 
ATOM   347  H  HE2  . TYR A 1 25  ? -5.470  -14.841 -3.615  1.00 2.07 ? 181 TYR A HE2  1 
ATOM   348  H  HH   . TYR A 1 25  ? -7.935  -16.409 -1.618  1.00 0.89 ? 181 TYR A HH   1 
ATOM   349  N  N    . ILE A 1 26  ? -5.931  -7.581  -2.844  1.00 0.14 ? 182 ILE A N    1 
ATOM   350  C  CA   . ILE A 1 26  ? -5.783  -6.239  -3.395  1.00 0.16 ? 182 ILE A CA   1 
ATOM   351  C  C    . ILE A 1 26  ? -5.255  -6.319  -4.823  1.00 0.18 ? 182 ILE A C    1 
ATOM   352  O  O    . ILE A 1 26  ? -4.166  -6.840  -5.062  1.00 0.22 ? 182 ILE A O    1 
ATOM   353  C  CB   . ILE A 1 26  ? -4.832  -5.374  -2.547  1.00 0.19 ? 182 ILE A CB   1 
ATOM   354  C  CG1  . ILE A 1 26  ? -5.374  -5.226  -1.124  1.00 0.20 ? 182 ILE A CG1  1 
ATOM   355  C  CG2  . ILE A 1 26  ? -4.641  -4.011  -3.193  1.00 0.26 ? 182 ILE A CG2  1 
ATOM   356  C  CD1  . ILE A 1 26  ? -4.429  -4.499  -0.192  1.00 0.24 ? 182 ILE A CD1  1 
ATOM   357  H  H    . ILE A 1 26  ? -5.164  -8.002  -2.402  1.00 0.14 ? 182 ILE A H    1 
ATOM   358  H  HA   . ILE A 1 26  ? -6.757  -5.773  -3.405  1.00 0.15 ? 182 ILE A HA   1 
ATOM   359  H  HB   . ILE A 1 26  ? -3.871  -5.865  -2.511  1.00 0.23 ? 182 ILE A HB   1 
ATOM   360  H  HG12 . ILE A 1 26  ? -6.300  -4.672  -1.153  1.00 0.20 ? 182 ILE A HG12 1 
ATOM   361  H  HG13 . ILE A 1 26  ? -5.558  -6.207  -0.710  1.00 0.21 ? 182 ILE A HG13 1 
ATOM   362  H  HG21 . ILE A 1 26  ? -3.612  -3.900  -3.501  1.00 1.03 ? 182 ILE A HG21 1 
ATOM   363  H  HG22 . ILE A 1 26  ? -4.889  -3.237  -2.483  1.00 1.09 ? 182 ILE A HG22 1 
ATOM   364  H  HG23 . ILE A 1 26  ? -5.286  -3.928  -4.056  1.00 1.03 ? 182 ILE A HG23 1 
ATOM   365  H  HD11 . ILE A 1 26  ? -3.714  -5.198  0.215   1.00 1.08 ? 182 ILE A HD11 1 
ATOM   366  H  HD12 . ILE A 1 26  ? -4.993  -4.050  0.613   1.00 1.05 ? 182 ILE A HD12 1 
ATOM   367  H  HD13 . ILE A 1 26  ? -3.907  -3.727  -0.739  1.00 1.02 ? 182 ILE A HD13 1 
ATOM   368  N  N    . THR A 1 27  ? -6.030  -5.800  -5.770  1.00 0.20 ? 183 THR A N    1 
ATOM   369  C  CA   . THR A 1 27  ? -5.642  -5.841  -7.174  1.00 0.25 ? 183 THR A CA   1 
ATOM   370  C  C    . THR A 1 27  ? -5.021  -4.525  -7.628  1.00 0.28 ? 183 THR A C    1 
ATOM   371  O  O    . THR A 1 27  ? -4.977  -3.554  -6.874  1.00 0.28 ? 183 THR A O    1 
ATOM   372  C  CB   . THR A 1 27  ? -6.850  -6.166  -8.070  1.00 0.27 ? 183 THR A CB   1 
ATOM   373  O  OG1  . THR A 1 27  ? -7.633  -4.984  -8.282  1.00 0.29 ? 183 THR A OG1  1 
ATOM   374  C  CG2  . THR A 1 27  ? -7.719  -7.243  -7.438  1.00 0.27 ? 183 THR A CG2  1 
ATOM   375  H  H    . THR A 1 27  ? -6.876  -5.374  -5.518  1.00 0.22 ? 183 THR A H    1 
ATOM   376  H  HA   . THR A 1 27  ? -4.913  -6.631  -7.294  1.00 0.25 ? 183 THR A HA   1 
ATOM   377  H  HB   . THR A 1 27  ? -6.487  -6.530  -9.020  1.00 0.31 ? 183 THR A HB   1 
ATOM   378  H  HG1  . THR A 1 27  ? -7.202  -4.427  -8.935  1.00 0.95 ? 183 THR A HG1  1 
ATOM   379  H  HG21 . THR A 1 27  ? -8.695  -6.836  -7.218  1.00 1.02 ? 183 THR A HG21 1 
ATOM   380  H  HG22 . THR A 1 27  ? -7.258  -7.587  -6.524  1.00 1.00 ? 183 THR A HG22 1 
ATOM   381  H  HG23 . THR A 1 27  ? -7.820  -8.071  -8.124  1.00 1.05 ? 183 THR A HG23 1 
ATOM   382  N  N    . LYS A 1 28  ? -4.537  -4.508  -8.866  1.00 0.33 ? 184 LYS A N    1 
ATOM   383  C  CA   . LYS A 1 28  ? -3.918  -3.316  -9.433  1.00 0.38 ? 184 LYS A CA   1 
ATOM   384  C  C    . LYS A 1 28  ? -4.935  -2.185  -9.546  1.00 0.38 ? 184 LYS A C    1 
ATOM   385  O  O    . LYS A 1 28  ? -4.606  -1.018  -9.334  1.00 0.40 ? 184 LYS A O    1 
ATOM   386  C  CB   . LYS A 1 28  ? -3.327  -3.627  -10.810 1.00 0.44 ? 184 LYS A CB   1 
ATOM   387  C  CG   . LYS A 1 28  ? -1.934  -3.053  -11.017 1.00 1.33 ? 184 LYS A CG   1 
ATOM   388  C  CD   . LYS A 1 28  ? -1.326  -3.526  -12.328 1.00 1.31 ? 184 LYS A CD   1 
ATOM   389  C  CE   . LYS A 1 28  ? -2.148  -3.073  -13.523 1.00 2.43 ? 184 LYS A CE   1 
ATOM   390  N  NZ   . LYS A 1 28  ? -3.100  -4.127  -13.974 1.00 3.11 ? 184 LYS A NZ   1 
ATOM   391  H  H    . LYS A 1 28  ? -4.598  -5.319  -9.413  1.00 0.35 ? 184 LYS A H    1 
ATOM   392  H  HA   . LYS A 1 28  ? -3.124  -3.006  -8.770  1.00 0.38 ? 184 LYS A HA   1 
ATOM   393  H  HB2  . LYS A 1 28  ? -3.273  -4.698  -10.932 1.00 1.13 ? 184 LYS A HB2  1 
ATOM   394  H  HB3  . LYS A 1 28  ? -3.978  -3.218  -11.568 1.00 1.14 ? 184 LYS A HB3  1 
ATOM   395  H  HG2  . LYS A 1 28  ? -1.997  -1.974  -11.029 1.00 2.02 ? 184 LYS A HG2  1 
ATOM   396  H  HG3  . LYS A 1 28  ? -1.301  -3.370  -10.202 1.00 2.03 ? 184 LYS A HG3  1 
ATOM   397  H  HD2  . LYS A 1 28  ? -0.328  -3.121  -12.416 1.00 1.42 ? 184 LYS A HD2  1 
ATOM   398  H  HD3  . LYS A 1 28  ? -1.279  -4.605  -12.322 1.00 1.35 ? 184 LYS A HD3  1 
ATOM   399  H  HE2  . LYS A 1 28  ? -2.706  -2.190  -13.249 1.00 2.95 ? 184 LYS A HE2  1 
ATOM   400  H  HE3  . LYS A 1 28  ? -1.476  -2.837  -14.335 1.00 2.89 ? 184 LYS A HE3  1 
ATOM   401  H  HZ1  . LYS A 1 28  ? -4.078  -3.828  -13.785 1.00 3.52 ? 184 LYS A HZ1  1 
ATOM   402  H  HZ2  . LYS A 1 28  ? -2.915  -5.015  -13.467 1.00 3.50 ? 184 LYS A HZ2  1 
ATOM   403  H  HZ3  . LYS A 1 28  ? -2.992  -4.294  -14.994 1.00 3.40 ? 184 LYS A HZ3  1 
ATOM   404  N  N    . GLU A 1 29  ? -6.171  -2.541  -9.882  1.00 0.37 ? 185 GLU A N    1 
ATOM   405  C  CA   . GLU A 1 29  ? -7.239  -1.557  -10.011 1.00 0.39 ? 185 GLU A CA   1 
ATOM   406  C  C    . GLU A 1 29  ? -7.535  -0.922  -8.656  1.00 0.34 ? 185 GLU A C    1 
ATOM   407  O  O    . GLU A 1 29  ? -7.822  0.271   -8.565  1.00 0.35 ? 185 GLU A O    1 
ATOM   408  C  CB   . GLU A 1 29  ? -8.503  -2.212  -10.571 1.00 0.41 ? 185 GLU A CB   1 
ATOM   409  C  CG   . GLU A 1 29  ? -9.231  -1.353  -11.593 1.00 1.28 ? 185 GLU A CG   1 
ATOM   410  C  CD   . GLU A 1 29  ? -10.415 -2.068  -12.216 1.00 1.85 ? 185 GLU A CD   1 
ATOM   411  O  OE1  . GLU A 1 29  ? -11.062 -2.869  -11.512 1.00 2.40 ? 185 GLU A OE1  1 
ATOM   412  O  OE2  . GLU A 1 29  ? -10.694 -1.825  -13.409 1.00 2.50 ? 185 GLU A OE2  1 
ATOM   413  H  H    . GLU A 1 29  ? -6.368  -3.486  -10.048 1.00 0.37 ? 185 GLU A H    1 
ATOM   414  H  HA   . GLU A 1 29  ? -6.905  -0.789  -10.692 1.00 0.43 ? 185 GLU A HA   1 
ATOM   415  H  HB2  . GLU A 1 29  ? -8.231  -3.144  -11.044 1.00 0.94 ? 185 GLU A HB2  1 
ATOM   416  H  HB3  . GLU A 1 29  ? -9.181  -2.416  -9.756  1.00 0.95 ? 185 GLU A HB3  1 
ATOM   417  H  HG2  . GLU A 1 29  ? -9.586  -0.458  -11.104 1.00 1.88 ? 185 GLU A HG2  1 
ATOM   418  H  HG3  . GLU A 1 29  ? -8.538  -1.084  -12.377 1.00 1.93 ? 185 GLU A HG3  1 
ATOM   419  N  N    . GLU A 1 30  ? -7.458  -1.734  -7.606  1.00 0.30 ? 186 GLU A N    1 
ATOM   420  C  CA   . GLU A 1 30  ? -7.709  -1.255  -6.252  1.00 0.27 ? 186 GLU A CA   1 
ATOM   421  C  C    . GLU A 1 30  ? -6.590  -0.324  -5.799  1.00 0.30 ? 186 GLU A C    1 
ATOM   422  O  O    . GLU A 1 30  ? -6.817  0.615   -5.036  1.00 0.34 ? 186 GLU A O    1 
ATOM   423  C  CB   . GLU A 1 30  ? -7.839  -2.434  -5.286  1.00 0.24 ? 186 GLU A CB   1 
ATOM   424  C  CG   . GLU A 1 30  ? -9.248  -2.999  -5.211  1.00 0.39 ? 186 GLU A CG   1 
ATOM   425  C  CD   . GLU A 1 30  ? -9.356  -4.184  -4.271  1.00 0.20 ? 186 GLU A CD   1 
ATOM   426  O  OE1  . GLU A 1 30  ? -8.422  -5.013  -4.253  1.00 0.37 ? 186 GLU A OE1  1 
ATOM   427  O  OE2  . GLU A 1 30  ? -10.374 -4.282  -3.556  1.00 0.21 ? 186 GLU A OE2  1 
ATOM   428  H  H    . GLU A 1 30  ? -7.229  -2.676  -7.745  1.00 0.30 ? 186 GLU A H    1 
ATOM   429  H  HA   . GLU A 1 30  ? -8.639  -0.705  -6.262  1.00 0.29 ? 186 GLU A HA   1 
ATOM   430  H  HB2  . GLU A 1 30  ? -7.174  -3.222  -5.605  1.00 0.33 ? 186 GLU A HB2  1 
ATOM   431  H  HB3  . GLU A 1 30  ? -7.552  -2.108  -4.296  1.00 0.27 ? 186 GLU A HB3  1 
ATOM   432  H  HG2  . GLU A 1 30  ? -9.915  -2.223  -4.864  1.00 0.61 ? 186 GLU A HG2  1 
ATOM   433  H  HG3  . GLU A 1 30  ? -9.549  -3.313  -6.200  1.00 0.68 ? 186 GLU A HG3  1 
ATOM   434  N  N    . MET A 1 31  ? -5.379  -0.592  -6.276  1.00 0.32 ? 187 MET A N    1 
ATOM   435  C  CA   . MET A 1 31  ? -4.221  0.222   -5.928  1.00 0.36 ? 187 MET A CA   1 
ATOM   436  C  C    . MET A 1 31  ? -4.299  1.586   -6.606  1.00 0.40 ? 187 MET A C    1 
ATOM   437  O  O    . MET A 1 31  ? -3.879  2.597   -6.043  1.00 0.43 ? 187 MET A O    1 
ATOM   438  C  CB   . MET A 1 31  ? -2.929  -0.489  -6.334  1.00 0.41 ? 187 MET A CB   1 
ATOM   439  C  CG   . MET A 1 31  ? -1.706  -0.015  -5.566  1.00 0.53 ? 187 MET A CG   1 
ATOM   440  S  SD   . MET A 1 31  ? -2.086  0.428   -3.860  1.00 0.99 ? 187 MET A SD   1 
ATOM   441  C  CE   . MET A 1 31  ? -2.596  -1.159  -3.205  1.00 0.46 ? 187 MET A CE   1 
ATOM   442  H  H    . MET A 1 31  ? -5.262  -1.356  -6.879  1.00 0.33 ? 187 MET A H    1 
ATOM   443  H  HA   . MET A 1 31  ? -4.224  0.364   -4.857  1.00 0.35 ? 187 MET A HA   1 
ATOM   444  H  HB2  . MET A 1 31  ? -3.045  -1.549  -6.162  1.00 0.52 ? 187 MET A HB2  1 
ATOM   445  H  HB3  . MET A 1 31  ? -2.754  -0.322  -7.386  1.00 0.46 ? 187 MET A HB3  1 
ATOM   446  H  HG2  . MET A 1 31  ? -0.970  -0.806  -5.563  1.00 0.95 ? 187 MET A HG2  1 
ATOM   447  H  HG3  . MET A 1 31  ? -1.298  0.852   -6.066  1.00 0.85 ? 187 MET A HG3  1 
ATOM   448  H  HE1  . MET A 1 31  ? -2.040  -1.372  -2.303  1.00 1.07 ? 187 MET A HE1  1 
ATOM   449  H  HE2  . MET A 1 31  ? -2.402  -1.930  -3.936  1.00 1.11 ? 187 MET A HE2  1 
ATOM   450  H  HE3  . MET A 1 31  ? -3.651  -1.133  -2.979  1.00 1.16 ? 187 MET A HE3  1 
ATOM   451  N  N    . LEU A 1 32  ? -4.839  1.604   -7.820  1.00 0.44 ? 188 LEU A N    1 
ATOM   452  C  CA   . LEU A 1 32  ? -4.978  2.844   -8.576  1.00 0.51 ? 188 LEU A CA   1 
ATOM   453  C  C    . LEU A 1 32  ? -5.944  3.793   -7.877  1.00 0.47 ? 188 LEU A C    1 
ATOM   454  O  O    . LEU A 1 32  ? -5.721  5.003   -7.834  1.00 0.52 ? 188 LEU A O    1 
ATOM   455  C  CB   . LEU A 1 32  ? -5.470  2.549   -9.994  1.00 0.58 ? 188 LEU A CB   1 
ATOM   456  C  CG   . LEU A 1 32  ? -4.534  3.008   -11.113 1.00 0.85 ? 188 LEU A CG   1 
ATOM   457  C  CD1  . LEU A 1 32  ? -3.286  2.139   -11.157 1.00 1.31 ? 188 LEU A CD1  1 
ATOM   458  C  CD2  . LEU A 1 32  ? -5.252  2.979   -12.454 1.00 1.74 ? 188 LEU A CD2  1 
ATOM   459  H  H    . LEU A 1 32  ? -5.152  0.765   -8.217  1.00 0.44 ? 188 LEU A H    1 
ATOM   460  H  HA   . LEU A 1 32  ? -4.006  3.311   -8.631  1.00 0.56 ? 188 LEU A HA   1 
ATOM   461  H  HB2  . LEU A 1 32  ? -5.613  1.482   -10.088 1.00 0.71 ? 188 LEU A HB2  1 
ATOM   462  H  HB3  . LEU A 1 32  ? -6.423  3.037   -10.132 1.00 0.70 ? 188 LEU A HB3  1 
ATOM   463  H  HG   . LEU A 1 32  ? -4.224  4.025   -10.921 1.00 1.59 ? 188 LEU A HG   1 
ATOM   464  H  HD11 . LEU A 1 32  ? -2.410  2.768   -11.212 1.00 1.92 ? 188 LEU A HD11 1 
ATOM   465  H  HD12 . LEU A 1 32  ? -3.324  1.497   -12.025 1.00 1.76 ? 188 LEU A HD12 1 
ATOM   466  H  HD13 . LEU A 1 32  ? -3.239  1.534   -10.263 1.00 1.88 ? 188 LEU A HD13 1 
ATOM   467  H  HD21 . LEU A 1 32  ? -4.531  2.838   -13.246 1.00 2.27 ? 188 LEU A HD21 1 
ATOM   468  H  HD22 . LEU A 1 32  ? -5.773  3.913   -12.603 1.00 2.36 ? 188 LEU A HD22 1 
ATOM   469  H  HD23 . LEU A 1 32  ? -5.962  2.165   -12.464 1.00 2.14 ? 188 LEU A HD23 1 
ATOM   470  N  N    . ALA A 1 33  ? -7.020  3.236   -7.330  1.00 0.43 ? 189 ALA A N    1 
ATOM   471  C  CA   . ALA A 1 33  ? -8.019  4.032   -6.629  1.00 0.43 ? 189 ALA A CA   1 
ATOM   472  C  C    . ALA A 1 33  ? -7.434  4.648   -5.362  1.00 0.41 ? 189 ALA A C    1 
ATOM   473  O  O    . ALA A 1 33  ? -7.745  5.786   -5.012  1.00 0.49 ? 189 ALA A O    1 
ATOM   474  C  CB   . ALA A 1 33  ? -9.231  3.179   -6.291  1.00 0.44 ? 189 ALA A CB   1 
ATOM   475  H  H    . ALA A 1 33  ? -7.145  2.267   -7.401  1.00 0.41 ? 189 ALA A H    1 
ATOM   476  H  HA   . ALA A 1 33  ? -8.338  4.825   -7.289  1.00 0.52 ? 189 ALA A HA   1 
ATOM   477  H  HB1  . ALA A 1 33  ? -9.018  2.577   -5.420  1.00 1.14 ? 189 ALA A HB1  1 
ATOM   478  H  HB2  . ALA A 1 33  ? -9.462  2.534   -7.126  1.00 1.13 ? 189 ALA A HB2  1 
ATOM   479  H  HB3  . ALA A 1 33  ? -10.077 3.819   -6.087  1.00 1.06 ? 189 ALA A HB3  1 
ATOM   480  N  N    . ILE A 1 34  ? -6.585  3.888   -4.680  1.00 0.37 ? 190 ILE A N    1 
ATOM   481  C  CA   . ILE A 1 34  ? -5.953  4.356   -3.452  1.00 0.43 ? 190 ILE A CA   1 
ATOM   482  C  C    . ILE A 1 34  ? -4.991  5.504   -3.739  1.00 0.54 ? 190 ILE A C    1 
ATOM   483  O  O    . ILE A 1 34  ? -4.940  6.486   -2.999  1.00 0.74 ? 190 ILE A O    1 
ATOM   484  C  CB   . ILE A 1 34  ? -5.197  3.218   -2.742  1.00 0.52 ? 190 ILE A CB   1 
ATOM   485  C  CG1  . ILE A 1 34  ? -6.087  2.551   -1.692  1.00 1.04 ? 190 ILE A CG1  1 
ATOM   486  C  CG2  . ILE A 1 34  ? -3.918  3.736   -2.099  1.00 1.18 ? 190 ILE A CG2  1 
ATOM   487  C  CD1  . ILE A 1 34  ? -7.332  1.912   -2.266  1.00 1.41 ? 190 ILE A CD1  1 
ATOM   488  H  H    . ILE A 1 34  ? -6.378  2.987   -5.009  1.00 0.35 ? 190 ILE A H    1 
ATOM   489  H  HA   . ILE A 1 34  ? -6.730  4.711   -2.792  1.00 0.52 ? 190 ILE A HA   1 
ATOM   490  H  HB   . ILE A 1 34  ? -4.920  2.483   -3.485  1.00 1.05 ? 190 ILE A HB   1 
ATOM   491  H  HG12 . ILE A 1 34  ? -5.523  1.780   -1.189  1.00 1.58 ? 190 ILE A HG12 1 
ATOM   492  H  HG13 . ILE A 1 34  ? -6.397  3.292   -0.968  1.00 1.71 ? 190 ILE A HG13 1 
ATOM   493  H  HG21 . ILE A 1 34  ? -3.836  3.346   -1.096  1.00 1.67 ? 190 ILE A HG21 1 
ATOM   494  H  HG22 . ILE A 1 34  ? -3.945  4.815   -2.064  1.00 1.78 ? 190 ILE A HG22 1 
ATOM   495  H  HG23 . ILE A 1 34  ? -3.067  3.415   -2.681  1.00 1.75 ? 190 ILE A HG23 1 
ATOM   496  H  HD11 . ILE A 1 34  ? -7.239  0.837   -2.219  1.00 1.70 ? 190 ILE A HD11 1 
ATOM   497  H  HD12 . ILE A 1 34  ? -7.452  2.218   -3.295  1.00 1.87 ? 190 ILE A HD12 1 
ATOM   498  H  HD13 . ILE A 1 34  ? -8.194  2.224   -1.696  1.00 1.99 ? 190 ILE A HD13 1 
ATOM   499  N  N    . MET A 1 35  ? -4.239  5.380   -4.830  1.00 0.60 ? 191 MET A N    1 
ATOM   500  C  CA   . MET A 1 35  ? -3.277  6.406   -5.217  1.00 0.80 ? 191 MET A CA   1 
ATOM   501  C  C    . MET A 1 35  ? -3.982  7.710   -5.576  1.00 0.77 ? 191 MET A C    1 
ATOM   502  O  O    . MET A 1 35  ? -3.428  8.794   -5.399  1.00 0.98 ? 191 MET A O    1 
ATOM   503  C  CB   . MET A 1 35  ? -2.438  5.923   -6.403  1.00 0.99 ? 191 MET A CB   1 
ATOM   504  C  CG   . MET A 1 35  ? -1.073  6.585   -6.490  1.00 1.44 ? 191 MET A CG   1 
ATOM   505  S  SD   . MET A 1 35  ? 0.094   5.935   -5.278  1.00 2.22 ? 191 MET A SD   1 
ATOM   506  C  CE   . MET A 1 35  ? 1.476   5.508   -6.333  1.00 3.07 ? 191 MET A CE   1 
ATOM   507  H  H    . MET A 1 35  ? -4.334  4.580   -5.387  1.00 0.61 ? 191 MET A H    1 
ATOM   508  H  HA   . MET A 1 35  ? -2.625  6.582   -4.375  1.00 0.99 ? 191 MET A HA   1 
ATOM   509  H  HB2  . MET A 1 35  ? -2.292  4.857   -6.316  1.00 1.25 ? 191 MET A HB2  1 
ATOM   510  H  HB3  . MET A 1 35  ? -2.974  6.132   -7.317  1.00 1.29 ? 191 MET A HB3  1 
ATOM   511  H  HG2  . MET A 1 35  ? -0.670  6.420   -7.479  1.00 2.07 ? 191 MET A HG2  1 
ATOM   512  H  HG3  . MET A 1 35  ? -1.190  7.646   -6.324  1.00 1.79 ? 191 MET A HG3  1 
ATOM   513  H  HE1  . MET A 1 35  ? 1.659   6.312   -7.031  1.00 3.48 ? 191 MET A HE1  1 
ATOM   514  H  HE2  . MET A 1 35  ? 1.248   4.604   -6.877  1.00 3.56 ? 191 MET A HE2  1 
ATOM   515  H  HE3  . MET A 1 35  ? 2.356   5.351   -5.727  1.00 3.32 ? 191 MET A HE3  1 
ATOM   516  N  N    . LYS A 1 36  ? -5.206  7.598   -6.080  1.00 0.67 ? 192 LYS A N    1 
ATOM   517  C  CA   . LYS A 1 36  ? -5.984  8.770   -6.463  1.00 0.86 ? 192 LYS A CA   1 
ATOM   518  C  C    . LYS A 1 36  ? -6.746  9.331   -5.267  1.00 1.14 ? 192 LYS A C    1 
ATOM   519  O  O    . LYS A 1 36  ? -6.934  10.542  -5.151  1.00 1.43 ? 192 LYS A O    1 
ATOM   520  C  CB   . LYS A 1 36  ? -6.962  8.416   -7.585  1.00 1.02 ? 192 LYS A CB   1 
ATOM   521  C  CG   . LYS A 1 36  ? -6.798  9.277   -8.827  1.00 1.63 ? 192 LYS A CG   1 
ATOM   522  C  CD   . LYS A 1 36  ? -7.773  8.870   -9.919  1.00 2.09 ? 192 LYS A CD   1 
ATOM   523  C  CE   . LYS A 1 36  ? -8.355  10.083  -10.628 1.00 2.61 ? 192 LYS A CE   1 
ATOM   524  N  NZ   . LYS A 1 36  ? -7.338  11.155  -10.821 1.00 3.60 ? 192 LYS A NZ   1 
ATOM   525  H  H    . LYS A 1 36  ? -5.595  6.706   -6.198  1.00 0.60 ? 192 LYS A H    1 
ATOM   526  H  HA   . LYS A 1 36  ? -5.296  9.522   -6.821  1.00 0.96 ? 192 LYS A HA   1 
ATOM   527  H  HB2  . LYS A 1 36  ? -6.811  7.384   -7.867  1.00 1.49 ? 192 LYS A HB2  1 
ATOM   528  H  HB3  . LYS A 1 36  ? -7.971  8.536   -7.219  1.00 1.47 ? 192 LYS A HB3  1 
ATOM   529  H  HG2  . LYS A 1 36  ? -6.979  10.309  -8.564  1.00 2.18 ? 192 LYS A HG2  1 
ATOM   530  H  HG3  . LYS A 1 36  ? -5.790  9.170   -9.198  1.00 2.15 ? 192 LYS A HG3  1 
ATOM   531  H  HD2  . LYS A 1 36  ? -7.254  8.259   -10.643 1.00 2.45 ? 192 LYS A HD2  1 
ATOM   532  H  HD3  . LYS A 1 36  ? -8.579  8.302   -9.477  1.00 2.51 ? 192 LYS A HD3  1 
ATOM   533  H  HE2  . LYS A 1 36  ? -8.728  9.776   -11.594 1.00 2.94 ? 192 LYS A HE2  1 
ATOM   534  H  HE3  . LYS A 1 36  ? -9.168  10.473  -10.036 1.00 2.66 ? 192 LYS A HE3  1 
ATOM   535  H  HZ1  . LYS A 1 36  ? -7.227  11.703  -9.944  1.00 3.98 ? 192 LYS A HZ1  1 
ATOM   536  H  HZ2  . LYS A 1 36  ? -7.634  11.795  -11.585 1.00 4.02 ? 192 LYS A HZ2  1 
ATOM   537  H  HZ3  . LYS A 1 36  ? -6.420  10.736  -11.071 1.00 3.99 ? 192 LYS A HZ3  1 
ATOM   538  N  N    . SER A 1 37  ? -7.182  8.443   -4.380  1.00 1.17 ? 193 SER A N    1 
ATOM   539  C  CA   . SER A 1 37  ? -7.923  8.850   -3.191  1.00 1.57 ? 193 SER A CA   1 
ATOM   540  C  C    . SER A 1 37  ? -7.002  9.526   -2.181  1.00 1.80 ? 193 SER A C    1 
ATOM   541  O  O    . SER A 1 37  ? -7.196  10.689  -1.830  1.00 2.25 ? 193 SER A O    1 
ATOM   542  C  CB   . SER A 1 37  ? -8.603  7.640   -2.549  1.00 1.62 ? 193 SER A CB   1 
ATOM   543  O  OG   . SER A 1 37  ? -10.010 7.705   -2.702  1.00 1.87 ? 193 SER A OG   1 
ATOM   544  H  H    . SER A 1 37  ? -7.002  7.491   -4.527  1.00 0.96 ? 193 SER A H    1 
ATOM   545  H  HA   . SER A 1 37  ? -8.680  9.556   -3.499  1.00 1.81 ? 193 SER A HA   1 
ATOM   546  H  HB2  . SER A 1 37  ? -8.244  6.736   -3.019  1.00 1.90 ? 193 SER A HB2  1 
ATOM   547  H  HB3  . SER A 1 37  ? -8.368  7.614   -1.495  1.00 2.00 ? 193 SER A HB3  1 
ATOM   548  H  HG   . SER A 1 37  ? -10.372 8.335   -2.074  1.00 2.11 ? 193 SER A HG   1 
ATOM   549  N  N    . ILE A 1 38  ? -5.998  8.788   -1.718  1.00 1.74 ? 194 ILE A N    1 
ATOM   550  C  CA   . ILE A 1 38  ? -5.046  9.316   -0.748  1.00 2.10 ? 194 ILE A CA   1 
ATOM   551  C  C    . ILE A 1 38  ? -3.894  10.033  -1.444  1.00 1.99 ? 194 ILE A C    1 
ATOM   552  O  O    . ILE A 1 38  ? -2.839  9.447   -1.686  1.00 2.32 ? 194 ILE A O    1 
ATOM   553  C  CB   . ILE A 1 38  ? -4.475  8.200   0.145   1.00 2.52 ? 194 ILE A CB   1 
ATOM   554  C  CG1  . ILE A 1 38  ? -5.609  7.378   0.760   1.00 2.97 ? 194 ILE A CG1  1 
ATOM   555  C  CG2  . ILE A 1 38  ? -3.590  8.789   1.232   1.00 3.03 ? 194 ILE A CG2  1 
ATOM   556  C  CD1  . ILE A 1 38  ? -5.892  6.087   0.023   1.00 3.36 ? 194 ILE A CD1  1 
ATOM   557  H  H    . ILE A 1 38  ? -5.895  7.867   -2.036  1.00 1.65 ? 194 ILE A H    1 
ATOM   558  H  HA   . ILE A 1 38  ? -5.568  10.022  -0.119  1.00 2.43 ? 194 ILE A HA   1 
ATOM   559  H  HB   . ILE A 1 38  ? -3.865  7.554   -0.469  1.00 2.51 ? 194 ILE A HB   1 
ATOM   560  H  HG12 . ILE A 1 38  ? -5.352  7.127   1.779   1.00 3.13 ? 194 ILE A HG12 1 
ATOM   561  H  HG13 . ILE A 1 38  ? -6.515  7.968   0.759   1.00 3.39 ? 194 ILE A HG13 1 
ATOM   562  H  HG21 . ILE A 1 38  ? -4.067  9.664   1.650   1.00 3.32 ? 194 ILE A HG21 1 
ATOM   563  H  HG22 . ILE A 1 38  ? -2.637  9.067   0.809   1.00 3.31 ? 194 ILE A HG22 1 
ATOM   564  H  HG23 . ILE A 1 38  ? -3.440  8.057   2.011   1.00 3.34 ? 194 ILE A HG23 1 
ATOM   565  H  HD11 . ILE A 1 38  ? -6.273  6.313   -0.963  1.00 3.54 ? 194 ILE A HD11 1 
ATOM   566  H  HD12 . ILE A 1 38  ? -6.624  5.513   0.570   1.00 3.66 ? 194 ILE A HD12 1 
ATOM   567  H  HD13 . ILE A 1 38  ? -4.979  5.517   -0.067  1.00 3.74 ? 194 ILE A HD13 1 
ATOM   568  N  N    . TYR A 1 39  ? -4.104  11.306  -1.765  1.00 2.13 ? 195 TYR A N    1 
ATOM   569  C  CA   . TYR A 1 39  ? -3.083  12.104  -2.434  1.00 2.16 ? 195 TYR A CA   1 
ATOM   570  C  C    . TYR A 1 39  ? -3.453  13.583  -2.420  1.00 2.72 ? 195 TYR A C    1 
ATOM   571  O  O    . TYR A 1 39  ? -2.889  14.382  -3.168  1.00 3.42 ? 195 TYR A O    1 
ATOM   572  C  CB   . TYR A 1 39  ? -2.897  11.627  -3.876  1.00 2.42 ? 195 TYR A CB   1 
ATOM   573  C  CG   . TYR A 1 39  ? -1.452  11.390  -4.255  1.00 2.64 ? 195 TYR A CG   1 
ATOM   574  C  CD1  . TYR A 1 39  ? -0.813  10.203  -3.920  1.00 3.05 ? 195 TYR A CD1  1 
ATOM   575  C  CD2  . TYR A 1 39  ? -0.729  12.352  -4.947  1.00 3.24 ? 195 TYR A CD2  1 
ATOM   576  C  CE1  . TYR A 1 39  ? 0.507   9.982   -4.263  1.00 3.75 ? 195 TYR A CE1  1 
ATOM   577  C  CE2  . TYR A 1 39  ? 0.591   12.138  -5.296  1.00 3.94 ? 195 TYR A CE2  1 
ATOM   578  C  CZ   . TYR A 1 39  ? 1.205   10.953  -4.951  1.00 4.10 ? 195 TYR A CZ   1 
ATOM   579  O  OH   . TYR A 1 39  ? 2.519   10.736  -5.296  1.00 5.04 ? 195 TYR A OH   1 
ATOM   580  H  H    . TYR A 1 39  ? -4.966  11.718  -1.548  1.00 2.53 ? 195 TYR A H    1 
ATOM   581  H  HA   . TYR A 1 39  ? -2.155  11.971  -1.899  1.00 2.17 ? 195 TYR A HA   1 
ATOM   582  H  HB2  . TYR A 1 39  ? -3.433  10.699  -4.013  1.00 2.86 ? 195 TYR A HB2  1 
ATOM   583  H  HB3  . TYR A 1 39  ? -3.299  12.371  -4.548  1.00 2.71 ? 195 TYR A HB3  1 
ATOM   584  H  HD1  . TYR A 1 39  ? -1.362  9.444   -3.381  1.00 3.25 ? 195 TYR A HD1  1 
ATOM   585  H  HD2  . TYR A 1 39  ? -1.212  13.280  -5.215  1.00 3.56 ? 195 TYR A HD2  1 
ATOM   586  H  HE1  . TYR A 1 39  ? 0.987   9.052   -3.994  1.00 4.35 ? 195 TYR A HE1  1 
ATOM   587  H  HE2  . TYR A 1 39  ? 1.137   12.899  -5.834  1.00 4.67 ? 195 TYR A HE2  1 
ATOM   588  H  HH   . TYR A 1 39  ? 2.853   11.496  -5.778  1.00 5.42 ? 195 TYR A HH   1 
ATOM   589  N  N    . ASP A 1 40  ? -4.403  13.942  -1.563  1.00 2.89 ? 196 ASP A N    1 
ATOM   590  C  CA   . ASP A 1 40  ? -4.849  15.325  -1.450  1.00 3.67 ? 196 ASP A CA   1 
ATOM   591  C  C    . ASP A 1 40  ? -3.726  16.217  -0.930  1.00 3.66 ? 196 ASP A C    1 
ATOM   592  O  O    . ASP A 1 40  ? -2.855  16.641  -1.689  1.00 4.25 ? 196 ASP A O    1 
ATOM   593  C  CB   . ASP A 1 40  ? -6.062  15.418  -0.523  1.00 4.40 ? 196 ASP A CB   1 
ATOM   594  C  CG   . ASP A 1 40  ? -7.333  14.918  -1.181  1.00 4.85 ? 196 ASP A CG   1 
ATOM   595  O  OD1  . ASP A 1 40  ? -7.638  15.370  -2.304  1.00 5.10 ? 196 ASP A OD1  1 
ATOM   596  O  OD2  . ASP A 1 40  ? -8.022  14.073  -0.572  1.00 5.31 ? 196 ASP A OD2  1 
ATOM   597  H  H    . ASP A 1 40  ? -4.816  13.259  -0.993  1.00 2.81 ? 196 ASP A H    1 
ATOM   598  H  HA   . ASP A 1 40  ? -5.134  15.663  -2.436  1.00 4.05 ? 196 ASP A HA   1 
ATOM   599  H  HB2  . ASP A 1 40  ? -5.879  14.826  0.361   1.00 4.47 ? 196 ASP A HB2  1 
ATOM   600  H  HB3  . ASP A 1 40  ? -6.209  16.449  -0.236  1.00 4.89 ? 196 ASP A HB3  1 
ATOM   601  N  N    . MET A 1 41  ? -3.754  16.499  0.368   1.00 3.37 ? 197 MET A N    1 
ATOM   602  C  CA   . MET A 1 41  ? -2.740  17.341  0.989   1.00 3.56 ? 197 MET A CA   1 
ATOM   603  C  C    . MET A 1 41  ? -1.667  16.492  1.663   1.00 3.17 ? 197 MET A C    1 
ATOM   604  O  O    . MET A 1 41  ? -1.835  16.049  2.799   1.00 3.41 ? 197 MET A O    1 
ATOM   605  C  CB   . MET A 1 41  ? -3.383  18.279  2.014   1.00 4.11 ? 197 MET A CB   1 
ATOM   606  C  CG   . MET A 1 41  ? -3.892  19.579  1.413   1.00 4.73 ? 197 MET A CG   1 
ATOM   607  S  SD   . MET A 1 41  ? -4.916  20.519  2.559   1.00 5.25 ? 197 MET A SD   1 
ATOM   608  C  CE   . MET A 1 41  ? -5.742  21.641  1.434   1.00 6.11 ? 197 MET A CE   1 
ATOM   609  H  H    . MET A 1 41  ? -4.476  16.132  0.922   1.00 3.32 ? 197 MET A H    1 
ATOM   610  H  HA   . MET A 1 41  ? -2.279  17.933  0.212   1.00 3.86 ? 197 MET A HA   1 
ATOM   611  H  HB2  . MET A 1 41  ? -4.216  17.771  2.476   1.00 4.41 ? 197 MET A HB2  1 
ATOM   612  H  HB3  . MET A 1 41  ? -2.653  18.520  2.773   1.00 4.12 ? 197 MET A HB3  1 
ATOM   613  H  HG2  . MET A 1 41  ? -3.043  20.186  1.131   1.00 4.97 ? 197 MET A HG2  1 
ATOM   614  H  HG3  . MET A 1 41  ? -4.476  19.349  0.534   1.00 5.10 ? 197 MET A HG3  1 
ATOM   615  H  HE1  . MET A 1 41  ? -6.229  22.424  1.997   1.00 6.46 ? 197 MET A HE1  1 
ATOM   616  H  HE2  . MET A 1 41  ? -6.479  21.098  0.861   1.00 6.36 ? 197 MET A HE2  1 
ATOM   617  H  HE3  . MET A 1 41  ? -5.016  22.079  0.764   1.00 6.39 ? 197 MET A HE3  1 
ATOM   618  N  N    . MET A 1 42  ? -0.564  16.271  0.956   1.00 2.99 ? 198 MET A N    1 
ATOM   619  C  CA   . MET A 1 42  ? 0.537   15.475  1.486   1.00 2.88 ? 198 MET A CA   1 
ATOM   620  C  C    . MET A 1 42  ? 1.740   16.356  1.806   1.00 3.26 ? 198 MET A C    1 
ATOM   621  O  O    . MET A 1 42  ? 2.815   16.190  1.229   1.00 3.74 ? 198 MET A O    1 
ATOM   622  C  CB   . MET A 1 42  ? 0.937   14.390  0.485   1.00 2.76 ? 198 MET A CB   1 
ATOM   623  C  CG   . MET A 1 42  ? 1.762   13.270  1.100   1.00 2.43 ? 198 MET A CG   1 
ATOM   624  S  SD   . MET A 1 42  ? 0.754   11.867  1.616   1.00 2.20 ? 198 MET A SD   1 
ATOM   625  C  CE   . MET A 1 42  ? 1.950   10.537  1.521   1.00 1.98 ? 198 MET A CE   1 
ATOM   626  H  H    . MET A 1 42  ? -0.489  16.652  0.056   1.00 3.23 ? 198 MET A H    1 
ATOM   627  H  HA   . MET A 1 42  ? 0.198   15.006  2.397   1.00 2.98 ? 198 MET A HA   1 
ATOM   628  H  HB2  . MET A 1 42  ? 0.043   13.958  0.063   1.00 3.16 ? 198 MET A HB2  1 
ATOM   629  H  HB3  . MET A 1 42  ? 1.516   14.841  -0.306  1.00 3.12 ? 198 MET A HB3  1 
ATOM   630  H  HG2  . MET A 1 42  ? 2.481   12.929  0.370   1.00 2.74 ? 198 MET A HG2  1 
ATOM   631  H  HG3  . MET A 1 42  ? 2.283   13.658  1.962   1.00 2.87 ? 198 MET A HG3  1 
ATOM   632  H  HE1  . MET A 1 42  ? 1.540   9.651   1.981   1.00 2.34 ? 198 MET A HE1  1 
ATOM   633  H  HE2  . MET A 1 42  ? 2.853   10.828  2.039   1.00 2.25 ? 198 MET A HE2  1 
ATOM   634  H  HE3  . MET A 1 42  ? 2.179   10.333  0.486   1.00 2.18 ? 198 MET A HE3  1 
ATOM   635  N  N    . GLY A 1 43  ? 1.552   17.293  2.730   1.00 3.45 ? 199 GLY A N    1 
ATOM   636  C  CA   . GLY A 1 43  ? 2.631   18.186  3.111   1.00 3.93 ? 199 GLY A CA   1 
ATOM   637  C  C    . GLY A 1 43  ? 2.272   19.646  2.914   1.00 3.88 ? 199 GLY A C    1 
ATOM   638  O  O    . GLY A 1 43  ? 1.202   19.965  2.397   1.00 4.02 ? 199 GLY A O    1 
ATOM   639  H  H    . GLY A 1 43  ? 0.674   17.379  3.156   1.00 3.54 ? 199 GLY A H    1 
ATOM   640  H  HA2  . GLY A 1 43  ? 2.869   18.021  4.150   1.00 4.48 ? 199 GLY A HA2  1 
ATOM   641  H  HA3  . GLY A 1 43  ? 3.500   17.957  2.513   1.00 4.19 ? 199 GLY A HA3  1 
ATOM   642  N  N    . ARG A 1 44  ? 3.169   20.535  3.329   1.00 4.11 ? 200 ARG A N    1 
ATOM   643  C  CA   . ARG A 1 44  ? 2.942   21.968  3.197   1.00 4.43 ? 200 ARG A CA   1 
ATOM   644  C  C    . ARG A 1 44  ? 4.128   22.647  2.522   1.00 4.37 ? 200 ARG A C    1 
ATOM   645  O  O    . ARG A 1 44  ? 4.009   23.756  2.001   1.00 4.70 ? 200 ARG A O    1 
ATOM   646  C  CB   . ARG A 1 44  ? 2.696   22.596  4.571   1.00 4.96 ? 200 ARG A CB   1 
ATOM   647  C  CG   . ARG A 1 44  ? 3.892   23.359  5.114   1.00 5.50 ? 200 ARG A CG   1 
ATOM   648  C  CD   . ARG A 1 44  ? 3.695   23.738  6.573   1.00 6.18 ? 200 ARG A CD   1 
ATOM   649  N  NE   . ARG A 1 44  ? 2.308   23.575  6.998   1.00 6.53 ? 200 ARG A NE   1 
ATOM   650  C  CZ   . ARG A 1 44  ? 1.931   23.507  8.270   1.00 7.15 ? 200 ARG A CZ   1 
ATOM   651  N  NH1  . ARG A 1 44  ? 2.835   23.589  9.237   1.00 7.49 ? 200 ARG A NH1  1 
ATOM   652  N  NH2  . ARG A 1 44  ? 0.650   23.357  8.579   1.00 7.73 ? 200 ARG A NH2  1 
ATOM   653  H  H    . ARG A 1 44  ? 4.004   20.218  3.734   1.00 4.32 ? 200 ARG A H    1 
ATOM   654  H  HA   . ARG A 1 44  ? 2.065   22.110  2.584   1.00 4.67 ? 200 ARG A HA   1 
ATOM   655  H  HB2  . ARG A 1 44  ? 1.863   23.279  4.498   1.00 5.12 ? 200 ARG A HB2  1 
ATOM   656  H  HB3  . ARG A 1 44  ? 2.446   21.813  5.272   1.00 5.18 ? 200 ARG A HB3  1 
ATOM   657  H  HG2  . ARG A 1 44  ? 4.772   22.738  5.030   1.00 5.58 ? 200 ARG A HG2  1 
ATOM   658  H  HG3  . ARG A 1 44  ? 4.027   24.259  4.532   1.00 5.69 ? 200 ARG A HG3  1 
ATOM   659  H  HD2  . ARG A 1 44  ? 4.325   23.109  7.184   1.00 6.43 ? 200 ARG A HD2  1 
ATOM   660  H  HD3  . ARG A 1 44  ? 3.982   24.771  6.705   1.00 6.54 ? 200 ARG A HD3  1 
ATOM   661  H  HE   . ARG A 1 44  ? 1.623   23.512  6.300   1.00 6.52 ? 200 ARG A HE   1 
ATOM   662  H  HH11 . ARG A 1 44  ? 3.803   23.702  9.009   1.00 7.29 ? 200 ARG A HH11 1 
ATOM   663  H  HH12 . ARG A 1 44  ? 2.550   23.538  10.195  1.00 8.13 ? 200 ARG A HH12 1 
ATOM   664  H  HH21 . ARG A 1 44  ? -0.035  23.296  7.852   1.00 7.71 ? 200 ARG A HH21 1 
ATOM   665  H  HH22 . ARG A 1 44  ? 0.368   23.307  9.537   1.00 8.33 ? 200 ARG A HH22 1 
ATOM   666  N  N    . HIS A 1 45  ? 5.274   21.974  2.533   1.00 4.34 ? 201 HIS A N    1 
ATOM   667  C  CA   . HIS A 1 45  ? 6.483   22.511  1.921   1.00 4.54 ? 201 HIS A CA   1 
ATOM   668  C  C    . HIS A 1 45  ? 7.039   21.548  0.878   1.00 4.27 ? 201 HIS A C    1 
ATOM   669  O  O    . HIS A 1 45  ? 6.545   21.483  -0.248  1.00 4.26 ? 201 HIS A O    1 
ATOM   670  C  CB   . HIS A 1 45  ? 7.542   22.789  2.991   1.00 4.86 ? 201 HIS A CB   1 
ATOM   671  C  CG   . HIS A 1 45  ? 7.454   24.164  3.575   1.00 5.40 ? 201 HIS A CG   1 
ATOM   672  N  ND1  . HIS A 1 45  ? 7.291   25.298  2.809   1.00 5.74 ? 201 HIS A ND1  1 
ATOM   673  C  CD2  . HIS A 1 45  ? 7.506   24.585  4.862   1.00 5.95 ? 201 HIS A CD2  1 
ATOM   674  C  CE1  . HIS A 1 45  ? 7.248   26.358  3.597   1.00 6.34 ? 201 HIS A CE1  1 
ATOM   675  N  NE2  . HIS A 1 45  ? 7.376   25.953  4.848   1.00 6.48 ? 201 HIS A NE2  1 
ATOM   676  H  H    . HIS A 1 45  ? 5.307   21.094  2.964   1.00 4.44 ? 201 HIS A H    1 
ATOM   677  H  HA   . HIS A 1 45  ? 6.224   23.440  1.434   1.00 4.95 ? 201 HIS A HA   1 
ATOM   678  H  HB2  . HIS A 1 45  ? 7.425   22.078  3.796   1.00 4.87 ? 201 HIS A HB2  1 
ATOM   679  H  HB3  . HIS A 1 45  ? 8.523   22.674  2.554   1.00 5.00 ? 201 HIS A HB3  1 
ATOM   680  H  HD1  . HIS A 1 45  ? 7.218   25.323  1.832   1.00 5.75 ? 201 HIS A HD1  1 
ATOM   681  H  HD2  . HIS A 1 45  ? 7.627   23.960  5.736   1.00 6.16 ? 201 HIS A HD2  1 
ATOM   682  H  HE1  . HIS A 1 45  ? 7.128   27.382  3.274   1.00 6.82 ? 201 HIS A HE1  1 
ATOM   683  H  HE2  . HIS A 1 45  ? 7.283   26.523  5.638   1.00 7.04 ? 201 HIS A HE2  1 
ATOM   684  N  N    . THR A 1 46  ? 8.071   20.801  1.259   1.00 4.41 ? 202 THR A N    1 
ATOM   685  C  CA   . THR A 1 46  ? 8.696   19.842  0.357   1.00 4.33 ? 202 THR A CA   1 
ATOM   686  C  C    . THR A 1 46  ? 8.687   18.439  0.955   1.00 3.92 ? 202 THR A C    1 
ATOM   687  O  O    . THR A 1 46  ? 9.180   18.223  2.062   1.00 4.31 ? 202 THR A O    1 
ATOM   688  C  CB   . THR A 1 46  ? 10.147  20.238  0.031   1.00 5.23 ? 202 THR A CB   1 
ATOM   689  O  OG1  . THR A 1 46  ? 10.939  20.226  1.225   1.00 5.72 ? 202 THR A OG1  1 
ATOM   690  C  CG2  . THR A 1 46  ? 10.201  21.618  -0.605  1.00 5.96 ? 202 THR A CG2  1 
ATOM   691  H  H    . THR A 1 46  ? 8.422   20.899  2.169   1.00 4.76 ? 202 THR A H    1 
ATOM   692  H  HA   . THR A 1 46  ? 8.131   19.832  -0.563  1.00 4.27 ? 202 THR A HA   1 
ATOM   693  H  HB   . THR A 1 46  ? 10.552  19.520  -0.667  1.00 5.35 ? 202 THR A HB   1 
ATOM   694  H  HG1  . THR A 1 46  ? 11.608  20.913  1.172   1.00 5.84 ? 202 THR A HG1  1 
ATOM   695  H  HG21 . THR A 1 46  ? 10.233  22.370  0.169   1.00 6.21 ? 202 THR A HG21 1 
ATOM   696  H  HG22 . THR A 1 46  ? 9.323   21.768  -1.216  1.00 6.29 ? 202 THR A HG22 1 
ATOM   697  H  HG23 . THR A 1 46  ? 11.085  21.697  -1.220  1.00 6.24 ? 202 THR A HG23 1 
ATOM   698  N  N    . TYR A 1 47  ? 8.122   17.489  0.216   1.00 3.42 ? 203 TYR A N    1 
ATOM   699  C  CA   . TYR A 1 47  ? 8.049   16.107  0.676   1.00 3.23 ? 203 TYR A CA   1 
ATOM   700  C  C    . TYR A 1 47  ? 8.290   15.136  -0.476  1.00 2.84 ? 203 TYR A C    1 
ATOM   701  O  O    . TYR A 1 47  ? 7.356   14.505  -0.971  1.00 2.46 ? 203 TYR A O    1 
ATOM   702  C  CB   . TYR A 1 47  ? 6.684   15.832  1.309   1.00 3.37 ? 203 TYR A CB   1 
ATOM   703  C  CG   . TYR A 1 47  ? 6.768   15.126  2.644   1.00 3.51 ? 203 TYR A CG   1 
ATOM   704  C  CD1  . TYR A 1 47  ? 7.650   14.070  2.837   1.00 3.87 ? 203 TYR A CD1  1 
ATOM   705  C  CD2  . TYR A 1 47  ? 5.965   15.512  3.709   1.00 4.00 ? 203 TYR A CD2  1 
ATOM   706  C  CE1  . TYR A 1 47  ? 7.731   13.420  4.054   1.00 4.54 ? 203 TYR A CE1  1 
ATOM   707  C  CE2  . TYR A 1 47  ? 6.039   14.868  4.930   1.00 4.66 ? 203 TYR A CE2  1 
ATOM   708  C  CZ   . TYR A 1 47  ? 6.924   13.823  5.097   1.00 4.86 ? 203 TYR A CZ   1 
ATOM   709  O  OH   . TYR A 1 47  ? 7.001   13.180  6.311   1.00 5.82 ? 203 TYR A OH   1 
ATOM   710  H  H    . TYR A 1 47  ? 7.746   17.724  -0.657  1.00 3.44 ? 203 TYR A H    1 
ATOM   711  H  HA   . TYR A 1 47  ? 8.818   15.964  1.421   1.00 3.66 ? 203 TYR A HA   1 
ATOM   712  H  HB2  . TYR A 1 47  ? 6.172   16.769  1.462   1.00 3.85 ? 203 TYR A HB2  1 
ATOM   713  H  HB3  . TYR A 1 47  ? 6.104   15.214  0.642   1.00 3.55 ? 203 TYR A HB3  1 
ATOM   714  H  HD1  . TYR A 1 47  ? 8.282   13.758  2.019   1.00 4.03 ? 203 TYR A HD1  1 
ATOM   715  H  HD2  . TYR A 1 47  ? 5.273   16.331  3.576   1.00 4.25 ? 203 TYR A HD2  1 
ATOM   716  H  HE1  . TYR A 1 47  ? 8.424   12.603  4.185   1.00 5.12 ? 203 TYR A HE1  1 
ATOM   717  H  HE2  . TYR A 1 47  ? 5.406   15.184  5.746   1.00 5.31 ? 203 TYR A HE2  1 
ATOM   718  H  HH   . TYR A 1 47  ? 6.117   13.058  6.667   1.00 6.19 ? 203 TYR A HH   1 
ATOM   719  N  N    . PRO A 1 48  ? 9.549   15.004  -0.919  1.00 3.23 ? 204 PRO A N    1 
ATOM   720  C  CA   . PRO A 1 48  ? 9.910   14.106  -2.020  1.00 3.15 ? 204 PRO A CA   1 
ATOM   721  C  C    . PRO A 1 48  ? 10.113  12.667  -1.557  1.00 2.84 ? 204 PRO A C    1 
ATOM   722  O  O    . PRO A 1 48  ? 11.216  12.278  -1.173  1.00 3.28 ? 204 PRO A O    1 
ATOM   723  C  CB   . PRO A 1 48  ? 11.228  14.704  -2.515  1.00 4.04 ? 204 PRO A CB   1 
ATOM   724  C  CG   . PRO A 1 48  ? 11.848  15.301  -1.299  1.00 4.47 ? 204 PRO A CG   1 
ATOM   725  C  CD   . PRO A 1 48  ? 10.724  15.718  -0.390  1.00 4.03 ? 204 PRO A CD   1 
ATOM   726  H  HA   . PRO A 1 48  ? 9.177   14.132  -2.813  1.00 3.03 ? 204 PRO A HA   1 
ATOM   727  H  HB2  . PRO A 1 48  ? 11.846  13.924  -2.934  1.00 4.27 ? 204 PRO A HB2  1 
ATOM   728  H  HB3  . PRO A 1 48  ? 11.027  15.456  -3.264  1.00 4.29 ? 204 PRO A HB3  1 
ATOM   729  H  HG2  . PRO A 1 48  ? 12.469  14.566  -0.809  1.00 4.82 ? 204 PRO A HG2  1 
ATOM   730  H  HG3  . PRO A 1 48  ? 12.440  16.161  -1.577  1.00 4.91 ? 204 PRO A HG3  1 
ATOM   731  H  HD2  . PRO A 1 48  ? 10.933  15.414  0.624   1.00 4.25 ? 204 PRO A HD2  1 
ATOM   732  H  HD3  . PRO A 1 48  ? 10.578  16.787  -0.440  1.00 4.23 ? 204 PRO A HD3  1 
ATOM   733  N  N    . ILE A 1 49  ? 9.041   11.882  -1.594  1.00 2.36 ? 205 ILE A N    1 
ATOM   734  C  CA   . ILE A 1 49  ? 9.102   10.487  -1.177  1.00 2.19 ? 205 ILE A CA   1 
ATOM   735  C  C    . ILE A 1 49  ? 8.319   9.593   -2.132  1.00 2.17 ? 205 ILE A C    1 
ATOM   736  O  O    . ILE A 1 49  ? 8.233   8.380   -1.934  1.00 2.64 ? 205 ILE A O    1 
ATOM   737  C  CB   . ILE A 1 49  ? 8.551   10.301  0.250   1.00 2.13 ? 205 ILE A CB   1 
ATOM   738  C  CG1  . ILE A 1 49  ? 7.226   11.051  0.410   1.00 2.12 ? 205 ILE A CG1  1 
ATOM   739  C  CG2  . ILE A 1 49  ? 9.565   10.781  1.276   1.00 2.72 ? 205 ILE A CG2  1 
ATOM   740  C  CD1  . ILE A 1 49  ? 6.379   10.544  1.556   1.00 2.25 ? 205 ILE A CD1  1 
ATOM   741  H  H    . ILE A 1 49  ? 8.190   12.250  -1.909  1.00 2.35 ? 205 ILE A H    1 
ATOM   742  H  HA   . ILE A 1 49  ? 10.138  10.182  -1.182  1.00 2.50 ? 205 ILE A HA   1 
ATOM   743  H  HB   . ILE A 1 49  ? 8.381   9.247   0.412   1.00 2.48 ? 205 ILE A HB   1 
ATOM   744  H  HG12 . ILE A 1 49  ? 7.432   12.097  0.587   1.00 2.50 ? 205 ILE A HG12 1 
ATOM   745  H  HG13 . ILE A 1 49  ? 6.652   10.951  -0.499  1.00 2.40 ? 205 ILE A HG13 1 
ATOM   746  H  HG21 . ILE A 1 49  ? 10.321  10.021  1.417   1.00 3.10 ? 205 ILE A HG21 1 
ATOM   747  H  HG22 . ILE A 1 49  ? 9.066   10.971  2.214   1.00 3.04 ? 205 ILE A HG22 1 
ATOM   748  H  HG23 . ILE A 1 49  ? 10.031  11.690  0.925   1.00 3.16 ? 205 ILE A HG23 1 
ATOM   749  H  HD11 . ILE A 1 49  ? 5.543   9.984   1.165   1.00 2.58 ? 205 ILE A HD11 1 
ATOM   750  H  HD12 . ILE A 1 49  ? 6.015   11.381  2.132   1.00 2.70 ? 205 ILE A HD12 1 
ATOM   751  H  HD13 . ILE A 1 49  ? 6.977   9.905   2.189   1.00 2.34 ? 205 ILE A HD13 1 
ATOM   752  N  N    . LEU A 1 50  ? 7.747   10.199  -3.168  1.00 2.08 ? 206 LEU A N    1 
ATOM   753  C  CA   . LEU A 1 50  ? 6.970   9.457   -4.153  1.00 2.30 ? 206 LEU A CA   1 
ATOM   754  C  C    . LEU A 1 50  ? 6.914   10.209  -5.479  1.00 2.64 ? 206 LEU A C    1 
ATOM   755  O  O    . LEU A 1 50  ? 5.858   10.697  -5.883  1.00 3.11 ? 206 LEU A O    1 
ATOM   756  C  CB   . LEU A 1 50  ? 5.552   9.209   -3.634  1.00 2.37 ? 206 LEU A CB   1 
ATOM   757  C  CG   . LEU A 1 50  ? 5.339   7.852   -2.961  1.00 2.49 ? 206 LEU A CG   1 
ATOM   758  C  CD1  . LEU A 1 50  ? 4.333   7.973   -1.825  1.00 2.78 ? 206 LEU A CD1  1 
ATOM   759  C  CD2  . LEU A 1 50  ? 4.876   6.820   -3.978  1.00 3.04 ? 206 LEU A CD2  1 
ATOM   760  H  H    . LEU A 1 50  ? 7.851   11.169  -3.271  1.00 2.19 ? 206 LEU A H    1 
ATOM   761  H  HA   . LEU A 1 50  ? 7.457   8.507   -4.313  1.00 2.51 ? 206 LEU A HA   1 
ATOM   762  H  HB2  . LEU A 1 50  ? 5.312   9.984   -2.922  1.00 2.51 ? 206 LEU A HB2  1 
ATOM   763  H  HB3  . LEU A 1 50  ? 4.868   9.283   -4.466  1.00 2.91 ? 206 LEU A HB3  1 
ATOM   764  H  HG   . LEU A 1 50  ? 6.275   7.514   -2.542  1.00 2.82 ? 206 LEU A HG   1 
ATOM   765  H  HD11 . LEU A 1 50  ? 3.427   8.431   -2.194  1.00 3.19 ? 206 LEU A HD11 1 
ATOM   766  H  HD12 . LEU A 1 50  ? 4.750   8.583   -1.038  1.00 3.08 ? 206 LEU A HD12 1 
ATOM   767  H  HD13 . LEU A 1 50  ? 4.108   6.990   -1.438  1.00 3.05 ? 206 LEU A HD13 1 
ATOM   768  H  HD21 . LEU A 1 50  ? 4.983   5.830   -3.559  1.00 3.59 ? 206 LEU A HD21 1 
ATOM   769  H  HD22 . LEU A 1 50  ? 5.477   6.900   -4.871  1.00 3.25 ? 206 LEU A HD22 1 
ATOM   770  H  HD23 . LEU A 1 50  ? 3.839   6.997   -4.224  1.00 3.30 ? 206 LEU A HD23 1 
ATOM   771  N  N    . ARG A 1 51  ? 8.056   10.299  -6.152  1.00 2.77 ? 207 ARG A N    1 
ATOM   772  C  CA   . ARG A 1 51  ? 8.136   10.992  -7.432  1.00 3.20 ? 207 ARG A CA   1 
ATOM   773  C  C    . ARG A 1 51  ? 7.394   10.218  -8.517  1.00 3.06 ? 207 ARG A C    1 
ATOM   774  O  O    . ARG A 1 51  ? 7.977   9.380   -9.203  1.00 3.47 ? 207 ARG A O    1 
ATOM   775  C  CB   . ARG A 1 51  ? 9.599   11.187  -7.839  1.00 3.82 ? 207 ARG A CB   1 
ATOM   776  C  CG   . ARG A 1 51  ? 10.332  12.220  -6.997  1.00 4.34 ? 207 ARG A CG   1 
ATOM   777  C  CD   . ARG A 1 51  ? 11.621  12.670  -7.666  1.00 4.94 ? 207 ARG A CD   1 
ATOM   778  N  NE   . ARG A 1 51  ? 11.369  13.389  -8.911  1.00 5.53 ? 207 ARG A NE   1 
ATOM   779  C  CZ   . ARG A 1 51  ? 12.331  13.892  -9.678  1.00 6.05 ? 207 ARG A CZ   1 
ATOM   780  N  NH1  . ARG A 1 51  ? 13.602  13.754  -9.326  1.00 6.11 ? 207 ARG A NH1  1 
ATOM   781  N  NH2  . ARG A 1 51  ? 12.023  14.533  -10.796 1.00 6.80 ? 207 ARG A NH2  1 
ATOM   782  H  H    . ARG A 1 51  ? 8.865   9.890   -5.778  1.00 2.81 ? 207 ARG A H    1 
ATOM   783  H  HA   . ARG A 1 51  ? 7.673   11.960  -7.315  1.00 3.48 ? 207 ARG A HA   1 
ATOM   784  H  HB2  . ARG A 1 51  ? 10.116  10.244  -7.744  1.00 4.18 ? 207 ARG A HB2  1 
ATOM   785  H  HB3  . ARG A 1 51  ? 9.634   11.505  -8.870  1.00 4.00 ? 207 ARG A HB3  1 
ATOM   786  H  HG2  . ARG A 1 51  ? 9.690   13.078  -6.859  1.00 4.24 ? 207 ARG A HG2  1 
ATOM   787  H  HG3  . ARG A 1 51  ? 10.566  11.785  -6.037  1.00 4.83 ? 207 ARG A HG3  1 
ATOM   788  H  HD2  . ARG A 1 51  ? 12.155  13.320  -6.988  1.00 5.09 ? 207 ARG A HD2  1 
ATOM   789  H  HD3  . ARG A 1 51  ? 12.224  11.799  -7.877  1.00 5.17 ? 207 ARG A HD3  1 
ATOM   790  H  HE   . ARG A 1 51  ? 10.437  13.501  -9.190  1.00 5.76 ? 207 ARG A HE   1 
ATOM   791  H  HH11 . ARG A 1 51  ? 13.838  13.271  -8.483  1.00 5.79 ? 207 ARG A HH11 1 
ATOM   792  H  HH12 . ARG A 1 51  ? 14.325  14.133  -9.904  1.00 6.65 ? 207 ARG A HH12 1 
ATOM   793  H  HH21 . ARG A 1 51  ? 11.066  14.638  -11.065 1.00 7.03 ? 207 ARG A HH21 1 
ATOM   794  H  HH22 . ARG A 1 51  ? 12.748  14.910  -11.372 1.00 7.27 ? 207 ARG A HH22 1 
ATOM   795  N  N    . GLU A 1 52  ? 6.106   10.508  -8.665  1.00 2.97 ? 208 GLU A N    1 
ATOM   796  C  CA   . GLU A 1 52  ? 5.284   9.839   -9.667  1.00 3.06 ? 208 GLU A CA   1 
ATOM   797  C  C    . GLU A 1 52  ? 5.493   10.458  -11.044 1.00 2.69 ? 208 GLU A C    1 
ATOM   798  O  O    . GLU A 1 52  ? 4.856   11.452  -11.393 1.00 3.05 ? 208 GLU A O    1 
ATOM   799  C  CB   . GLU A 1 52  ? 3.805   9.918   -9.278  1.00 3.79 ? 208 GLU A CB   1 
ATOM   800  C  CG   . GLU A 1 52  ? 3.477   9.192   -7.984  1.00 4.43 ? 208 GLU A CG   1 
ATOM   801  C  CD   . GLU A 1 52  ? 2.158   8.449   -8.051  1.00 5.41 ? 208 GLU A CD   1 
ATOM   802  O  OE1  . GLU A 1 52  ? 2.083   7.438   -8.779  1.00 5.95 ? 208 GLU A OE1  1 
ATOM   803  O  OE2  . GLU A 1 52  ? 1.199   8.879   -7.375  1.00 5.96 ? 208 GLU A OE2  1 
ATOM   804  H  H    . GLU A 1 52  ? 5.698   11.186  -8.087  1.00 3.18 ? 208 GLU A H    1 
ATOM   805  H  HA   . GLU A 1 52  ? 5.582   8.802   -9.703  1.00 3.42 ? 208 GLU A HA   1 
ATOM   806  H  HB2  . GLU A 1 52  ? 3.530   10.956  -9.164  1.00 4.11 ? 208 GLU A HB2  1 
ATOM   807  H  HB3  . GLU A 1 52  ? 3.214   9.482   -10.070 1.00 4.13 ? 208 GLU A HB3  1 
ATOM   808  H  HG2  . GLU A 1 52  ? 4.263   8.482   -7.775  1.00 4.48 ? 208 GLU A HG2  1 
ATOM   809  H  HG3  . GLU A 1 52  ? 3.426   9.916   -7.184  1.00 4.65 ? 208 GLU A HG3  1 
ATOM   810  N  N    . ASP A 1 53  ? 6.392   9.866   -11.824 1.00 2.43 ? 209 ASP A N    1 
ATOM   811  C  CA   . ASP A 1 53  ? 6.686   10.360  -13.164 1.00 2.62 ? 209 ASP A CA   1 
ATOM   812  C  C    . ASP A 1 53  ? 6.050   9.468   -14.224 1.00 2.48 ? 209 ASP A C    1 
ATOM   813  O  O    . ASP A 1 53  ? 6.216   9.696   -15.423 1.00 2.97 ? 209 ASP A O    1 
ATOM   814  C  CB   . ASP A 1 53  ? 8.199   10.433  -13.381 1.00 3.10 ? 209 ASP A CB   1 
ATOM   815  C  CG   . ASP A 1 53  ? 8.711   11.860  -13.405 1.00 3.49 ? 209 ASP A CG   1 
ATOM   816  O  OD1  . ASP A 1 53  ? 7.989   12.741  -13.915 1.00 3.62 ? 209 ASP A OD1  1 
ATOM   817  O  OD2  . ASP A 1 53  ? 9.835   12.095  -12.913 1.00 4.16 ? 209 ASP A OD2  1 
ATOM   818  H  H    . ASP A 1 53  ? 6.868   9.077   -11.490 1.00 2.48 ? 209 ASP A H    1 
ATOM   819  H  HA   . ASP A 1 53  ? 6.271   11.353  -13.249 1.00 2.97 ? 209 ASP A HA   1 
ATOM   820  H  HB2  . ASP A 1 53  ? 8.697   9.904   -12.582 1.00 3.31 ? 209 ASP A HB2  1 
ATOM   821  H  HB3  . ASP A 1 53  ? 8.443   9.966   -14.324 1.00 3.54 ? 209 ASP A HB3  1 
ATOM   822  N  N    . ALA A 1 54  ? 5.322   8.450   -13.776 1.00 2.09 ? 210 ALA A N    1 
ATOM   823  C  CA   . ALA A 1 54  ? 4.662   7.523   -14.687 1.00 2.16 ? 210 ALA A CA   1 
ATOM   824  C  C    . ALA A 1 54  ? 3.532   6.777   -13.984 1.00 1.92 ? 210 ALA A C    1 
ATOM   825  O  O    . ALA A 1 54  ? 3.612   6.502   -12.786 1.00 1.92 ? 210 ALA A O    1 
ATOM   826  C  CB   . ALA A 1 54  ? 5.671   6.541   -15.259 1.00 2.63 ? 210 ALA A CB   1 
ATOM   827  H  H    . ALA A 1 54  ? 5.227   8.319   -12.809 1.00 2.00 ? 210 ALA A H    1 
ATOM   828  H  HA   . ALA A 1 54  ? 4.249   8.097   -15.503 1.00 2.45 ? 210 ALA A HA   1 
ATOM   829  H  HB1  . ALA A 1 54  ? 6.450   6.359   -14.533 1.00 2.85 ? 210 ALA A HB1  1 
ATOM   830  H  HB2  . ALA A 1 54  ? 6.107   6.954   -16.157 1.00 3.08 ? 210 ALA A HB2  1 
ATOM   831  H  HB3  . ALA A 1 54  ? 5.175   5.611   -15.494 1.00 2.91 ? 210 ALA A HB3  1 
ATOM   832  N  N    . PRO A 1 55  ? 2.464   6.439   -14.721 1.00 2.05 ? 211 PRO A N    1 
ATOM   833  C  CA   . PRO A 1 55  ? 1.315   5.720   -14.159 1.00 2.11 ? 211 PRO A CA   1 
ATOM   834  C  C    . PRO A 1 55  ? 1.660   4.283   -13.784 1.00 1.84 ? 211 PRO A C    1 
ATOM   835  O  O    . PRO A 1 55  ? 1.024   3.689   -12.913 1.00 2.59 ? 211 PRO A O    1 
ATOM   836  C  CB   . PRO A 1 55  ? 0.289   5.744   -15.294 1.00 2.64 ? 211 PRO A CB   1 
ATOM   837  C  CG   . PRO A 1 55  ? 1.099   5.892   -16.535 1.00 2.79 ? 211 PRO A CG   1 
ATOM   838  C  CD   . PRO A 1 55  ? 2.289   6.728   -16.155 1.00 2.49 ? 211 PRO A CD   1 
ATOM   839  H  HA   . PRO A 1 55  ? 0.914   6.230   -13.296 1.00 2.25 ? 211 PRO A HA   1 
ATOM   840  H  HB2  . PRO A 1 55  ? -0.272  4.821   -15.295 1.00 2.76 ? 211 PRO A HB2  1 
ATOM   841  H  HB3  . PRO A 1 55  ? -0.381  6.580   -15.160 1.00 2.95 ? 211 PRO A HB3  1 
ATOM   842  H  HG2  . PRO A 1 55  ? 1.419   4.921   -16.883 1.00 2.81 ? 211 PRO A HG2  1 
ATOM   843  H  HG3  . PRO A 1 55  ? 0.518   6.391   -17.297 1.00 3.26 ? 211 PRO A HG3  1 
ATOM   844  H  HD2  . PRO A 1 55  ? 3.159   6.424   -16.719 1.00 2.58 ? 211 PRO A HD2  1 
ATOM   845  H  HD3  . PRO A 1 55  ? 2.081   7.775   -16.314 1.00 2.71 ? 211 PRO A HD3  1 
ATOM   846  N  N    . ALA A 1 56  ? 2.671   3.729   -14.445 1.00 1.36 ? 212 ALA A N    1 
ATOM   847  C  CA   . ALA A 1 56  ? 3.101   2.362   -14.180 1.00 1.23 ? 212 ALA A CA   1 
ATOM   848  C  C    . ALA A 1 56  ? 4.600   2.301   -13.908 1.00 1.29 ? 212 ALA A C    1 
ATOM   849  O  O    . ALA A 1 56  ? 5.406   2.219   -14.834 1.00 1.62 ? 212 ALA A O    1 
ATOM   850  C  CB   . ALA A 1 56  ? 2.738   1.459   -15.349 1.00 1.57 ? 212 ALA A CB   1 
ATOM   851  H  H    . ALA A 1 56  ? 3.140   4.254   -15.128 1.00 1.70 ? 212 ALA A H    1 
ATOM   852  H  HA   . ALA A 1 56  ? 2.571   2.010   -13.307 1.00 1.16 ? 212 ALA A HA   1 
ATOM   853  H  HB1  . ALA A 1 56  ? 2.329   2.056   -16.152 1.00 1.83 ? 212 ALA A HB1  1 
ATOM   854  H  HB2  . ALA A 1 56  ? 2.003   0.735   -15.030 1.00 1.85 ? 212 ALA A HB2  1 
ATOM   855  H  HB3  . ALA A 1 56  ? 3.622   0.946   -15.696 1.00 2.16 ? 212 ALA A HB3  1 
ATOM   856  N  N    . GLU A 1 57  ? 4.966   2.340   -12.630 1.00 1.30 ? 213 GLU A N    1 
ATOM   857  C  CA   . GLU A 1 57  ? 6.369   2.289   -12.236 1.00 1.60 ? 213 GLU A CA   1 
ATOM   858  C  C    . GLU A 1 57  ? 6.507   1.908   -10.766 1.00 1.39 ? 213 GLU A C    1 
ATOM   859  O  O    . GLU A 1 57  ? 7.247   0.987   -10.421 1.00 1.78 ? 213 GLU A O    1 
ATOM   860  C  CB   . GLU A 1 57  ? 7.041   3.641   -12.490 1.00 2.06 ? 213 GLU A CB   1 
ATOM   861  C  CG   . GLU A 1 57  ? 8.558   3.590   -12.405 1.00 2.59 ? 213 GLU A CG   1 
ATOM   862  C  CD   . GLU A 1 57  ? 9.218   3.560   -13.769 1.00 3.13 ? 213 GLU A CD   1 
ATOM   863  O  OE1  . GLU A 1 57  ? 9.042   4.530   -14.536 1.00 3.56 ? 213 GLU A OE1  1 
ATOM   864  O  OE2  . GLU A 1 57  ? 9.912   2.566   -14.072 1.00 3.67 ? 213 GLU A OE2  1 
ATOM   865  H  H    . GLU A 1 57  ? 4.277   2.406   -11.937 1.00 1.33 ? 213 GLU A H    1 
ATOM   866  H  HA   . GLU A 1 57  ? 6.856   1.537   -12.839 1.00 1.83 ? 213 GLU A HA   1 
ATOM   867  H  HB2  . GLU A 1 57  ? 6.769   3.985   -13.477 1.00 2.32 ? 213 GLU A HB2  1 
ATOM   868  H  HB3  . GLU A 1 57  ? 6.684   4.350   -11.759 1.00 2.19 ? 213 GLU A HB3  1 
ATOM   869  H  HG2  . GLU A 1 57  ? 8.905   4.464   -11.874 1.00 2.92 ? 213 GLU A HG2  1 
ATOM   870  H  HG3  . GLU A 1 57  ? 8.847   2.702   -11.862 1.00 2.93 ? 213 GLU A HG3  1 
ATOM   871  N  N    . HIS A 1 58  ? 5.792   2.623   -9.904  1.00 1.04 ? 214 HIS A N    1 
ATOM   872  C  CA   . HIS A 1 58  ? 5.835   2.359   -8.472  1.00 0.91 ? 214 HIS A CA   1 
ATOM   873  C  C    . HIS A 1 58  ? 4.850   1.260   -8.089  1.00 0.76 ? 214 HIS A C    1 
ATOM   874  O  O    . HIS A 1 58  ? 4.810   0.821   -6.941  1.00 0.83 ? 214 HIS A O    1 
ATOM   875  C  CB   . HIS A 1 58  ? 5.522   3.635   -7.688  1.00 1.06 ? 214 HIS A CB   1 
ATOM   876  C  CG   . HIS A 1 58  ? 6.179   3.688   -6.344  1.00 1.29 ? 214 HIS A CG   1 
ATOM   877  N  ND1  . HIS A 1 58  ? 7.252   4.507   -6.062  1.00 2.17 ? 214 HIS A ND1  1 
ATOM   878  C  CD2  . HIS A 1 58  ? 5.908   3.018   -5.198  1.00 1.65 ? 214 HIS A CD2  1 
ATOM   879  C  CE1  . HIS A 1 58  ? 7.614   4.338   -4.803  1.00 2.68 ? 214 HIS A CE1  1 
ATOM   880  N  NE2  . HIS A 1 58  ? 6.815   3.440   -4.256  1.00 2.33 ? 214 HIS A NE2  1 
ATOM   881  H  H    . HIS A 1 58  ? 5.220   3.345   -10.241 1.00 1.14 ? 214 HIS A H    1 
ATOM   882  H  HA   . HIS A 1 58  ? 6.834   2.033   -8.225  1.00 0.95 ? 214 HIS A HA   1 
ATOM   883  H  HB2  . HIS A 1 58  ? 5.858   4.490   -8.255  1.00 1.57 ? 214 HIS A HB2  1 
ATOM   884  H  HB3  . HIS A 1 58  ? 4.454   3.705   -7.540  1.00 1.31 ? 214 HIS A HB3  1 
ATOM   885  H  HD1  . HIS A 1 58  ? 7.684   5.120   -6.692  1.00 2.62 ? 214 HIS A HD1  1 
ATOM   886  H  HD2  . HIS A 1 58  ? 5.125   2.288   -5.053  1.00 1.96 ? 214 HIS A HD2  1 
ATOM   887  H  HE1  . HIS A 1 58  ? 8.425   4.848   -4.305  1.00 3.50 ? 214 HIS A HE1  1 
ATOM   888  H  HE2  . HIS A 1 58  ? 6.803   3.198   -3.307  1.00 2.79 ? 214 HIS A HE2  1 
ATOM   889  N  N    . VAL A 1 59  ? 4.057   0.819   -9.061  1.00 0.67 ? 215 VAL A N    1 
ATOM   890  C  CA   . VAL A 1 59  ? 3.071   -0.229  -8.825  1.00 0.59 ? 215 VAL A CA   1 
ATOM   891  C  C    . VAL A 1 59  ? 3.650   -1.606  -9.129  1.00 0.55 ? 215 VAL A C    1 
ATOM   892  O  O    . VAL A 1 59  ? 3.361   -2.580  -8.432  1.00 0.55 ? 215 VAL A O    1 
ATOM   893  C  CB   . VAL A 1 59  ? 1.809   -0.017  -9.681  1.00 0.61 ? 215 VAL A CB   1 
ATOM   894  C  CG1  . VAL A 1 59  ? 0.821   -1.155  -9.470  1.00 1.00 ? 215 VAL A CG1  1 
ATOM   895  C  CG2  . VAL A 1 59  ? 1.166   1.324   -9.360  1.00 1.08 ? 215 VAL A CG2  1 
ATOM   896  H  H    . VAL A 1 59  ? 4.135   1.208   -9.957  1.00 0.72 ? 215 VAL A H    1 
ATOM   897  H  HA   . VAL A 1 59  ? 2.785   -0.190  -7.784  1.00 0.63 ? 215 VAL A HA   1 
ATOM   898  H  HB   . VAL A 1 59  ? 2.100   -0.012  -10.721 1.00 0.88 ? 215 VAL A HB   1 
ATOM   899  H  HG11 . VAL A 1 59  ? 1.358   -2.054  -9.209  1.00 1.41 ? 215 VAL A HG11 1 
ATOM   900  H  HG12 . VAL A 1 59  ? 0.263   -1.321  -10.379 1.00 1.72 ? 215 VAL A HG12 1 
ATOM   901  H  HG13 . VAL A 1 59  ? 0.141   -0.897  -8.671  1.00 1.44 ? 215 VAL A HG13 1 
ATOM   902  H  HG21 . VAL A 1 59  ? 1.000   1.872   -10.276 1.00 1.75 ? 215 VAL A HG21 1 
ATOM   903  H  HG22 . VAL A 1 59  ? 1.819   1.891   -8.714  1.00 1.52 ? 215 VAL A HG22 1 
ATOM   904  H  HG23 . VAL A 1 59  ? 0.221   1.160   -8.863  1.00 1.48 ? 215 VAL A HG23 1 
ATOM   905  N  N    . GLU A 1 60  ? 4.469   -1.683  -10.173 1.00 0.68 ? 216 GLU A N    1 
ATOM   906  C  CA   . GLU A 1 60  ? 5.088   -2.943  -10.569 1.00 0.71 ? 216 GLU A CA   1 
ATOM   907  C  C    . GLU A 1 60  ? 6.047   -3.441  -9.494  1.00 0.65 ? 216 GLU A C    1 
ATOM   908  O  O    . GLU A 1 60  ? 6.037   -4.619  -9.136  1.00 0.68 ? 216 GLU A O    1 
ATOM   909  C  CB   . GLU A 1 60  ? 5.832   -2.773  -11.895 1.00 0.92 ? 216 GLU A CB   1 
ATOM   910  C  CG   . GLU A 1 60  ? 5.103   -3.381  -13.083 1.00 1.51 ? 216 GLU A CG   1 
ATOM   911  C  CD   . GLU A 1 60  ? 5.814   -3.121  -14.397 1.00 2.16 ? 216 GLU A CD   1 
ATOM   912  O  OE1  . GLU A 1 60  ? 6.806   -2.362  -14.396 1.00 2.78 ? 216 GLU A OE1  1 
ATOM   913  O  OE2  . GLU A 1 60  ? 5.378   -3.677  -15.427 1.00 2.70 ? 216 GLU A OE2  1 
ATOM   914  H  H    . GLU A 1 60  ? 4.662   -0.873  -10.688 1.00 0.83 ? 216 GLU A H    1 
ATOM   915  H  HA   . GLU A 1 60  ? 4.301   -3.671  -10.698 1.00 0.70 ? 216 GLU A HA   1 
ATOM   916  H  HB2  . GLU A 1 60  ? 5.970   -1.720  -12.086 1.00 1.21 ? 216 GLU A HB2  1 
ATOM   917  H  HB3  . GLU A 1 60  ? 6.800   -3.245  -11.814 1.00 1.49 ? 216 GLU A HB3  1 
ATOM   918  H  HG2  . GLU A 1 60  ? 5.030   -4.448  -12.936 1.00 2.04 ? 216 GLU A HG2  1 
ATOM   919  H  HG3  . GLU A 1 60  ? 4.112   -2.957  -13.136 1.00 1.97 ? 216 GLU A HG3  1 
ATOM   920  N  N    . ARG A 1 61  ? 6.877   -2.538  -8.981  1.00 0.68 ? 217 ARG A N    1 
ATOM   921  C  CA   . ARG A 1 61  ? 7.843   -2.886  -7.947  1.00 0.69 ? 217 ARG A CA   1 
ATOM   922  C  C    . ARG A 1 61  ? 7.139   -3.269  -6.650  1.00 0.59 ? 217 ARG A C    1 
ATOM   923  O  O    . ARG A 1 61  ? 7.503   -4.251  -6.001  1.00 0.64 ? 217 ARG A O    1 
ATOM   924  C  CB   . ARG A 1 61  ? 8.798   -1.718  -7.696  1.00 0.83 ? 217 ARG A CB   1 
ATOM   925  C  CG   . ARG A 1 61  ? 10.206  -1.960  -8.215  1.00 1.34 ? 217 ARG A CG   1 
ATOM   926  C  CD   . ARG A 1 61  ? 11.075  -0.721  -8.071  1.00 1.69 ? 217 ARG A CD   1 
ATOM   927  N  NE   . ARG A 1 61  ? 11.388  -0.432  -6.674  1.00 1.85 ? 217 ARG A NE   1 
ATOM   928  C  CZ   . ARG A 1 61  ? 12.405  0.333   -6.291  1.00 2.43 ? 217 ARG A CZ   1 
ATOM   929  N  NH1  . ARG A 1 61  ? 13.202  0.883   -7.198  1.00 2.91 ? 217 ARG A NH1  1 
ATOM   930  N  NH2  . ARG A 1 61  ? 12.625  0.550   -5.001  1.00 3.12 ? 217 ARG A NH2  1 
ATOM   931  H  H    . ARG A 1 61  ? 6.837   -1.613  -9.306  1.00 0.77 ? 217 ARG A H    1 
ATOM   932  H  HA   . ARG A 1 61  ? 8.411   -3.735  -8.299  1.00 0.69 ? 217 ARG A HA   1 
ATOM   933  H  HB2  . ARG A 1 61  ? 8.406   -0.837  -8.182  1.00 1.42 ? 217 ARG A HB2  1 
ATOM   934  H  HB3  . ARG A 1 61  ? 8.856   -1.536  -6.634  1.00 1.33 ? 217 ARG A HB3  1 
ATOM   935  H  HG2  . ARG A 1 61  ? 10.652  -2.767  -7.653  1.00 1.91 ? 217 ARG A HG2  1 
ATOM   936  H  HG3  . ARG A 1 61  ? 10.153  -2.233  -9.259  1.00 2.03 ? 217 ARG A HG3  1 
ATOM   937  H  HD2  . ARG A 1 61  ? 11.996  -0.878  -8.611  1.00 2.27 ? 217 ARG A HD2  1 
ATOM   938  H  HD3  . ARG A 1 61  ? 10.549  0.122   -8.494  1.00 2.26 ? 217 ARG A HD3  1 
ATOM   939  H  HE   . ARG A 1 61  ? 10.811  -0.828  -5.988  1.00 2.13 ? 217 ARG A HE   1 
ATOM   940  H  HH11 . ARG A 1 61  ? 13.039  0.721   -8.171  1.00 2.99 ? 217 ARG A HH11 1 
ATOM   941  H  HH12 . ARG A 1 61  ? 13.966  1.458   -6.907  1.00 3.52 ? 217 ARG A HH12 1 
ATOM   942  H  HH21 . ARG A 1 61  ? 12.026  0.137   -4.316  1.00 3.39 ? 217 ARG A HH21 1 
ATOM   943  H  HH22 . ARG A 1 61  ? 13.391  1.125   -4.716  1.00 3.63 ? 217 ARG A HH22 1 
ATOM   944  N  N    . PHE A 1 62  ? 6.130   -2.490  -6.277  1.00 0.49 ? 218 PHE A N    1 
ATOM   945  C  CA   . PHE A 1 62  ? 5.375   -2.748  -5.057  1.00 0.41 ? 218 PHE A CA   1 
ATOM   946  C  C    . PHE A 1 62  ? 4.617   -4.068  -5.154  1.00 0.36 ? 218 PHE A C    1 
ATOM   947  O  O    . PHE A 1 62  ? 4.480   -4.790  -4.167  1.00 0.39 ? 218 PHE A O    1 
ATOM   948  C  CB   . PHE A 1 62  ? 4.398   -1.602  -4.787  1.00 0.38 ? 218 PHE A CB   1 
ATOM   949  C  CG   . PHE A 1 62  ? 3.221   -1.998  -3.941  1.00 0.37 ? 218 PHE A CG   1 
ATOM   950  C  CD1  . PHE A 1 62  ? 3.383   -2.248  -2.588  1.00 1.35 ? 218 PHE A CD1  1 
ATOM   951  C  CD2  . PHE A 1 62  ? 1.957   -2.119  -4.493  1.00 1.19 ? 218 PHE A CD2  1 
ATOM   952  C  CE1  . PHE A 1 62  ? 2.307   -2.610  -1.801  1.00 1.53 ? 218 PHE A CE1  1 
ATOM   953  C  CE2  . PHE A 1 62  ? 0.875   -2.482  -3.712  1.00 1.21 ? 218 PHE A CE2  1 
ATOM   954  C  CZ   . PHE A 1 62  ? 1.050   -2.728  -2.363  1.00 0.83 ? 218 PHE A CZ   1 
ATOM   955  H  H    . PHE A 1 62  ? 5.887   -1.722  -6.836  1.00 0.52 ? 218 PHE A H    1 
ATOM   956  H  HA   . PHE A 1 62  ? 6.077   -2.810  -4.239  1.00 0.46 ? 218 PHE A HA   1 
ATOM   957  H  HB2  . PHE A 1 62  ? 4.920   -0.808  -4.274  1.00 0.50 ? 218 PHE A HB2  1 
ATOM   958  H  HB3  . PHE A 1 62  ? 4.024   -1.228  -5.729  1.00 0.48 ? 218 PHE A HB3  1 
ATOM   959  H  HD1  . PHE A 1 62  ? 4.365   -2.155  -2.146  1.00 2.20 ? 218 PHE A HD1  1 
ATOM   960  H  HD2  . PHE A 1 62  ? 1.816   -1.929  -5.546  1.00 2.10 ? 218 PHE A HD2  1 
ATOM   961  H  HE1  . PHE A 1 62  ? 2.446   -2.803  -0.747  1.00 2.46 ? 218 PHE A HE1  1 
ATOM   962  H  HE2  . PHE A 1 62  ? -0.105  -2.574  -4.156  1.00 2.04 ? 218 PHE A HE2  1 
ATOM   963  H  HZ   . PHE A 1 62  ? 0.207   -3.012  -1.751  1.00 1.05 ? 218 PHE A HZ   1 
ATOM   964  N  N    . PHE A 1 63  ? 4.128   -4.376  -6.350  1.00 0.32 ? 219 PHE A N    1 
ATOM   965  C  CA   . PHE A 1 63  ? 3.380   -5.608  -6.577  1.00 0.29 ? 219 PHE A CA   1 
ATOM   966  C  C    . PHE A 1 63  ? 4.316   -6.809  -6.663  1.00 0.29 ? 219 PHE A C    1 
ATOM   967  O  O    . PHE A 1 63  ? 3.974   -7.906  -6.221  1.00 0.28 ? 219 PHE A O    1 
ATOM   968  C  CB   . PHE A 1 63  ? 2.555   -5.497  -7.860  1.00 0.29 ? 219 PHE A CB   1 
ATOM   969  C  CG   . PHE A 1 63  ? 1.117   -5.893  -7.685  1.00 0.27 ? 219 PHE A CG   1 
ATOM   970  C  CD1  . PHE A 1 63  ? 0.744   -7.226  -7.720  1.00 1.21 ? 219 PHE A CD1  1 
ATOM   971  C  CD2  . PHE A 1 63  ? 0.141   -4.931  -7.483  1.00 1.20 ? 219 PHE A CD2  1 
ATOM   972  C  CE1  . PHE A 1 63  ? -0.579  -7.594  -7.558  1.00 1.28 ? 219 PHE A CE1  1 
ATOM   973  C  CE2  . PHE A 1 63  ? -1.183  -5.291  -7.322  1.00 1.19 ? 219 PHE A CE2  1 
ATOM   974  C  CZ   . PHE A 1 63  ? -1.544  -6.625  -7.359  1.00 0.47 ? 219 PHE A CZ   1 
ATOM   975  H  H    . PHE A 1 63  ? 4.273   -3.761  -7.099  1.00 0.36 ? 219 PHE A H    1 
ATOM   976  H  HA   . PHE A 1 63  ? 2.711   -5.746  -5.741  1.00 0.28 ? 219 PHE A HA   1 
ATOM   977  H  HB2  . PHE A 1 63  ? 2.578   -4.475  -8.209  1.00 0.36 ? 219 PHE A HB2  1 
ATOM   978  H  HB3  . PHE A 1 63  ? 2.987   -6.139  -8.614  1.00 0.35 ? 219 PHE A HB3  1 
ATOM   979  H  HD1  . PHE A 1 63  ? 1.497   -7.984  -7.874  1.00 2.09 ? 219 PHE A HD1  1 
ATOM   980  H  HD2  . PHE A 1 63  ? 0.422   -3.888  -7.455  1.00 2.11 ? 219 PHE A HD2  1 
ATOM   981  H  HE1  . PHE A 1 63  ? -0.856  -8.637  -7.588  1.00 2.20 ? 219 PHE A HE1  1 
ATOM   982  H  HE2  . PHE A 1 63  ? -1.936  -4.533  -7.165  1.00 2.07 ? 219 PHE A HE2  1 
ATOM   983  H  HZ   . PHE A 1 63  ? -2.578  -6.908  -7.231  1.00 0.58 ? 219 PHE A HZ   1 
ATOM   984  N  N    . GLU A 1 64  ? 5.496   -6.597  -7.237  1.00 0.38 ? 220 GLU A N    1 
ATOM   985  C  CA   . GLU A 1 64  ? 6.477   -7.665  -7.382  1.00 0.41 ? 220 GLU A CA   1 
ATOM   986  C  C    . GLU A 1 64  ? 7.014   -8.103  -6.023  1.00 0.37 ? 220 GLU A C    1 
ATOM   987  O  O    . GLU A 1 64  ? 7.440   -9.245  -5.851  1.00 0.34 ? 220 GLU A O    1 
ATOM   988  C  CB   . GLU A 1 64  ? 7.630   -7.210  -8.278  1.00 0.57 ? 220 GLU A CB   1 
ATOM   989  C  CG   . GLU A 1 64  ? 8.620   -8.317  -8.604  1.00 1.05 ? 220 GLU A CG   1 
ATOM   990  C  CD   . GLU A 1 64  ? 9.399   -8.046  -9.876  1.00 1.54 ? 220 GLU A CD   1 
ATOM   991  O  OE1  . GLU A 1 64  ? 9.139   -7.009  -10.522 1.00 2.37 ? 220 GLU A OE1  1 
ATOM   992  O  OE2  . GLU A 1 64  ? 10.269  -8.871  -10.226 1.00 1.95 ? 220 GLU A OE2  1 
ATOM   993  H  H    . GLU A 1 64  ? 5.712   -5.701  -7.569  1.00 0.44 ? 220 GLU A H    1 
ATOM   994  H  HA   . GLU A 1 64  ? 5.984   -8.507  -7.844  1.00 0.42 ? 220 GLU A HA   1 
ATOM   995  H  HB2  . GLU A 1 64  ? 7.225   -6.835  -9.206  1.00 0.93 ? 220 GLU A HB2  1 
ATOM   996  H  HB3  . GLU A 1 64  ? 8.164   -6.413  -7.781  1.00 1.09 ? 220 GLU A HB3  1 
ATOM   997  H  HG2  . GLU A 1 64  ? 9.319   -8.410  -7.786  1.00 1.68 ? 220 GLU A HG2  1 
ATOM   998  H  HG3  . GLU A 1 64  ? 8.078   -9.243  -8.721  1.00 1.57 ? 220 GLU A HG3  1 
ATOM   999  N  N    . LYS A 1 65  ? 6.989   -7.186  -5.063  1.00 0.42 ? 221 LYS A N    1 
ATOM   1000 C  CA   . LYS A 1 65  ? 7.475   -7.471  -3.719  1.00 0.46 ? 221 LYS A CA   1 
ATOM   1001 C  C    . LYS A 1 65  ? 6.331   -7.882  -2.798  1.00 0.42 ? 221 LYS A C    1 
ATOM   1002 O  O    . LYS A 1 65  ? 6.555   -8.453  -1.730  1.00 0.60 ? 221 LYS A O    1 
ATOM   1003 C  CB   . LYS A 1 65  ? 8.192   -6.242  -3.156  1.00 0.59 ? 221 LYS A CB   1 
ATOM   1004 C  CG   . LYS A 1 65  ? 8.940   -6.507  -1.860  1.00 0.81 ? 221 LYS A CG   1 
ATOM   1005 C  CD   . LYS A 1 65  ? 10.322  -5.873  -1.876  1.00 1.34 ? 221 LYS A CD   1 
ATOM   1006 C  CE   . LYS A 1 65  ? 11.189  -6.454  -2.982  1.00 1.88 ? 221 LYS A CE   1 
ATOM   1007 N  NZ   . LYS A 1 65  ? 12.554  -6.793  -2.497  1.00 2.40 ? 221 LYS A NZ   1 
ATOM   1008 H  H    . LYS A 1 65  ? 6.636   -6.294  -5.264  1.00 0.46 ? 221 LYS A H    1 
ATOM   1009 H  HA   . LYS A 1 65  ? 8.180   -8.288  -3.787  1.00 0.46 ? 221 LYS A HA   1 
ATOM   1010 H  HB2  . LYS A 1 65  ? 8.899   -5.891  -3.893  1.00 0.72 ? 221 LYS A HB2  1 
ATOM   1011 H  HB3  . LYS A 1 65  ? 7.460   -5.469  -2.975  1.00 0.56 ? 221 LYS A HB3  1 
ATOM   1012 H  HG2  . LYS A 1 65  ? 8.375   -6.093  -1.038  1.00 1.49 ? 221 LYS A HG2  1 
ATOM   1013 H  HG3  . LYS A 1 65  ? 9.043   -7.574  -1.727  1.00 1.25 ? 221 LYS A HG3  1 
ATOM   1014 H  HD2  . LYS A 1 65  ? 10.218  -4.810  -2.033  1.00 1.89 ? 221 LYS A HD2  1 
ATOM   1015 H  HD3  . LYS A 1 65  ? 10.799  -6.054  -0.924  1.00 1.93 ? 221 LYS A HD3  1 
ATOM   1016 H  HE2  . LYS A 1 65  ? 10.718  -7.349  -3.358  1.00 2.42 ? 221 LYS A HE2  1 
ATOM   1017 H  HE3  . LYS A 1 65  ? 11.267  -5.727  -3.778  1.00 2.33 ? 221 LYS A HE3  1 
ATOM   1018 H  HZ1  . LYS A 1 65  ? 12.993  -7.496  -3.127  1.00 2.92 ? 221 LYS A HZ1  1 
ATOM   1019 H  HZ2  . LYS A 1 65  ? 12.506  -7.187  -1.537  1.00 2.78 ? 221 LYS A HZ2  1 
ATOM   1020 H  HZ3  . LYS A 1 65  ? 13.150  -5.940  -2.479  1.00 2.67 ? 221 LYS A HZ3  1 
ATOM   1021 N  N    . MET A 1 66  ? 5.105   -7.591  -3.218  1.00 0.35 ? 222 MET A N    1 
ATOM   1022 C  CA   . MET A 1 66  ? 3.927   -7.929  -2.427  1.00 0.30 ? 222 MET A CA   1 
ATOM   1023 C  C    . MET A 1 66  ? 3.417   -9.325  -2.768  1.00 0.26 ? 222 MET A C    1 
ATOM   1024 O  O    . MET A 1 66  ? 3.303   -10.183 -1.893  1.00 0.26 ? 222 MET A O    1 
ATOM   1025 C  CB   . MET A 1 66  ? 2.820   -6.898  -2.654  1.00 0.28 ? 222 MET A CB   1 
ATOM   1026 C  CG   . MET A 1 66  ? 2.550   -6.019  -1.444  1.00 0.29 ? 222 MET A CG   1 
ATOM   1027 S  SD   . MET A 1 66  ? 4.040   -5.214  -0.825  1.00 0.65 ? 222 MET A SD   1 
ATOM   1028 C  CE   . MET A 1 66  ? 3.796   -5.361  0.942   1.00 0.34 ? 222 MET A CE   1 
ATOM   1029 H  H    . MET A 1 66  ? 4.989   -7.137  -4.079  1.00 0.45 ? 222 MET A H    1 
ATOM   1030 H  HA   . MET A 1 66  ? 4.214   -7.910  -1.385  1.00 0.35 ? 222 MET A HA   1 
ATOM   1031 H  HB2  . MET A 1 66  ? 3.100   -6.261  -3.479  1.00 0.30 ? 222 MET A HB2  1 
ATOM   1032 H  HB3  . MET A 1 66  ? 1.907   -7.418  -2.905  1.00 0.31 ? 222 MET A HB3  1 
ATOM   1033 H  HG2  . MET A 1 66  ? 1.836   -5.257  -1.720  1.00 0.39 ? 222 MET A HG2  1 
ATOM   1034 H  HG3  . MET A 1 66  ? 2.135   -6.631  -0.657  1.00 0.49 ? 222 MET A HG3  1 
ATOM   1035 H  HE1  . MET A 1 66  ? 4.694   -5.052  1.457   1.00 1.04 ? 222 MET A HE1  1 
ATOM   1036 H  HE2  . MET A 1 66  ? 3.574   -6.388  1.191   1.00 1.06 ? 222 MET A HE2  1 
ATOM   1037 H  HE3  . MET A 1 66  ? 2.973   -4.731  1.245   1.00 1.05 ? 222 MET A HE3  1 
ATOM   1038 N  N    . ASP A 1 67  ? 3.108   -9.545  -4.043  1.00 0.24 ? 223 ASP A N    1 
ATOM   1039 C  CA   . ASP A 1 67  ? 2.610   -10.839 -4.493  1.00 0.22 ? 223 ASP A CA   1 
ATOM   1040 C  C    . ASP A 1 67  ? 3.675   -11.918 -4.320  1.00 0.23 ? 223 ASP A C    1 
ATOM   1041 O  O    . ASP A 1 67  ? 4.666   -11.949 -5.049  1.00 0.29 ? 223 ASP A O    1 
ATOM   1042 C  CB   . ASP A 1 67  ? 2.171   -10.764 -5.957  1.00 0.24 ? 223 ASP A CB   1 
ATOM   1043 C  CG   . ASP A 1 67  ? 1.005   -11.685 -6.256  1.00 0.24 ? 223 ASP A CG   1 
ATOM   1044 O  OD1  . ASP A 1 67  ? 0.983   -12.809 -5.710  1.00 0.35 ? 223 ASP A OD1  1 
ATOM   1045 O  OD2  . ASP A 1 67  ? 0.114   -11.285 -7.034  1.00 0.25 ? 223 ASP A OD2  1 
ATOM   1046 H  H    . ASP A 1 67  ? 3.219   -8.822  -4.693  1.00 0.26 ? 223 ASP A H    1 
ATOM   1047 H  HA   . ASP A 1 67  ? 1.755   -11.093 -3.884  1.00 0.21 ? 223 ASP A HA   1 
ATOM   1048 H  HB2  . ASP A 1 67  ? 1.874   -9.752  -6.186  1.00 0.28 ? 223 ASP A HB2  1 
ATOM   1049 H  HB3  . ASP A 1 67  ? 3.000   -11.044 -6.591  1.00 0.27 ? 223 ASP A HB3  1 
ATOM   1050 N  N    . ARG A 1 68  ? 3.461   -12.802 -3.352  1.00 0.23 ? 224 ARG A N    1 
ATOM   1051 C  CA   . ARG A 1 68  ? 4.405   -13.878 -3.075  1.00 0.26 ? 224 ARG A CA   1 
ATOM   1052 C  C    . ARG A 1 68  ? 4.304   -14.983 -4.121  1.00 0.26 ? 224 ARG A C    1 
ATOM   1053 O  O    . ARG A 1 68  ? 5.300   -15.357 -4.741  1.00 0.31 ? 224 ARG A O    1 
ATOM   1054 C  CB   . ARG A 1 68  ? 4.154   -14.458 -1.681  1.00 0.28 ? 224 ARG A CB   1 
ATOM   1055 C  CG   . ARG A 1 68  ? 5.423   -14.884 -0.962  1.00 0.80 ? 224 ARG A CG   1 
ATOM   1056 C  CD   . ARG A 1 68  ? 5.120   -15.433 0.423   1.00 1.22 ? 224 ARG A CD   1 
ATOM   1057 N  NE   . ARG A 1 68  ? 6.152   -16.359 0.882   1.00 1.99 ? 224 ARG A NE   1 
ATOM   1058 C  CZ   . ARG A 1 68  ? 7.223   -15.985 1.573   1.00 2.95 ? 224 ARG A CZ   1 
ATOM   1059 N  NH1  . ARG A 1 68  ? 7.401   -14.708 1.883   1.00 3.42 ? 224 ARG A NH1  1 
ATOM   1060 N  NH2  . ARG A 1 68  ? 8.117   -16.886 1.955   1.00 3.84 ? 224 ARG A NH2  1 
ATOM   1061 H  H    . ARG A 1 68  ? 2.645   -12.733 -2.811  1.00 0.23 ? 224 ARG A H    1 
ATOM   1062 H  HA   . ARG A 1 68  ? 5.400   -13.460 -3.106  1.00 0.30 ? 224 ARG A HA   1 
ATOM   1063 H  HB2  . ARG A 1 68  ? 3.658   -13.712 -1.078  1.00 0.58 ? 224 ARG A HB2  1 
ATOM   1064 H  HB3  . ARG A 1 68  ? 3.511   -15.319 -1.772  1.00 0.72 ? 224 ARG A HB3  1 
ATOM   1065 H  HG2  . ARG A 1 68  ? 5.914   -15.652 -1.542  1.00 1.51 ? 224 ARG A HG2  1 
ATOM   1066 H  HG3  . ARG A 1 68  ? 6.076   -14.029 -0.866  1.00 1.50 ? 224 ARG A HG3  1 
ATOM   1067 H  HD2  . ARG A 1 68  ? 5.057   -14.608 1.118   1.00 1.67 ? 224 ARG A HD2  1 
ATOM   1068 H  HD3  . ARG A 1 68  ? 4.173   -15.950 0.392   1.00 1.80 ? 224 ARG A HD3  1 
ATOM   1069 H  HE   . ARG A 1 68  ? 6.040   -17.309 0.664   1.00 2.24 ? 224 ARG A HE   1 
ATOM   1070 H  HH11 . ARG A 1 68  ? 6.729   -14.025 1.597   1.00 3.15 ? 224 ARG A HH11 1 
ATOM   1071 H  HH12 . ARG A 1 68  ? 8.208   -14.427 2.404   1.00 4.29 ? 224 ARG A HH12 1 
ATOM   1072 H  HH21 . ARG A 1 68  ? 7.986   -17.850 1.724   1.00 3.95 ? 224 ARG A HH21 1 
ATOM   1073 H  HH22 . ARG A 1 68  ? 8.923   -16.602 2.475   1.00 4.60 ? 224 ARG A HH22 1 
ATOM   1074 N  N    . ASN A 1 69  ? 3.096   -15.504 -4.313  1.00 0.23 ? 225 ASN A N    1 
ATOM   1075 C  CA   . ASN A 1 69  ? 2.870   -16.569 -5.282  1.00 0.26 ? 225 ASN A CA   1 
ATOM   1076 C  C    . ASN A 1 69  ? 2.811   -16.018 -6.702  1.00 0.28 ? 225 ASN A C    1 
ATOM   1077 O  O    . ASN A 1 69  ? 2.855   -16.782 -7.667  1.00 0.33 ? 225 ASN A O    1 
ATOM   1078 C  CB   . ASN A 1 69  ? 1.573   -17.315 -4.959  1.00 0.27 ? 225 ASN A CB   1 
ATOM   1079 C  CG   . ASN A 1 69  ? 0.462   -16.384 -4.519  1.00 0.26 ? 225 ASN A CG   1 
ATOM   1080 O  OD1  . ASN A 1 69  ? 0.304   -15.287 -5.056  1.00 0.25 ? 225 ASN A OD1  1 
ATOM   1081 N  ND2  . ASN A 1 69  ? -0.320  -16.818 -3.537  1.00 0.50 ? 225 ASN A ND2  1 
ATOM   1082 H  H    . ASN A 1 69  ? 2.339   -15.162 -3.793  1.00 0.22 ? 225 ASN A H    1 
ATOM   1083 H  HA   . ASN A 1 69  ? 3.696   -17.260 -5.211  1.00 0.29 ? 225 ASN A HA   1 
ATOM   1084 H  HB2  . ASN A 1 69  ? 1.243   -17.849 -5.838  1.00 0.32 ? 225 ASN A HB2  1 
ATOM   1085 H  HB3  . ASN A 1 69  ? 1.762   -18.022 -4.164  1.00 0.32 ? 225 ASN A HB3  1 
ATOM   1086 H  HD21 . ASN A 1 69  ? -0.137  -17.703 -3.156  1.00 0.63 ? 225 ASN A HD21 1 
ATOM   1087 H  HD22 . ASN A 1 69  ? -1.048  -16.236 -3.232  1.00 0.58 ? 225 ASN A HD22 1 
ATOM   1088 N  N    . GLN A 1 70  ? 2.714   -14.696 -6.810  1.00 0.26 ? 226 GLN A N    1 
ATOM   1089 C  CA   . GLN A 1 70  ? 2.646   -14.009 -8.095  1.00 0.29 ? 226 GLN A CA   1 
ATOM   1090 C  C    . GLN A 1 70  ? 1.446   -14.481 -8.910  1.00 0.30 ? 226 GLN A C    1 
ATOM   1091 O  O    . GLN A 1 70  ? 1.556   -14.724 -10.112 1.00 0.35 ? 226 GLN A O    1 
ATOM   1092 C  CB   . GLN A 1 70  ? 3.937   -14.211 -8.891  1.00 0.36 ? 226 GLN A CB   1 
ATOM   1093 C  CG   . GLN A 1 70  ? 5.119   -13.429 -8.341  1.00 0.85 ? 226 GLN A CG   1 
ATOM   1094 C  CD   . GLN A 1 70  ? 6.283   -13.375 -9.311  1.00 1.45 ? 226 GLN A CD   1 
ATOM   1095 O  OE1  . GLN A 1 70  ? 7.286   -12.706 -9.058  1.00 2.32 ? 226 GLN A OE1  1 
ATOM   1096 N  NE2  . GLN A 1 70  ? 6.155   -14.079 -10.430 1.00 1.96 ? 226 GLN A NE2  1 
ATOM   1097 H  H    . GLN A 1 70  ? 2.689   -14.160 -5.990  1.00 0.24 ? 226 GLN A H    1 
ATOM   1098 H  HA   . GLN A 1 70  ? 2.526   -12.954 -7.893  1.00 0.30 ? 226 GLN A HA   1 
ATOM   1099 H  HB2  . GLN A 1 70  ? 4.192   -15.261 -8.881  1.00 0.56 ? 226 GLN A HB2  1 
ATOM   1100 H  HB3  . GLN A 1 70  ? 3.771   -13.900 -9.911  1.00 0.73 ? 226 GLN A HB3  1 
ATOM   1101 H  HG2  . GLN A 1 70  ? 4.800   -12.420 -8.129  1.00 1.45 ? 226 GLN A HG2  1 
ATOM   1102 H  HG3  . GLN A 1 70  ? 5.452   -13.900 -7.427  1.00 1.45 ? 226 GLN A HG3  1 
ATOM   1103 H  HE21 . GLN A 1 70  ? 5.329   -14.587 -10.564 1.00 2.11 ? 226 GLN A HE21 1 
ATOM   1104 H  HE22 . GLN A 1 70  ? 6.893   -14.061 -11.074 1.00 2.62 ? 226 GLN A HE22 1 
ATOM   1105 N  N    . ASP A 1 71  ? 0.302   -14.608 -8.247  1.00 0.27 ? 227 ASP A N    1 
ATOM   1106 C  CA   . ASP A 1 71  ? -0.918  -15.056 -8.907  1.00 0.30 ? 227 ASP A CA   1 
ATOM   1107 C  C    . ASP A 1 71  ? -1.611  -13.903 -9.626  1.00 0.32 ? 227 ASP A C    1 
ATOM   1108 O  O    . ASP A 1 71  ? -2.610  -14.102 -10.316 1.00 0.36 ? 227 ASP A O    1 
ATOM   1109 C  CB   . ASP A 1 71  ? -1.867  -15.701 -7.894  1.00 0.29 ? 227 ASP A CB   1 
ATOM   1110 C  CG   . ASP A 1 71  ? -2.413  -14.713 -6.880  1.00 0.25 ? 227 ASP A CG   1 
ATOM   1111 O  OD1  . ASP A 1 71  ? -1.657  -13.815 -6.453  1.00 0.27 ? 227 ASP A OD1  1 
ATOM   1112 O  OD2  . ASP A 1 71  ? -3.597  -14.844 -6.509  1.00 0.31 ? 227 ASP A OD2  1 
ATOM   1113 H  H    . ASP A 1 71  ? 0.279   -14.398 -7.290  1.00 0.23 ? 227 ASP A H    1 
ATOM   1114 H  HA   . ASP A 1 71  ? -0.639  -15.797 -9.640  1.00 0.35 ? 227 ASP A HA   1 
ATOM   1115 H  HB2  . ASP A 1 71  ? -2.701  -16.139 -8.422  1.00 0.36 ? 227 ASP A HB2  1 
ATOM   1116 H  HB3  . ASP A 1 71  ? -1.337  -16.478 -7.362  1.00 0.30 ? 227 ASP A HB3  1 
ATOM   1117 N  N    . GLY A 1 72  ? -1.076  -12.697 -9.461  1.00 0.31 ? 228 GLY A N    1 
ATOM   1118 C  CA   . GLY A 1 72  ? -1.653  -11.536 -10.113 1.00 0.35 ? 228 GLY A CA   1 
ATOM   1119 C  C    . GLY A 1 72  ? -2.355  -10.600 -9.148  1.00 0.31 ? 228 GLY A C    1 
ATOM   1120 O  O    . GLY A 1 72  ? -2.746  -9.496  -9.522  1.00 0.35 ? 228 GLY A O    1 
ATOM   1121 H  H    . GLY A 1 72  ? -0.285  -12.595 -8.891  1.00 0.30 ? 228 GLY A H    1 
ATOM   1122 H  HA2  . GLY A 1 72  ? -0.866  -10.991 -10.612 1.00 0.40 ? 228 GLY A HA2  1 
ATOM   1123 H  HA3  . GLY A 1 72  ? -2.366  -11.871 -10.852 1.00 0.39 ? 228 GLY A HA3  1 
ATOM   1124 N  N    . VAL A 1 73  ? -2.513  -11.039 -7.903  1.00 0.24 ? 229 VAL A N    1 
ATOM   1125 C  CA   . VAL A 1 73  ? -3.176  -10.230 -6.887  1.00 0.21 ? 229 VAL A CA   1 
ATOM   1126 C  C    . VAL A 1 73  ? -2.526  -10.425 -5.522  1.00 0.18 ? 229 VAL A C    1 
ATOM   1127 O  O    . VAL A 1 73  ? -2.102  -11.529 -5.178  1.00 0.17 ? 229 VAL A O    1 
ATOM   1128 C  CB   . VAL A 1 73  ? -4.676  -10.564 -6.780  1.00 0.20 ? 229 VAL A CB   1 
ATOM   1129 C  CG1  . VAL A 1 73  ? -5.462  -9.890  -7.894  1.00 0.25 ? 229 VAL A CG1  1 
ATOM   1130 C  CG2  . VAL A 1 73  ? -4.892  -12.069 -6.801  1.00 0.21 ? 229 VAL A CG2  1 
ATOM   1131 H  H    . VAL A 1 73  ? -2.165  -11.922 -7.659  1.00 0.22 ? 229 VAL A H    1 
ATOM   1132 H  HA   . VAL A 1 73  ? -3.084  -9.192  -7.173  1.00 0.25 ? 229 VAL A HA   1 
ATOM   1133 H  HB   . VAL A 1 73  ? -5.042  -10.183 -5.838  1.00 0.21 ? 229 VAL A HB   1 
ATOM   1134 H  HG11 . VAL A 1 73  ? -5.601  -8.846  -7.655  1.00 1.09 ? 229 VAL A HG11 1 
ATOM   1135 H  HG12 . VAL A 1 73  ? -6.425  -10.368 -7.995  1.00 1.06 ? 229 VAL A HG12 1 
ATOM   1136 H  HG13 . VAL A 1 73  ? -4.918  -9.977  -8.822  1.00 0.99 ? 229 VAL A HG13 1 
ATOM   1137 H  HG21 . VAL A 1 73  ? -5.915  -12.291 -6.536  1.00 1.00 ? 229 VAL A HG21 1 
ATOM   1138 H  HG22 . VAL A 1 73  ? -4.227  -12.539 -6.091  1.00 1.07 ? 229 VAL A HG22 1 
ATOM   1139 H  HG23 . VAL A 1 73  ? -4.686  -12.449 -7.791  1.00 1.05 ? 229 VAL A HG23 1 
ATOM   1140 N  N    . VAL A 1 74  ? -2.446  -9.347  -4.748  1.00 0.19 ? 230 VAL A N    1 
ATOM   1141 C  CA   . VAL A 1 74  ? -1.850  -9.407  -3.419  1.00 0.18 ? 230 VAL A CA   1 
ATOM   1142 C  C    . VAL A 1 74  ? -2.889  -9.862  -2.401  1.00 0.18 ? 230 VAL A C    1 
ATOM   1143 O  O    . VAL A 1 74  ? -4.065  -9.519  -2.517  1.00 0.43 ? 230 VAL A O    1 
ATOM   1144 C  CB   . VAL A 1 74  ? -1.285  -8.040  -2.991  1.00 0.21 ? 230 VAL A CB   1 
ATOM   1145 C  CG1  . VAL A 1 74  ? -0.416  -8.183  -1.751  1.00 0.28 ? 230 VAL A CG1  1 
ATOM   1146 C  CG2  . VAL A 1 74  ? -0.502  -7.403  -4.129  1.00 0.22 ? 230 VAL A CG2  1 
ATOM   1147 H  H    . VAL A 1 74  ? -2.808  -8.496  -5.072  1.00 0.21 ? 230 VAL A H    1 
ATOM   1148 H  HA   . VAL A 1 74  ? -1.040  -10.122 -3.444  1.00 0.19 ? 230 VAL A HA   1 
ATOM   1149 H  HB   . VAL A 1 74  ? -2.114  -7.393  -2.748  1.00 0.25 ? 230 VAL A HB   1 
ATOM   1150 H  HG11 . VAL A 1 74  ? 0.365   -8.906  -1.939  1.00 1.08 ? 230 VAL A HG11 1 
ATOM   1151 H  HG12 . VAL A 1 74  ? -1.023  -8.517  -0.923  1.00 0.94 ? 230 VAL A HG12 1 
ATOM   1152 H  HG13 . VAL A 1 74  ? 0.028   -7.228  -1.511  1.00 1.13 ? 230 VAL A HG13 1 
ATOM   1153 H  HG21 . VAL A 1 74  ? -1.168  -7.196  -4.953  1.00 1.03 ? 230 VAL A HG21 1 
ATOM   1154 H  HG22 . VAL A 1 74  ? 0.275   -8.079  -4.455  1.00 1.03 ? 230 VAL A HG22 1 
ATOM   1155 H  HG23 . VAL A 1 74  ? -0.055  -6.481  -3.786  1.00 1.07 ? 230 VAL A HG23 1 
ATOM   1156 N  N    . THR A 1 75  ? -2.475  -10.655 -1.419  1.00 0.22 ? 231 THR A N    1 
ATOM   1157 C  CA   . THR A 1 75  ? -3.404  -11.133 -0.403  1.00 0.20 ? 231 THR A CA   1 
ATOM   1158 C  C    . THR A 1 75  ? -2.988  -10.656 0.985   1.00 0.19 ? 231 THR A C    1 
ATOM   1159 O  O    . THR A 1 75  ? -1.853  -10.222 1.183   1.00 0.20 ? 231 THR A O    1 
ATOM   1160 C  CB   . THR A 1 75  ? -3.527  -12.668 -0.426  1.00 0.21 ? 231 THR A CB   1 
ATOM   1161 O  OG1  . THR A 1 75  ? -2.565  -13.258 0.454   1.00 0.22 ? 231 THR A OG1  1 
ATOM   1162 C  CG2  . THR A 1 75  ? -3.319  -13.209 -1.833  1.00 0.23 ? 231 THR A CG2  1 
ATOM   1163 H  H    . THR A 1 75  ? -1.533  -10.923 -1.377  1.00 0.43 ? 231 THR A H    1 
ATOM   1164 H  HA   . THR A 1 75  ? -4.375  -10.716 -0.627  1.00 0.19 ? 231 THR A HA   1 
ATOM   1165 H  HB   . THR A 1 75  ? -4.519  -12.940 -0.098  1.00 0.20 ? 231 THR A HB   1 
ATOM   1166 H  HG1  . THR A 1 75  ? -2.449  -12.684 1.214   1.00 0.87 ? 231 THR A HG1  1 
ATOM   1167 H  HG21 . THR A 1 75  ? -3.319  -14.288 -1.806  1.00 1.06 ? 231 THR A HG21 1 
ATOM   1168 H  HG22 . THR A 1 75  ? -2.374  -12.857 -2.218  1.00 0.92 ? 231 THR A HG22 1 
ATOM   1169 H  HG23 . THR A 1 75  ? -4.120  -12.864 -2.471  1.00 1.08 ? 231 THR A HG23 1 
ATOM   1170 N  N    . ILE A 1 76  ? -3.915  -10.731 1.936   1.00 0.18 ? 232 ILE A N    1 
ATOM   1171 C  CA   . ILE A 1 76  ? -3.661  -10.288 3.302   1.00 0.19 ? 232 ILE A CA   1 
ATOM   1172 C  C    . ILE A 1 76  ? -2.537  -11.085 3.957   1.00 0.19 ? 232 ILE A C    1 
ATOM   1173 O  O    . ILE A 1 76  ? -1.789  -10.567 4.784   1.00 0.21 ? 232 ILE A O    1 
ATOM   1174 C  CB   . ILE A 1 76  ? -4.943  -10.369 4.153   1.00 0.20 ? 232 ILE A CB   1 
ATOM   1175 C  CG1  . ILE A 1 76  ? -4.673  -9.877  5.576   1.00 0.23 ? 232 ILE A CG1  1 
ATOM   1176 C  CG2  . ILE A 1 76  ? -5.496  -11.786 4.164   1.00 0.21 ? 232 ILE A CG2  1 
ATOM   1177 C  CD1  . ILE A 1 76  ? -5.644  -8.816  6.045   1.00 0.48 ? 232 ILE A CD1  1 
ATOM   1178 H  H    . ILE A 1 76  ? -4.795  -11.099 1.712   1.00 0.18 ? 232 ILE A H    1 
ATOM   1179 H  HA   . ILE A 1 76  ? -3.359  -9.252  3.256   1.00 0.20 ? 232 ILE A HA   1 
ATOM   1180 H  HB   . ILE A 1 76  ? -5.684  -9.730  3.697   1.00 0.20 ? 232 ILE A HB   1 
ATOM   1181 H  HG12 . ILE A 1 76  ? -4.737  -10.711 6.259   1.00 0.47 ? 232 ILE A HG12 1 
ATOM   1182 H  HG13 . ILE A 1 76  ? -3.678  -9.458  5.618   1.00 0.44 ? 232 ILE A HG13 1 
ATOM   1183 H  HG21 . ILE A 1 76  ? -4.685  -12.490 4.057   1.00 1.01 ? 232 ILE A HG21 1 
ATOM   1184 H  HG22 . ILE A 1 76  ? -6.188  -11.908 3.344   1.00 1.08 ? 232 ILE A HG22 1 
ATOM   1185 H  HG23 . ILE A 1 76  ? -6.008  -11.966 5.097   1.00 1.03 ? 232 ILE A HG23 1 
ATOM   1186 H  HD11 . ILE A 1 76  ? -6.655  -9.181  5.942   1.00 1.13 ? 232 ILE A HD11 1 
ATOM   1187 H  HD12 . ILE A 1 76  ? -5.521  -7.925  5.448   1.00 1.17 ? 232 ILE A HD12 1 
ATOM   1188 H  HD13 . ILE A 1 76  ? -5.449  -8.583  7.082   1.00 1.22 ? 232 ILE A HD13 1 
ATOM   1189 N  N    . GLU A 1 77  ? -2.422  -12.351 3.569   1.00 0.18 ? 233 GLU A N    1 
ATOM   1190 C  CA   . GLU A 1 77  ? -1.384  -13.230 4.093   1.00 0.18 ? 233 GLU A CA   1 
ATOM   1191 C  C    . GLU A 1 77  ? -0.005  -12.799 3.604   1.00 0.19 ? 233 GLU A C    1 
ATOM   1192 O  O    . GLU A 1 77  ? 0.964   -12.804 4.365   1.00 0.25 ? 233 GLU A O    1 
ATOM   1193 C  CB   . GLU A 1 77  ? -1.662  -14.673 3.672   1.00 0.19 ? 233 GLU A CB   1 
ATOM   1194 C  CG   . GLU A 1 77  ? -1.264  -15.706 4.714   1.00 1.00 ? 233 GLU A CG   1 
ATOM   1195 C  CD   . GLU A 1 77  ? -1.133  -17.098 4.130   1.00 1.61 ? 233 GLU A CD   1 
ATOM   1196 O  OE1  . GLU A 1 77  ? -1.521  -17.289 2.958   1.00 2.30 ? 233 GLU A OE1  1 
ATOM   1197 O  OE2  . GLU A 1 77  ? -0.644  -17.999 4.844   1.00 2.25 ? 233 GLU A OE2  1 
ATOM   1198 H  H    . GLU A 1 77  ? -3.073  -12.705 2.928   1.00 0.18 ? 233 GLU A H    1 
ATOM   1199 H  HA   . GLU A 1 77  ? -1.409  -13.166 5.170   1.00 0.19 ? 233 GLU A HA   1 
ATOM   1200 H  HB2  . GLU A 1 77  ? -2.719  -14.781 3.478   1.00 0.80 ? 233 GLU A HB2  1 
ATOM   1201 H  HB3  . GLU A 1 77  ? -1.116  -14.881 2.762   1.00 0.74 ? 233 GLU A HB3  1 
ATOM   1202 H  HG2  . GLU A 1 77  ? -0.314  -15.420 5.141   1.00 1.68 ? 233 GLU A HG2  1 
ATOM   1203 H  HG3  . GLU A 1 77  ? -2.017  -15.725 5.488   1.00 1.61 ? 233 GLU A HG3  1 
ATOM   1204 N  N    . GLU A 1 78  ? 0.079   -12.428 2.331   1.00 0.18 ? 234 GLU A N    1 
ATOM   1205 C  CA   . GLU A 1 78  ? 1.333   -11.995 1.726   1.00 0.19 ? 234 GLU A CA   1 
ATOM   1206 C  C    . GLU A 1 78  ? 1.700   -10.584 2.178   1.00 0.17 ? 234 GLU A C    1 
ATOM   1207 O  O    . GLU A 1 78  ? 2.871   -10.284 2.408   1.00 0.17 ? 234 GLU A O    1 
ATOM   1208 C  CB   . GLU A 1 78  ? 1.229   -12.026 0.200   1.00 0.22 ? 234 GLU A CB   1 
ATOM   1209 C  CG   . GLU A 1 78  ? 0.511   -13.249 -0.347  1.00 0.19 ? 234 GLU A CG   1 
ATOM   1210 C  CD   . GLU A 1 78  ? 0.276   -13.162 -1.842  1.00 0.17 ? 234 GLU A CD   1 
ATOM   1211 O  OE1  . GLU A 1 78  ? -0.301  -12.151 -2.296  1.00 0.18 ? 234 GLU A OE1  1 
ATOM   1212 O  OE2  . GLU A 1 78  ? 0.667   -14.105 -2.562  1.00 0.21 ? 234 GLU A OE2  1 
ATOM   1213 H  H    . GLU A 1 78  ? -0.728  -12.448 1.776   1.00 0.20 ? 234 GLU A H    1 
ATOM   1214 H  HA   . GLU A 1 78  ? 2.109   -12.676 2.040   1.00 0.21 ? 234 GLU A HA   1 
ATOM   1215 H  HB2  . GLU A 1 78  ? 0.694   -11.146 -0.128  1.00 0.28 ? 234 GLU A HB2  1 
ATOM   1216 H  HB3  . GLU A 1 78  ? 2.225   -12.003 -0.216  1.00 0.33 ? 234 GLU A HB3  1 
ATOM   1217 H  HG2  . GLU A 1 78  ? 1.110   -14.123 -0.143  1.00 0.27 ? 234 GLU A HG2  1 
ATOM   1218 H  HG3  . GLU A 1 78  ? -0.444  -13.342 0.150   1.00 0.25 ? 234 GLU A HG3  1 
ATOM   1219 N  N    . PHE A 1 79  ? 0.695   -9.722  2.288   1.00 0.20 ? 235 PHE A N    1 
ATOM   1220 C  CA   . PHE A 1 79  ? 0.914   -8.342  2.705   1.00 0.20 ? 235 PHE A CA   1 
ATOM   1221 C  C    . PHE A 1 79  ? 1.446   -8.282  4.133   1.00 0.19 ? 235 PHE A C    1 
ATOM   1222 O  O    . PHE A 1 79  ? 2.356   -7.510  4.435   1.00 0.23 ? 235 PHE A O    1 
ATOM   1223 C  CB   . PHE A 1 79  ? -0.384  -7.541  2.595   1.00 0.25 ? 235 PHE A CB   1 
ATOM   1224 C  CG   . PHE A 1 79  ? -0.220  -6.084  2.924   1.00 0.26 ? 235 PHE A CG   1 
ATOM   1225 C  CD1  . PHE A 1 79  ? 0.413   -5.231  2.035   1.00 0.88 ? 235 PHE A CD1  1 
ATOM   1226 C  CD2  . PHE A 1 79  ? -0.694  -5.568  4.118   1.00 0.63 ? 235 PHE A CD2  1 
ATOM   1227 C  CE1  . PHE A 1 79  ? 0.569   -3.891  2.329   1.00 0.92 ? 235 PHE A CE1  1 
ATOM   1228 C  CE2  . PHE A 1 79  ? -0.542  -4.227  4.420   1.00 0.63 ? 235 PHE A CE2  1 
ATOM   1229 C  CZ   . PHE A 1 79  ? 0.091   -3.388  3.524   1.00 0.34 ? 235 PHE A CZ   1 
ATOM   1230 H  H    . PHE A 1 79  ? -0.216  -10.021 2.084   1.00 0.24 ? 235 PHE A H    1 
ATOM   1231 H  HA   . PHE A 1 79  ? 1.650   -7.910  2.043   1.00 0.20 ? 235 PHE A HA   1 
ATOM   1232 H  HB2  . PHE A 1 79  ? -0.757  -7.612  1.585   1.00 0.29 ? 235 PHE A HB2  1 
ATOM   1233 H  HB3  . PHE A 1 79  ? -1.114  -7.958  3.274   1.00 0.30 ? 235 PHE A HB3  1 
ATOM   1234 H  HD1  . PHE A 1 79  ? 0.788   -5.624  1.101   1.00 1.43 ? 235 PHE A HD1  1 
ATOM   1235 H  HD2  . PHE A 1 79  ? -1.188  -6.222  4.821   1.00 1.18 ? 235 PHE A HD2  1 
ATOM   1236 H  HE1  . PHE A 1 79  ? 1.064   -3.236  1.627   1.00 1.48 ? 235 PHE A HE1  1 
ATOM   1237 H  HE2  . PHE A 1 79  ? -0.918  -3.837  5.355   1.00 1.16 ? 235 PHE A HE2  1 
ATOM   1238 H  HZ   . PHE A 1 79  ? 0.211   -2.339  3.757   1.00 0.39 ? 235 PHE A HZ   1 
ATOM   1239 N  N    . LEU A 1 80  ? 0.874   -9.104  5.007   1.00 0.23 ? 236 LEU A N    1 
ATOM   1240 C  CA   . LEU A 1 80  ? 1.293   -9.146  6.403   1.00 0.26 ? 236 LEU A CA   1 
ATOM   1241 C  C    . LEU A 1 80  ? 2.680   -9.764  6.537   1.00 0.24 ? 236 LEU A C    1 
ATOM   1242 O  O    . LEU A 1 80  ? 3.470   -9.363  7.391   1.00 0.32 ? 236 LEU A O    1 
ATOM   1243 C  CB   . LEU A 1 80  ? 0.285   -9.940  7.235   1.00 0.32 ? 236 LEU A CB   1 
ATOM   1244 C  CG   . LEU A 1 80  ? -1.060  -9.244  7.457   1.00 0.34 ? 236 LEU A CG   1 
ATOM   1245 C  CD1  . LEU A 1 80  ? -1.970  -10.105 8.321   1.00 1.11 ? 236 LEU A CD1  1 
ATOM   1246 C  CD2  . LEU A 1 80  ? -0.853  -7.878  8.091   1.00 0.94 ? 236 LEU A CD2  1 
ATOM   1247 H  H    . LEU A 1 80  ? 0.155   -9.697  4.706   1.00 0.27 ? 236 LEU A H    1 
ATOM   1248 H  HA   . LEU A 1 80  ? 1.328   -8.130  6.768   1.00 0.29 ? 236 LEU A HA   1 
ATOM   1249 H  HB2  . LEU A 1 80  ? 0.103   -10.881 6.738   1.00 0.49 ? 236 LEU A HB2  1 
ATOM   1250 H  HB3  . LEU A 1 80  ? 0.723   -10.141 8.201   1.00 0.49 ? 236 LEU A HB3  1 
ATOM   1251 H  HG   . LEU A 1 80  ? -1.545  -9.101  6.502   1.00 1.06 ? 236 LEU A HG   1 
ATOM   1252 H  HD11 . LEU A 1 80  ? -1.462  -10.353 9.241   1.00 1.66 ? 236 LEU A HD11 1 
ATOM   1253 H  HD12 . LEU A 1 80  ? -2.220  -11.012 7.790   1.00 1.75 ? 236 LEU A HD12 1 
ATOM   1254 H  HD13 . LEU A 1 80  ? -2.875  -9.558  8.545   1.00 1.63 ? 236 LEU A HD13 1 
ATOM   1255 H  HD21 . LEU A 1 80  ? -1.713  -7.627  8.694   1.00 1.45 ? 236 LEU A HD21 1 
ATOM   1256 H  HD22 . LEU A 1 80  ? -0.730  -7.137  7.315   1.00 1.58 ? 236 LEU A HD22 1 
ATOM   1257 H  HD23 . LEU A 1 80  ? 0.028   -7.899  8.713   1.00 1.57 ? 236 LEU A HD23 1 
ATOM   1258 N  N    . GLU A 1 81  ? 2.970   -10.744 5.687   1.00 0.21 ? 237 GLU A N    1 
ATOM   1259 C  CA   . GLU A 1 81  ? 4.262   -11.419 5.710   1.00 0.24 ? 237 GLU A CA   1 
ATOM   1260 C  C    . GLU A 1 81  ? 5.351   -10.534 5.115   1.00 0.25 ? 237 GLU A C    1 
ATOM   1261 O  O    . GLU A 1 81  ? 6.504   -10.576 5.547   1.00 0.31 ? 237 GLU A O    1 
ATOM   1262 C  CB   . GLU A 1 81  ? 4.183   -12.739 4.940   1.00 0.29 ? 237 GLU A CB   1 
ATOM   1263 C  CG   . GLU A 1 81  ? 5.140   -13.802 5.455   1.00 1.01 ? 237 GLU A CG   1 
ATOM   1264 C  CD   . GLU A 1 81  ? 5.304   -13.757 6.961   1.00 1.36 ? 237 GLU A CD   1 
ATOM   1265 O  OE1  . GLU A 1 81  ? 4.330   -14.077 7.675   1.00 2.03 ? 237 GLU A OE1  1 
ATOM   1266 O  OE2  . GLU A 1 81  ? 6.406   -13.400 7.428   1.00 1.93 ? 237 GLU A OE2  1 
ATOM   1267 H  H    . GLU A 1 81  ? 2.298   -11.018 5.027   1.00 0.23 ? 237 GLU A H    1 
ATOM   1268 H  HA   . GLU A 1 81  ? 4.507   -11.629 6.741   1.00 0.27 ? 237 GLU A HA   1 
ATOM   1269 H  HB2  . GLU A 1 81  ? 3.177   -13.126 5.013   1.00 0.76 ? 237 GLU A HB2  1 
ATOM   1270 H  HB3  . GLU A 1 81  ? 4.413   -12.551 3.901   1.00 0.75 ? 237 GLU A HB3  1 
ATOM   1271 H  HG2  . GLU A 1 81  ? 4.761   -14.774 5.178   1.00 1.69 ? 237 GLU A HG2  1 
ATOM   1272 H  HG3  . GLU A 1 81  ? 6.106   -13.650 4.998   1.00 1.71 ? 237 GLU A HG3  1 
ATOM   1273 N  N    . ALA A 1 82  ? 4.979   -9.734  4.122   1.00 0.22 ? 238 ALA A N    1 
ATOM   1274 C  CA   . ALA A 1 82  ? 5.920   -8.837  3.464   1.00 0.25 ? 238 ALA A CA   1 
ATOM   1275 C  C    . ALA A 1 82  ? 6.126   -7.563  4.276   1.00 0.25 ? 238 ALA A C    1 
ATOM   1276 O  O    . ALA A 1 82  ? 7.200   -6.962  4.245   1.00 0.29 ? 238 ALA A O    1 
ATOM   1277 C  CB   . ALA A 1 82  ? 5.436   -8.500  2.063   1.00 0.28 ? 238 ALA A CB   1 
ATOM   1278 H  H    . ALA A 1 82  ? 4.045   -9.746  3.824   1.00 0.21 ? 238 ALA A H    1 
ATOM   1279 H  HA   . ALA A 1 82  ? 6.866   -9.353  3.377   1.00 0.28 ? 238 ALA A HA   1 
ATOM   1280 H  HB1  . ALA A 1 82  ? 5.766   -9.264  1.374   1.00 0.90 ? 238 ALA A HB1  1 
ATOM   1281 H  HB2  . ALA A 1 82  ? 5.839   -7.544  1.761   1.00 0.89 ? 238 ALA A HB2  1 
ATOM   1282 H  HB3  . ALA A 1 82  ? 4.357   -8.452  2.057   1.00 0.98 ? 238 ALA A HB3  1 
ATOM   1283 N  N    . CYS A 1 83  ? 5.090   -7.154  5.001   1.00 0.29 ? 239 CYS A N    1 
ATOM   1284 C  CA   . CYS A 1 83  ? 5.158   -5.950  5.819   1.00 0.32 ? 239 CYS A CA   1 
ATOM   1285 C  C    . CYS A 1 83  ? 6.174   -6.113  6.945   1.00 0.33 ? 239 CYS A C    1 
ATOM   1286 O  O    . CYS A 1 83  ? 6.785   -5.141  7.389   1.00 0.36 ? 239 CYS A O    1 
ATOM   1287 C  CB   . CYS A 1 83  ? 3.781   -5.627  6.405   1.00 0.43 ? 239 CYS A CB   1 
ATOM   1288 S  SG   . CYS A 1 83  ? 3.031   -4.123  5.739   1.00 1.52 ? 239 CYS A SG   1 
ATOM   1289 H  H    . CYS A 1 83  ? 4.261   -7.675  4.984   1.00 0.33 ? 239 CYS A H    1 
ATOM   1290 H  HA   . CYS A 1 83  ? 5.469   -5.134  5.184   1.00 0.35 ? 239 CYS A HA   1 
ATOM   1291 H  HB2  . CYS A 1 83  ? 3.109   -6.446  6.199   1.00 1.14 ? 239 CYS A HB2  1 
ATOM   1292 H  HB3  . CYS A 1 83  ? 3.873   -5.504  7.474   1.00 1.10 ? 239 CYS A HB3  1 
ATOM   1293 H  HG   . CYS A 1 83  ? 3.178   -3.159  6.637   1.00 2.31 ? 239 CYS A HG   1 
ATOM   1294 N  N    . GLN A 1 84  ? 6.351   -7.349  7.402   1.00 0.38 ? 240 GLN A N    1 
ATOM   1295 C  CA   . GLN A 1 84  ? 7.293   -7.638  8.475   1.00 0.49 ? 240 GLN A CA   1 
ATOM   1296 C  C    . GLN A 1 84  ? 8.655   -8.031  7.913   1.00 0.50 ? 240 GLN A C    1 
ATOM   1297 O  O    . GLN A 1 84  ? 9.594   -8.297  8.663   1.00 0.62 ? 240 GLN A O    1 
ATOM   1298 C  CB   . GLN A 1 84  ? 6.754   -8.758  9.367   1.00 0.58 ? 240 GLN A CB   1 
ATOM   1299 C  CG   . GLN A 1 84  ? 5.433   -8.418  10.038  1.00 1.35 ? 240 GLN A CG   1 
ATOM   1300 C  CD   . GLN A 1 84  ? 5.575   -8.212  11.534  1.00 1.97 ? 240 GLN A CD   1 
ATOM   1301 O  OE1  . GLN A 1 84  ? 4.996   -7.285  12.102  1.00 2.54 ? 240 GLN A OE1  1 
ATOM   1302 N  NE2  . GLN A 1 84  ? 6.346   -9.078  12.180  1.00 2.70 ? 240 GLN A NE2  1 
ATOM   1303 H  H    . GLN A 1 84  ? 5.834   -8.083  7.008   1.00 0.38 ? 240 GLN A H    1 
ATOM   1304 H  HA   . GLN A 1 84  ? 7.406   -6.742  9.068   1.00 0.55 ? 240 GLN A HA   1 
ATOM   1305 H  HB2  . GLN A 1 84  ? 6.611   -9.644  8.767   1.00 1.20 ? 240 GLN A HB2  1 
ATOM   1306 H  HB3  . GLN A 1 84  ? 7.480   -8.969  10.139  1.00 1.18 ? 240 GLN A HB3  1 
ATOM   1307 H  HG2  . GLN A 1 84  ? 5.044   -7.511  9.601   1.00 1.92 ? 240 GLN A HG2  1 
ATOM   1308 H  HG3  . GLN A 1 84  ? 4.737   -9.227  9.865   1.00 1.94 ? 240 GLN A HG3  1 
ATOM   1309 H  HE21 . GLN A 1 84  ? 6.775   -9.790  11.663  1.00 2.92 ? 240 GLN A HE21 1 
ATOM   1310 H  HE22 . GLN A 1 84  ? 6.456   -8.968  13.147  1.00 3.31 ? 240 GLN A HE22 1 
ATOM   1311 N  N    . LYS A 1 85  ? 8.755   -8.066  6.588   1.00 0.41 ? 241 LYS A N    1 
ATOM   1312 C  CA   . LYS A 1 85  ? 10.003  -8.428  5.926   1.00 0.48 ? 241 LYS A CA   1 
ATOM   1313 C  C    . LYS A 1 85  ? 10.742  -7.186  5.440   1.00 0.50 ? 241 LYS A C    1 
ATOM   1314 O  O    . LYS A 1 85  ? 11.969  -7.184  5.335   1.00 0.69 ? 241 LYS A O    1 
ATOM   1315 C  CB   . LYS A 1 85  ? 9.728   -9.366  4.749   1.00 0.55 ? 241 LYS A CB   1 
ATOM   1316 C  CG   . LYS A 1 85  ? 10.946  -10.158 4.306   1.00 0.94 ? 241 LYS A CG   1 
ATOM   1317 C  CD   . LYS A 1 85  ? 10.740  -10.775 2.932   1.00 1.26 ? 241 LYS A CD   1 
ATOM   1318 C  CE   . LYS A 1 85  ? 11.977  -11.523 2.465   1.00 1.59 ? 241 LYS A CE   1 
ATOM   1319 N  NZ   . LYS A 1 85  ? 11.759  -12.997 2.436   1.00 2.15 ? 241 LYS A NZ   1 
ATOM   1320 H  H    . LYS A 1 85  ? 7.972   -7.844  6.043   1.00 0.34 ? 241 LYS A H    1 
ATOM   1321 H  HA   . LYS A 1 85  ? 10.622  -8.942  6.646   1.00 0.65 ? 241 LYS A HA   1 
ATOM   1322 H  HB2  . LYS A 1 85  ? 8.955   -10.064 5.034   1.00 0.84 ? 241 LYS A HB2  1 
ATOM   1323 H  HB3  . LYS A 1 85  ? 9.381   -8.780  3.911   1.00 0.90 ? 241 LYS A HB3  1 
ATOM   1324 H  HG2  . LYS A 1 85  ? 11.800  -9.497  4.267   1.00 1.68 ? 241 LYS A HG2  1 
ATOM   1325 H  HG3  . LYS A 1 85  ? 11.131  -10.946 5.021   1.00 1.44 ? 241 LYS A HG3  1 
ATOM   1326 H  HD2  . LYS A 1 85  ? 9.911   -11.466 2.979   1.00 1.71 ? 241 LYS A HD2  1 
ATOM   1327 H  HD3  . LYS A 1 85  ? 10.516  -9.989  2.225   1.00 1.84 ? 241 LYS A HD3  1 
ATOM   1328 H  HE2  . LYS A 1 85  ? 12.233  -11.186 1.472   1.00 2.02 ? 241 LYS A HE2  1 
ATOM   1329 H  HE3  . LYS A 1 85  ? 12.792  -11.303 3.139   1.00 2.02 ? 241 LYS A HE3  1 
ATOM   1330 H  HZ1  . LYS A 1 85  ? 12.032  -13.417 3.347   1.00 2.57 ? 241 LYS A HZ1  1 
ATOM   1331 H  HZ2  . LYS A 1 85  ? 12.331  -13.428 1.682   1.00 2.70 ? 241 LYS A HZ2  1 
ATOM   1332 H  HZ3  . LYS A 1 85  ? 10.756  -13.205 2.257   1.00 2.43 ? 241 LYS A HZ3  1 
ATOM   1333 N  N    . ASP A 1 86  ? 9.989   -6.132  5.144   1.00 0.45 ? 242 ASP A N    1 
ATOM   1334 C  CA   . ASP A 1 86  ? 10.574  -4.885  4.668   1.00 0.57 ? 242 ASP A CA   1 
ATOM   1335 C  C    . ASP A 1 86  ? 10.170  -3.717  5.562   1.00 0.52 ? 242 ASP A C    1 
ATOM   1336 O  O    . ASP A 1 86  ? 9.032   -3.641  6.024   1.00 0.52 ? 242 ASP A O    1 
ATOM   1337 C  CB   . ASP A 1 86  ? 10.141  -4.611  3.225   1.00 0.75 ? 242 ASP A CB   1 
ATOM   1338 C  CG   . ASP A 1 86  ? 11.192  -3.850  2.442   1.00 1.06 ? 242 ASP A CG   1 
ATOM   1339 O  OD1  . ASP A 1 86  ? 11.666  -2.807  2.941   1.00 1.17 ? 242 ASP A OD1  1 
ATOM   1340 O  OD2  . ASP A 1 86  ? 11.541  -4.296  1.329   1.00 1.57 ? 242 ASP A OD2  1 
ATOM   1341 H  H    . ASP A 1 86  ? 9.016   -6.195  5.248   1.00 0.44 ? 242 ASP A H    1 
ATOM   1342 H  HA   . ASP A 1 86  ? 11.648  -4.990  4.698   1.00 0.70 ? 242 ASP A HA   1 
ATOM   1343 H  HB2  . ASP A 1 86  ? 9.959   -5.551  2.727   1.00 0.92 ? 242 ASP A HB2  1 
ATOM   1344 H  HB3  . ASP A 1 86  ? 9.232   -4.030  3.233   1.00 0.85 ? 242 ASP A HB3  1 
ATOM   1345 N  N    . GLU A 1 87  ? 11.110  -2.809  5.801   1.00 0.65 ? 243 GLU A N    1 
ATOM   1346 C  CA   . GLU A 1 87  ? 10.852  -1.644  6.638   1.00 0.69 ? 243 GLU A CA   1 
ATOM   1347 C  C    . GLU A 1 87  ? 10.470  -0.436  5.789   1.00 0.68 ? 243 GLU A C    1 
ATOM   1348 O  O    . GLU A 1 87  ? 9.668   0.400   6.206   1.00 0.68 ? 243 GLU A O    1 
ATOM   1349 C  CB   . GLU A 1 87  ? 12.082  -1.317  7.487   1.00 0.88 ? 243 GLU A CB   1 
ATOM   1350 C  CG   . GLU A 1 87  ? 11.968  -0.005  8.245   1.00 1.55 ? 243 GLU A CG   1 
ATOM   1351 C  CD   . GLU A 1 87  ? 13.045  0.156   9.299   1.00 2.30 ? 243 GLU A CD   1 
ATOM   1352 O  OE1  . GLU A 1 87  ? 14.124  -0.452  9.142   1.00 2.79 ? 243 GLU A OE1  1 
ATOM   1353 O  OE2  . GLU A 1 87  ? 12.809  0.890   10.282  1.00 2.98 ? 243 GLU A OE2  1 
ATOM   1354 H  H    . GLU A 1 87  ? 11.998  -2.923  5.404   1.00 0.78 ? 243 GLU A H    1 
ATOM   1355 H  HA   . GLU A 1 87  ? 10.028  -1.883  7.294   1.00 0.67 ? 243 GLU A HA   1 
ATOM   1356 H  HB2  . GLU A 1 87  ? 12.233  -2.110  8.204   1.00 1.07 ? 243 GLU A HB2  1 
ATOM   1357 H  HB3  . GLU A 1 87  ? 12.946  -1.259  6.840   1.00 1.46 ? 243 GLU A HB3  1 
ATOM   1358 H  HG2  . GLU A 1 87  ? 12.049  0.812   7.543   1.00 2.00 ? 243 GLU A HG2  1 
ATOM   1359 H  HG3  . GLU A 1 87  ? 11.002  0.033   8.729   1.00 1.86 ? 243 GLU A HG3  1 
ATOM   1360 N  N    . ASN A 1 88  ? 11.049  -0.352  4.596   1.00 0.72 ? 244 ASN A N    1 
ATOM   1361 C  CA   . ASN A 1 88  ? 10.769  0.753   3.687   1.00 0.77 ? 244 ASN A CA   1 
ATOM   1362 C  C    . ASN A 1 88  ? 9.314   0.728   3.231   1.00 0.69 ? 244 ASN A C    1 
ATOM   1363 O  O    . ASN A 1 88  ? 8.630   1.751   3.248   1.00 0.73 ? 244 ASN A O    1 
ATOM   1364 C  CB   . ASN A 1 88  ? 11.697  0.689   2.472   1.00 0.90 ? 244 ASN A CB   1 
ATOM   1365 C  CG   . ASN A 1 88  ? 12.487  1.968   2.279   1.00 1.24 ? 244 ASN A CG   1 
ATOM   1366 O  OD1  . ASN A 1 88  ? 12.732  2.709   3.231   1.00 1.67 ? 244 ASN A OD1  1 
ATOM   1367 N  ND2  . ASN A 1 88  ? 12.892  2.233   1.043   1.00 1.92 ? 244 ASN A ND2  1 
ATOM   1368 H  H    . ASN A 1 88  ? 11.680  -1.049  4.320   1.00 0.76 ? 244 ASN A H    1 
ATOM   1369 H  HA   . ASN A 1 88  ? 10.952  1.675   4.220   1.00 0.82 ? 244 ASN A HA   1 
ATOM   1370 H  HB2  . ASN A 1 88  ? 12.393  -0.126  2.601   1.00 1.14 ? 244 ASN A HB2  1 
ATOM   1371 H  HB3  . ASN A 1 88  ? 11.107  0.515   1.584   1.00 0.98 ? 244 ASN A HB3  1 
ATOM   1372 H  HD21 . ASN A 1 88  ? 12.661  1.598   0.334   1.00 2.33 ? 244 ASN A HD21 1 
ATOM   1373 H  HD22 . ASN A 1 88  ? 13.405  3.055   0.890   1.00 2.29 ? 244 ASN A HD22 1 
ATOM   1374 N  N    . ILE A 1 89  ? 8.846   -0.448  2.826   1.00 0.63 ? 245 ILE A N    1 
ATOM   1375 C  CA   . ILE A 1 89  ? 7.471   -0.607  2.367   1.00 0.61 ? 245 ILE A CA   1 
ATOM   1376 C  C    . ILE A 1 89  ? 6.482   -0.375  3.504   1.00 0.53 ? 245 ILE A C    1 
ATOM   1377 O  O    . ILE A 1 89  ? 5.449   0.270   3.319   1.00 0.56 ? 245 ILE A O    1 
ATOM   1378 C  CB   . ILE A 1 89  ? 7.235   -2.009  1.774   1.00 0.66 ? 245 ILE A CB   1 
ATOM   1379 C  CG1  . ILE A 1 89  ? 8.221   -2.278  0.635   1.00 0.79 ? 245 ILE A CG1  1 
ATOM   1380 C  CG2  . ILE A 1 89  ? 5.801   -2.142  1.285   1.00 0.70 ? 245 ILE A CG2  1 
ATOM   1381 C  CD1  . ILE A 1 89  ? 8.086   -3.661  0.034   1.00 0.82 ? 245 ILE A CD1  1 
ATOM   1382 H  H    . ILE A 1 89  ? 9.440   -1.228  2.836   1.00 0.64 ? 245 ILE A H    1 
ATOM   1383 H  HA   . ILE A 1 89  ? 7.293   0.124   1.592   1.00 0.67 ? 245 ILE A HA   1 
ATOM   1384 H  HB   . ILE A 1 89  ? 7.392   -2.736  2.556   1.00 0.66 ? 245 ILE A HB   1 
ATOM   1385 H  HG12 . ILE A 1 89  ? 8.057   -1.558  -0.152  1.00 1.14 ? 245 ILE A HG12 1 
ATOM   1386 H  HG13 . ILE A 1 89  ? 9.229   -2.175  1.009   1.00 1.01 ? 245 ILE A HG13 1 
ATOM   1387 H  HG21 . ILE A 1 89  ? 5.761   -2.864  0.482   1.00 1.26 ? 245 ILE A HG21 1 
ATOM   1388 H  HG22 . ILE A 1 89  ? 5.453   -1.185  0.926   1.00 1.23 ? 245 ILE A HG22 1 
ATOM   1389 H  HG23 . ILE A 1 89  ? 5.173   -2.472  2.098   1.00 1.23 ? 245 ILE A HG23 1 
ATOM   1390 H  HD11 . ILE A 1 89  ? 7.178   -4.122  0.393   1.00 1.43 ? 245 ILE A HD11 1 
ATOM   1391 H  HD12 . ILE A 1 89  ? 8.935   -4.263  0.324   1.00 1.30 ? 245 ILE A HD12 1 
ATOM   1392 H  HD13 . ILE A 1 89  ? 8.050   -3.583  -1.042  1.00 1.30 ? 245 ILE A HD13 1 
ATOM   1393 N  N    . MET A 1 90  ? 6.804   -0.905  4.679   1.00 0.51 ? 246 MET A N    1 
ATOM   1394 C  CA   . MET A 1 90  ? 5.942   -0.755  5.846   1.00 0.52 ? 246 MET A CA   1 
ATOM   1395 C  C    . MET A 1 90  ? 5.852   0.705   6.272   1.00 0.51 ? 246 MET A C    1 
ATOM   1396 O  O    . MET A 1 90  ? 4.839   1.143   6.817   1.00 0.53 ? 246 MET A O    1 
ATOM   1397 C  CB   . MET A 1 90  ? 6.467   -1.606  7.005   1.00 0.61 ? 246 MET A CB   1 
ATOM   1398 C  CG   . MET A 1 90  ? 6.715   -0.815  8.278   1.00 0.61 ? 246 MET A CG   1 
ATOM   1399 S  SD   . MET A 1 90  ? 5.655   -1.341  9.640   1.00 1.07 ? 246 MET A SD   1 
ATOM   1400 C  CE   . MET A 1 90  ? 4.034   -1.043  8.940   1.00 0.90 ? 246 MET A CE   1 
ATOM   1401 H  H    . MET A 1 90  ? 7.640   -1.409  4.763   1.00 0.54 ? 246 MET A H    1 
ATOM   1402 H  HA   . MET A 1 90  ? 4.956   -1.100  5.576   1.00 0.56 ? 246 MET A HA   1 
ATOM   1403 H  HB2  . MET A 1 90  ? 5.746   -2.381  7.223   1.00 0.80 ? 246 MET A HB2  1 
ATOM   1404 H  HB3  . MET A 1 90  ? 7.397   -2.067  6.706   1.00 0.92 ? 246 MET A HB3  1 
ATOM   1405 H  HG2  . MET A 1 90  ? 7.745   -0.947  8.572   1.00 1.05 ? 246 MET A HG2  1 
ATOM   1406 H  HG3  . MET A 1 90  ? 6.530   0.230   8.078   1.00 0.91 ? 246 MET A HG3  1 
ATOM   1407 H  HE1  . MET A 1 90  ? 3.667   -1.951  8.485   1.00 1.42 ? 246 MET A HE1  1 
ATOM   1408 H  HE2  . MET A 1 90  ? 4.100   -0.267  8.193   1.00 1.37 ? 246 MET A HE2  1 
ATOM   1409 H  HE3  . MET A 1 90  ? 3.356   -0.735  9.722   1.00 1.56 ? 246 MET A HE3  1 
ATOM   1410 N  N    . SER A 1 91  ? 6.918   1.458   6.019   1.00 0.56 ? 247 SER A N    1 
ATOM   1411 C  CA   . SER A 1 91  ? 6.959   2.871   6.376   1.00 0.61 ? 247 SER A CA   1 
ATOM   1412 C  C    . SER A 1 91  ? 6.031   3.685   5.482   1.00 0.56 ? 247 SER A C    1 
ATOM   1413 O  O    . SER A 1 91  ? 5.378   4.624   5.939   1.00 0.56 ? 247 SER A O    1 
ATOM   1414 C  CB   . SER A 1 91  ? 8.389   3.406   6.268   1.00 0.78 ? 247 SER A CB   1 
ATOM   1415 O  OG   . SER A 1 91  ? 8.420   4.814   6.419   1.00 1.09 ? 247 SER A OG   1 
ATOM   1416 H  H    . SER A 1 91  ? 7.696   1.052   5.582   1.00 0.61 ? 247 SER A H    1 
ATOM   1417 H  HA   . SER A 1 91  ? 6.627   2.964   7.399   1.00 0.64 ? 247 SER A HA   1 
ATOM   1418 H  HB2  . SER A 1 91  ? 8.997   2.960   7.041   1.00 1.16 ? 247 SER A HB2  1 
ATOM   1419 H  HB3  . SER A 1 91  ? 8.793   3.150   5.299   1.00 1.03 ? 247 SER A HB3  1 
ATOM   1420 H  HG   . SER A 1 91  ? 8.276   5.230   5.566   1.00 1.58 ? 247 SER A HG   1 
ATOM   1421 N  N    . SER A 1 92  ? 5.975   3.319   4.205   1.00 0.64 ? 248 SER A N    1 
ATOM   1422 C  CA   . SER A 1 92  ? 5.126   4.016   3.246   1.00 0.74 ? 248 SER A CA   1 
ATOM   1423 C  C    . SER A 1 92  ? 3.652   3.742   3.525   1.00 0.72 ? 248 SER A C    1 
ATOM   1424 O  O    . SER A 1 92  ? 2.814   4.639   3.426   1.00 0.79 ? 248 SER A O    1 
ATOM   1425 C  CB   . SER A 1 92  ? 5.475   3.589   1.819   1.00 0.91 ? 248 SER A CB   1 
ATOM   1426 O  OG   . SER A 1 92  ? 6.396   4.489   1.228   1.00 1.48 ? 248 SER A OG   1 
ATOM   1427 H  H    . SER A 1 92  ? 6.519   2.562   3.901   1.00 0.68 ? 248 SER A H    1 
ATOM   1428 H  HA   . SER A 1 92  ? 5.309   5.076   3.350   1.00 0.79 ? 248 SER A HA   1 
ATOM   1429 H  HB2  . SER A 1 92  ? 5.917   2.603   1.839   1.00 1.08 ? 248 SER A HB2  1 
ATOM   1430 H  HB3  . SER A 1 92  ? 4.575   3.568   1.222   1.00 1.29 ? 248 SER A HB3  1 
ATOM   1431 H  HG   . SER A 1 92  ? 7.289   4.157   1.345   1.00 1.95 ? 248 SER A HG   1 
ATOM   1432 N  N    . MET A 1 93  ? 3.342   2.497   3.874   1.00 0.75 ? 249 MET A N    1 
ATOM   1433 C  CA   . MET A 1 93  ? 1.970   2.105   4.167   1.00 0.88 ? 249 MET A CA   1 
ATOM   1434 C  C    . MET A 1 93  ? 1.472   2.777   5.444   1.00 0.83 ? 249 MET A C    1 
ATOM   1435 O  O    . MET A 1 93  ? 0.273   3.000   5.613   1.00 0.95 ? 249 MET A O    1 
ATOM   1436 C  CB   . MET A 1 93  ? 1.870   0.585   4.306   1.00 1.03 ? 249 MET A CB   1 
ATOM   1437 C  CG   . MET A 1 93  ? 2.209   -0.165  3.028   1.00 1.09 ? 249 MET A CG   1 
ATOM   1438 S  SD   . MET A 1 93  ? 0.897   -0.067  1.795   1.00 1.54 ? 249 MET A SD   1 
ATOM   1439 C  CE   . MET A 1 93  ? 1.630   1.057   0.610   1.00 1.26 ? 249 MET A CE   1 
ATOM   1440 H  H    . MET A 1 93  ? 4.055   1.827   3.936   1.00 0.78 ? 249 MET A H    1 
ATOM   1441 H  HA   . MET A 1 93  ? 1.350   2.424   3.342   1.00 0.99 ? 249 MET A HA   1 
ATOM   1442 H  HB2  . MET A 1 93  ? 2.549   0.260   5.080   1.00 1.06 ? 249 MET A HB2  1 
ATOM   1443 H  HB3  . MET A 1 93  ? 0.861   0.326   4.592   1.00 1.24 ? 249 MET A HB3  1 
ATOM   1444 H  HG2  . MET A 1 93  ? 3.111   0.256   2.608   1.00 1.27 ? 249 MET A HG2  1 
ATOM   1445 H  HG3  . MET A 1 93  ? 2.379   -1.204  3.271   1.00 1.51 ? 249 MET A HG3  1 
ATOM   1446 H  HE1  . MET A 1 93  ? 0.992   1.129   -0.260  1.00 1.53 ? 249 MET A HE1  1 
ATOM   1447 H  HE2  . MET A 1 93  ? 2.601   0.687   0.314   1.00 1.52 ? 249 MET A HE2  1 
ATOM   1448 H  HE3  . MET A 1 93  ? 1.738   2.033   1.058   1.00 1.89 ? 249 MET A HE3  1 
ATOM   1449 N  N    . GLN A 1 94  ? 2.402   3.097   6.339   1.00 0.73 ? 250 GLN A N    1 
ATOM   1450 C  CA   . GLN A 1 94  ? 2.058   3.743   7.600   1.00 0.76 ? 250 GLN A CA   1 
ATOM   1451 C  C    . GLN A 1 94  ? 1.723   5.214   7.383   1.00 0.68 ? 250 GLN A C    1 
ATOM   1452 O  O    . GLN A 1 94  ? 1.034   5.832   8.195   1.00 0.75 ? 250 GLN A O    1 
ATOM   1453 C  CB   . GLN A 1 94  ? 3.211   3.611   8.596   1.00 0.83 ? 250 GLN A CB   1 
ATOM   1454 C  CG   . GLN A 1 94  ? 2.773   3.148   9.976   1.00 1.06 ? 250 GLN A CG   1 
ATOM   1455 C  CD   . GLN A 1 94  ? 3.919   3.103   10.967  1.00 1.37 ? 250 GLN A CD   1 
ATOM   1456 O  OE1  . GLN A 1 94  ? 5.088   3.103   10.582  1.00 2.05 ? 250 GLN A OE1  1 
ATOM   1457 N  NE2  . GLN A 1 94  ? 3.590   3.063   12.252  1.00 1.89 ? 250 GLN A NE2  1 
ATOM   1458 H  H    . GLN A 1 94  ? 3.341   2.893   6.147   1.00 0.71 ? 250 GLN A H    1 
ATOM   1459 H  HA   . GLN A 1 94  ? 1.188   3.243   8.001   1.00 0.87 ? 250 GLN A HA   1 
ATOM   1460 H  HB2  . GLN A 1 94  ? 3.924   2.898   8.210   1.00 1.04 ? 250 GLN A HB2  1 
ATOM   1461 H  HB3  . GLN A 1 94  ? 3.695   4.571   8.698   1.00 1.18 ? 250 GLN A HB3  1 
ATOM   1462 H  HG2  . GLN A 1 94  ? 2.022   3.830   10.349  1.00 1.61 ? 250 GLN A HG2  1 
ATOM   1463 H  HG3  . GLN A 1 94  ? 2.350   2.158   9.892   1.00 1.49 ? 250 GLN A HG3  1 
ATOM   1464 H  HE21 . GLN A 1 94  ? 2.637   3.065   12.486  1.00 2.28 ? 250 GLN A HE21 1 
ATOM   1465 H  HE22 . GLN A 1 94  ? 4.311   3.034   12.914  1.00 2.29 ? 250 GLN A HE22 1 
ATOM   1466 N  N    . LEU A 1 95  ? 2.217   5.773   6.281   1.00 0.63 ? 251 LEU A N    1 
ATOM   1467 C  CA   . LEU A 1 95  ? 1.970   7.173   5.957   1.00 0.66 ? 251 LEU A CA   1 
ATOM   1468 C  C    . LEU A 1 95  ? 0.530   7.381   5.502   1.00 0.72 ? 251 LEU A C    1 
ATOM   1469 O  O    . LEU A 1 95  ? -0.060  8.435   5.736   1.00 0.78 ? 251 LEU A O    1 
ATOM   1470 C  CB   . LEU A 1 95  ? 2.935   7.643   4.867   1.00 0.78 ? 251 LEU A CB   1 
ATOM   1471 C  CG   . LEU A 1 95  ? 4.071   8.546   5.353   1.00 1.28 ? 251 LEU A CG   1 
ATOM   1472 C  CD1  . LEU A 1 95  ? 5.215   8.550   4.351   1.00 1.70 ? 251 LEU A CD1  1 
ATOM   1473 C  CD2  . LEU A 1 95  ? 3.561   9.960   5.589   1.00 2.28 ? 251 LEU A CD2  1 
ATOM   1474 H  H    . LEU A 1 95  ? 2.759   5.229   5.672   1.00 0.64 ? 251 LEU A H    1 
ATOM   1475 H  HA   . LEU A 1 95  ? 2.140   7.754   6.851   1.00 0.68 ? 251 LEU A HA   1 
ATOM   1476 H  HB2  . LEU A 1 95  ? 3.371   6.771   4.401   1.00 0.88 ? 251 LEU A HB2  1 
ATOM   1477 H  HB3  . LEU A 1 95  ? 2.369   8.183   4.123   1.00 1.06 ? 251 LEU A HB3  1 
ATOM   1478 H  HG   . LEU A 1 95  ? 4.449   8.164   6.290   1.00 1.85 ? 251 LEU A HG   1 
ATOM   1479 H  HD11 . LEU A 1 95  ? 5.771   9.472   4.443   1.00 2.25 ? 251 LEU A HD11 1 
ATOM   1480 H  HD12 . LEU A 1 95  ? 4.818   8.467   3.350   1.00 2.06 ? 251 LEU A HD12 1 
ATOM   1481 H  HD13 . LEU A 1 95  ? 5.869   7.713   4.548   1.00 2.17 ? 251 LEU A HD13 1 
ATOM   1482 H  HD21 . LEU A 1 95  ? 3.513   10.487  4.648   1.00 2.80 ? 251 LEU A HD21 1 
ATOM   1483 H  HD22 . LEU A 1 95  ? 4.233   10.477  6.258   1.00 2.85 ? 251 LEU A HD22 1 
ATOM   1484 H  HD23 . LEU A 1 95  ? 2.575   9.918   6.029   1.00 2.67 ? 251 LEU A HD23 1 
ATOM   1485 N  N    . PHE A 1 96  ? -0.032  6.368   4.850   1.00 0.81 ? 252 PHE A N    1 
ATOM   1486 C  CA   . PHE A 1 96  ? -1.404  6.439   4.362   1.00 0.98 ? 252 PHE A CA   1 
ATOM   1487 C  C    . PHE A 1 96  ? -2.389  6.538   5.522   1.00 0.99 ? 252 PHE A C    1 
ATOM   1488 O  O    . PHE A 1 96  ? -3.353  7.301   5.467   1.00 1.14 ? 252 PHE A O    1 
ATOM   1489 C  CB   . PHE A 1 96  ? -1.728  5.214   3.506   1.00 1.24 ? 252 PHE A CB   1 
ATOM   1490 C  CG   . PHE A 1 96  ? -1.194  5.303   2.104   1.00 1.11 ? 252 PHE A CG   1 
ATOM   1491 C  CD1  . PHE A 1 96  ? 0.138   5.032   1.839   1.00 1.60 ? 252 PHE A CD1  1 
ATOM   1492 C  CD2  . PHE A 1 96  ? -2.025  5.654   1.053   1.00 1.62 ? 252 PHE A CD2  1 
ATOM   1493 C  CE1  . PHE A 1 96  ? 0.633   5.110   0.551   1.00 1.65 ? 252 PHE A CE1  1 
ATOM   1494 C  CE2  . PHE A 1 96  ? -1.537  5.735   -0.237  1.00 1.70 ? 252 PHE A CE2  1 
ATOM   1495 C  CZ   . PHE A 1 96  ? -0.206  5.463   -0.489  1.00 1.28 ? 252 PHE A CZ   1 
ATOM   1496 H  H    . PHE A 1 96  ? 0.489   5.553   4.692   1.00 0.83 ? 252 PHE A H    1 
ATOM   1497 H  HA   . PHE A 1 96  ? -1.493  7.327   3.753   1.00 1.03 ? 252 PHE A HA   1 
ATOM   1498 H  HB2  . PHE A 1 96  ? -1.300  4.337   3.968   1.00 1.41 ? 252 PHE A HB2  1 
ATOM   1499 H  HB3  . PHE A 1 96  ? -2.800  5.098   3.447   1.00 1.59 ? 252 PHE A HB3  1 
ATOM   1500 H  HD1  . PHE A 1 96  ? 0.794   4.756   2.651   1.00 2.37 ? 252 PHE A HD1  1 
ATOM   1501 H  HD2  . PHE A 1 96  ? -3.065  5.869   1.248   1.00 2.36 ? 252 PHE A HD2  1 
ATOM   1502 H  HE1  . PHE A 1 96  ? 1.673   4.897   0.357   1.00 2.40 ? 252 PHE A HE1  1 
ATOM   1503 H  HE2  . PHE A 1 96  ? -2.196  6.010   -1.048  1.00 2.48 ? 252 PHE A HE2  1 
ATOM   1504 H  HZ   . PHE A 1 96  ? 0.178   5.525   -1.497  1.00 1.45 ? 252 PHE A HZ   1 
ATOM   1505 N  N    . GLU A 1 97  ? -2.138  5.760   6.571   1.00 0.96 ? 253 GLU A N    1 
ATOM   1506 C  CA   . GLU A 1 97  ? -3.004  5.759   7.744   1.00 1.10 ? 253 GLU A CA   1 
ATOM   1507 C  C    . GLU A 1 97  ? -2.768  7.003   8.595   1.00 1.05 ? 253 GLU A C    1 
ATOM   1508 O  O    . GLU A 1 97  ? -3.673  7.477   9.284   1.00 1.22 ? 253 GLU A O    1 
ATOM   1509 C  CB   . GLU A 1 97  ? -2.762  4.501   8.581   1.00 1.21 ? 253 GLU A CB   1 
ATOM   1510 C  CG   . GLU A 1 97  ? -2.352  4.791   10.015  1.00 1.83 ? 253 GLU A CG   1 
ATOM   1511 C  CD   . GLU A 1 97  ? -2.114  3.529   10.820  1.00 2.07 ? 253 GLU A CD   1 
ATOM   1512 O  OE1  . GLU A 1 97  ? -2.984  2.633   10.790  1.00 2.51 ? 253 GLU A OE1  1 
ATOM   1513 O  OE2  . GLU A 1 97  ? -1.058  3.437   11.481  1.00 2.60 ? 253 GLU A OE2  1 
ATOM   1514 H  H    . GLU A 1 97  ? -1.354  5.173   6.554   1.00 0.94 ? 253 GLU A H    1 
ATOM   1515 H  HA   . GLU A 1 97  ? -4.028  5.761   7.401   1.00 1.26 ? 253 GLU A HA   1 
ATOM   1516 H  HB2  . GLU A 1 97  ? -3.669  3.915   8.600   1.00 1.63 ? 253 GLU A HB2  1 
ATOM   1517 H  HB3  . GLU A 1 97  ? -1.979  3.920   8.116   1.00 1.55 ? 253 GLU A HB3  1 
ATOM   1518 H  HG2  . GLU A 1 97  ? -1.441  5.371   10.006  1.00 2.52 ? 253 GLU A HG2  1 
ATOM   1519 H  HG3  . GLU A 1 97  ? -3.135  5.362   10.491  1.00 2.34 ? 253 GLU A HG3  1 
ATOM   1520 N  N    . ASN A 1 98  ? -1.549  7.529   8.541   1.00 0.92 ? 254 ASN A N    1 
ATOM   1521 C  CA   . ASN A 1 98  ? -1.194  8.719   9.307   1.00 1.00 ? 254 ASN A CA   1 
ATOM   1522 C  C    . ASN A 1 98  ? -1.519  9.986   8.523   1.00 1.01 ? 254 ASN A C    1 
ATOM   1523 O  O    . ASN A 1 98  ? -1.391  11.096  9.038   1.00 1.15 ? 254 ASN A O    1 
ATOM   1524 C  CB   . ASN A 1 98  ? 0.291   8.695   9.667   1.00 1.08 ? 254 ASN A CB   1 
ATOM   1525 C  CG   . ASN A 1 98  ? 0.540   9.053   11.119  1.00 1.63 ? 254 ASN A CG   1 
ATOM   1526 O  OD1  . ASN A 1 98  ? -0.043  10.001  11.645  1.00 2.18 ? 254 ASN A OD1  1 
ATOM   1527 N  ND2  . ASN A 1 98  ? 1.409   8.294   11.776  1.00 2.20 ? 254 ASN A ND2  1 
ATOM   1528 H  H    . ASN A 1 98  ? -0.871  7.106   7.974   1.00 0.86 ? 254 ASN A H    1 
ATOM   1529 H  HA   . ASN A 1 98  ? -1.777  8.713   10.215  1.00 1.18 ? 254 ASN A HA   1 
ATOM   1530 H  HB2  . ASN A 1 98  ? 0.684   7.704   9.488   1.00 1.04 ? 254 ASN A HB2  1 
ATOM   1531 H  HB3  . ASN A 1 98  ? 0.819   9.403   9.045   1.00 1.14 ? 254 ASN A HB3  1 
ATOM   1532 H  HD21 . ASN A 1 98  ? 1.836   7.555   11.293  1.00 2.54 ? 254 ASN A HD21 1 
ATOM   1533 H  HD22 . ASN A 1 98  ? 1.589   8.503   12.716  1.00 2.58 ? 254 ASN A HD22 1 
ATOM   1534 N  N    . VAL A 1 99  ? -1.940  9.812   7.274   1.00 0.98 ? 255 VAL A N    1 
ATOM   1535 C  CA   . VAL A 1 99  ? -2.284  10.942  6.419   1.00 1.09 ? 255 VAL A CA   1 
ATOM   1536 C  C    . VAL A 1 99  ? -3.662  11.494  6.766   1.00 1.20 ? 255 VAL A C    1 
ATOM   1537 O  O    . VAL A 1 99  ? -4.019  12.600  6.360   1.00 1.41 ? 255 VAL A O    1 
ATOM   1538 C  CB   . VAL A 1 99  ? -2.259  10.547  4.931   1.00 1.20 ? 255 VAL A CB   1 
ATOM   1539 C  CG1  . VAL A 1 99  ? -3.660  10.213  4.441   1.00 1.49 ? 255 VAL A CG1  1 
ATOM   1540 C  CG2  . VAL A 1 99  ? -1.646  11.660  4.094   1.00 1.44 ? 255 VAL A CG2  1 
ATOM   1541 H  H    . VAL A 1 99  ? -2.022  8.902   6.920   1.00 0.97 ? 255 VAL A H    1 
ATOM   1542 H  HA   . VAL A 1 99  ? -1.547  11.716  6.578   1.00 1.23 ? 255 VAL A HA   1 
ATOM   1543 H  HB   . VAL A 1 99  ? -1.645  9.666   4.823   1.00 1.26 ? 255 VAL A HB   1 
ATOM   1544 H  HG11 . VAL A 1 99  ? -3.943  10.902  3.660   1.00 1.93 ? 255 VAL A HG11 1 
ATOM   1545 H  HG12 . VAL A 1 99  ? -4.356  10.295  5.263   1.00 1.81 ? 255 VAL A HG12 1 
ATOM   1546 H  HG13 . VAL A 1 99  ? -3.675  9.205   4.056   1.00 1.72 ? 255 VAL A HG13 1 
ATOM   1547 H  HG21 . VAL A 1 99  ? -0.580  11.693  4.264   1.00 1.92 ? 255 VAL A HG21 1 
ATOM   1548 H  HG22 . VAL A 1 99  ? -2.084  12.606  4.376   1.00 1.82 ? 255 VAL A HG22 1 
ATOM   1549 H  HG23 . VAL A 1 99  ? -1.839  11.472  3.048   1.00 1.78 ? 255 VAL A HG23 1 
ATOM   1550 N  N    . ILE A 1 100 ? -4.433  10.717  7.519   1.00 1.30 ? 256 ILE A N    1 
ATOM   1551 C  CA   . ILE A 1 100 ? -5.772  11.128  7.921   1.00 1.67 ? 256 ILE A CA   1 
ATOM   1552 C  C    . ILE A 1 100 ? -5.847  11.366  9.426   1.00 2.15 ? 256 ILE A C    1 
ATOM   1553 O  O    . ILE A 1 100 ? -5.028  10.771  10.158  1.00 2.72 ? 256 ILE A O    1 
ATOM   1554 C  CB   . ILE A 1 100 ? -6.825  10.076  7.527   1.00 1.76 ? 256 ILE A CB   1 
ATOM   1555 C  CG1  . ILE A 1 100 ? -8.232  10.674  7.607   1.00 2.44 ? 256 ILE A CG1  1 
ATOM   1556 C  CG2  . ILE A 1 100 ? -6.712  8.851   8.422   1.00 1.98 ? 256 ILE A CG2  1 
ATOM   1557 C  CD1  . ILE A 1 100 ? -9.248  9.744   8.233   1.00 2.87 ? 256 ILE A CD1  1 
ATOM   1558 O  OXT  . ILE A 1 100 ? -6.723  12.143  9.859   1.00 2.59 ? 256 ILE A OXT  1 
ATOM   1559 H  H    . ILE A 1 100 ? -4.092  9.846   7.813   1.00 1.28 ? 256 ILE A H    1 
ATOM   1560 H  HA   . ILE A 1 100 ? -6.006  12.051  7.409   1.00 2.02 ? 256 ILE A HA   1 
ATOM   1561 H  HB   . ILE A 1 100 ? -6.630  9.768   6.510   1.00 2.23 ? 256 ILE A HB   1 
ATOM   1562 H  HG12 . ILE A 1 100 ? -8.199  11.576  8.199   1.00 2.66 ? 256 ILE A HG12 1 
ATOM   1563 H  HG13 . ILE A 1 100 ? -8.571  10.914  6.611   1.00 3.05 ? 256 ILE A HG13 1 
ATOM   1564 H  HG21 . ILE A 1 100 ? -5.776  8.348   8.227   1.00 2.45 ? 256 ILE A HG21 1 
ATOM   1565 H  HG22 . ILE A 1 100 ? -7.532  8.179   8.217   1.00 2.17 ? 256 ILE A HG22 1 
ATOM   1566 H  HG23 . ILE A 1 100 ? -6.747  9.157   9.457   1.00 2.47 ? 256 ILE A HG23 1 
ATOM   1567 H  HD11 . ILE A 1 100 ? -9.008  9.599   9.277   1.00 3.07 ? 256 ILE A HD11 1 
ATOM   1568 H  HD12 . ILE A 1 100 ? -9.229  8.792   7.723   1.00 3.25 ? 256 ILE A HD12 1 
ATOM   1569 H  HD13 . ILE A 1 100 ? -10.234 10.178  8.148   1.00 3.15 ? 256 ILE A HD13 1 
HETATM 1570 CA CA   . CA  B 2 .   ? -9.972  -6.680  -3.908  1.00 0.19 ? 300 CA  A CA   1 
HETATM 1571 CA CA   . CA  C 2 .   ? -0.725  -13.283 -4.329  1.00 0.20 ? 301 CA  A CA   1 
# 
